data_9ECV
#
_entry.id   9ECV
#
_cell.length_a   1.00
_cell.length_b   1.00
_cell.length_c   1.00
_cell.angle_alpha   90.00
_cell.angle_beta   90.00
_cell.angle_gamma   90.00
#
_symmetry.space_group_name_H-M   'P 1'
#
loop_
_entity.id
_entity.type
_entity.pdbx_description
1 polymer 'RNA-directed RNA polymerase L'
2 polymer Phosphoprotein
3 polymer 'Compound 16'
4 water water
#
loop_
_entity_poly.entity_id
_entity_poly.type
_entity_poly.pdbx_seq_one_letter_code
_entity_poly.pdbx_strand_id
1 'polypeptide(L)'
;MGSWSHPQFEKGSGSGSSWSHPQFEKGSGSLVPRGSMDPIINGNSANVYLTDSYLKGVISFSECNALGSYIFNGPYLKND
YTNLISRQNPLIEHMNLKKLNITQSLISKYHKGEIKLEEPTYFQSLLMTYKSMTSSEQIATTNLLKKIIRRAIEISDVKV
YAILNKLGLKEKDKIKSNNGQDEDNSVITTIIKDDILSAVKDNQSHLKADKNHSTKQKDTIKTTLLKKLMCSMQHPPSWL
IHWFNLYTKLNNILTQYRSNEVKNHGFTLIDNQTLSGFQFILNQYGCIVYHKELKRITVTTYNQFLTWKDISLSRLNVCL
ITWISNCLNTLNKSLGLRCGFNNVILTQLFLYGDCILKLFHNEGFYIIKEVEGFIMSLILNITEEDQFRKRFYNSMLNNI
TDAANKAQKNLLSRVCHTLLDKTVSDNIINGRWIILLSKFLKLIKLAGDNNLNNLSELYFLFRIFGHPMVDERQAMDAVK
INCNETKFYLLSSLSMLRGAFIYRIIKGFVNNYNRWPTLRNAIVLPLRWLTYYKLNTYPSLLELTERDLIVLSGLRFYRE
FRLPKKVDLEMIINDKAISPPKNLIWTSFPRNYMPSHIQNYIEHEKLKFSESDKSRRVLEYYLRDNKFNECDLYNCVVNQ
SYLNNPNHVVSLTGKERELSVGRMFAMQPGMFRQVQILAEKMIAENILQFFPESLTRYGDLELQKILELKAGISNKSNRY
NDNYNNYISKCSIITDLSKFNQAFRYETSCICSDVLDELHGVQSLFSWLHLTIPHVTIICTYRHAPPYIGDHIVDLNNVD
EQSGLYRYHMGGIEGWCQKLWTIEAISLLDLISLKGKFSITALINGDNQSIDISKPIRLMEGQTHAQADYLLALNSLKLL
YKEYAGIGHKLKGTETYISRDMQFMSKTIQHNGVYYPASIKKVLRVGPWINTILDDFKVSLESIGSLTQELEYRGESLLC
SLIFRNVWLYNQIALQLKNHALCNNKLYLDILKVLKHLKTFFNLDNIDTALTLYMNLPMLFGGGDPNLLYRSFYRRTPDF
LTEAIVHSVFILSYYTNHDLKDKLQDLSDDRLNKFLTCIITFDKNPNAEFVTLMRDPQALGSERQAKITSEINRLAVTEV
LSTAPNKIFSKSAQHYTTTEIDLNDIMQNIEPTYPHGLRVVYESLPFYKAEKIVNLISGTKSITNILEKTSAIDLTDIDR
ATEMMRKNITLLIRILPLDCNRDKREILSMENLSITELSKYVRERSWSLSNIVGVTSPSIMYTMDIKYTTSTISSGIIIE
KYNVNSLTRGERGPTKPWVGSSTQEKKTMPVYNRQVLTKKQRDQIDLLAKLDWVYASIDNKDEFMEELSIGTLGLTYEKA
KKLFPQYLSVNYLHRLTVSSRPCEFPASIPAYRTTNYHFDTSPINRILTEKYGDEDIDIVFQNCISFGLSLMSVVEQFTN
VCPNRIILIPKLNEIHLMKPPIFTGDVDIHKLKQVIQKQHMFLPDKISLTQYVELFLSNKTLKSGSHVNSNLILAHKISD
YFHNTYILSTNLAGHWILIIQLMKDSKGIFEKDWGEGYITDHMFINLKVFFNAYKTYLLCFHKGYGKAKLECDMNTSDLL
CVLELIDSSYWKSMSKVFLEQKVIKYILSQDASLHRVKGCHSFKLWFLKRLNVAEFTVCPWVVNIDYHPTHMKAILTYID
LVRMGLINIDRIHIKNKHKFNDEFYTSNLFYINYNFSDNTHLLTKHIRIANSELENNYNKLYHPTPETLENILANPIKSN
DKKTLNDYCIGKNVDSIMLPLLSNKKLIKSSAMIRTNYSKQDLYNLFPMVVIDRIIDHSGNTAKSNQLYTTTSHQISLVH
NSTSLYCMLPWHHINRFNFVFSSTGCKISIEYILKDLKIKDPNCIAFIGEGAGNLLLRTVVELHPDIRYIYRSLKDCNDH
SLPIEFLRLYNGHINIDYGENLTIPATDATNNIHWSYLHIKFAEPISLFVCDAELSVTVNWSKIIIEWSKHVRKCKYCSS
VNKCMLIVKYHAQDDIDFKLDNITILKTYVCLGSKLKGSEVYLVLTIGPANIFPVFNVVQNAKLILSRTKNFIMPKKADK
ESIDANIKSLIPFLCYPITKKGINTALSKLKSVVSGDILSYSIAGRNEVFSNKLINHKHMNILKWFNHVLNFRSTELNYN
HLYMVESTYPYLSELLNSLTTNELKKLIKITGSLLYNFHNE
;
A
2 'polypeptide(L)'
;MEKFAPEFHGEDANNRATKFLESIKGKFTSPKDPKKKDSIISVNSIDIEVTKESPITSNSTIINPTNETDDTAGNKPNYQ
RKPLVSFKEDPTPSDNPFSKLYKETIETFDNNEEESSYSYEEINDQTNDNITARLDRIDEKLSEILGMLHTLVVASAGPT
SARDGIRDAMVGLREEMIEKIRTEALMTNDRLEAMARLRNEESEKMAKDTSDEVSLNPTSEKLNNLLEGNDSDNDLSLED
FKGENLYFQGHHHHHH
;
B,C,D,E
3 'polypeptide(L)' (A1BIT)(HPE)(A1BIY) G
#
# COMPACT_ATOMS: atom_id res chain seq x y z
N ALA A 46 -3.60 -8.77 37.72
CA ALA A 46 -2.42 -8.14 37.17
C ALA A 46 -2.53 -7.96 35.66
N ASN A 47 -3.65 -8.38 35.09
CA ASN A 47 -3.88 -8.35 33.65
C ASN A 47 -5.24 -7.72 33.38
N VAL A 48 -5.24 -6.58 32.69
CA VAL A 48 -6.47 -5.87 32.37
C VAL A 48 -6.73 -5.99 30.88
N TYR A 49 -7.96 -5.68 30.49
CA TYR A 49 -8.39 -5.73 29.10
C TYR A 49 -8.93 -4.37 28.70
N LEU A 50 -8.22 -3.69 27.81
CA LEU A 50 -8.72 -2.48 27.17
C LEU A 50 -9.33 -2.86 25.84
N THR A 51 -10.54 -2.39 25.59
CA THR A 51 -11.26 -2.68 24.36
C THR A 51 -11.22 -1.49 23.43
N ASP A 52 -11.62 -1.72 22.18
CA ASP A 52 -11.53 -0.71 21.15
C ASP A 52 -12.56 0.39 21.35
N SER A 53 -12.19 1.60 20.95
CA SER A 53 -13.06 2.76 20.98
C SER A 53 -13.62 3.11 19.60
N TYR A 54 -12.91 2.73 18.54
CA TYR A 54 -13.32 2.92 17.17
C TYR A 54 -13.29 1.56 16.48
N LEU A 55 -13.96 1.47 15.34
CA LEU A 55 -13.97 0.21 14.61
C LEU A 55 -12.64 0.03 13.90
N LYS A 56 -11.94 -1.06 14.22
CA LYS A 56 -10.70 -1.42 13.55
C LYS A 56 -10.79 -2.74 12.80
N GLY A 57 -11.69 -3.62 13.17
CA GLY A 57 -11.87 -4.90 12.52
C GLY A 57 -13.06 -4.93 11.60
N VAL A 58 -13.69 -6.09 11.51
CA VAL A 58 -14.83 -6.32 10.64
C VAL A 58 -16.04 -6.66 11.49
N ILE A 59 -17.22 -6.47 10.91
CA ILE A 59 -18.46 -6.97 11.49
C ILE A 59 -18.71 -8.37 10.95
N SER A 60 -18.94 -9.32 11.84
CA SER A 60 -18.96 -10.73 11.49
C SER A 60 -20.39 -11.20 11.27
N PHE A 61 -20.63 -11.83 10.12
CA PHE A 61 -21.90 -12.48 9.87
C PHE A 61 -22.09 -13.66 10.83
N SER A 62 -21.03 -14.41 11.09
CA SER A 62 -21.11 -15.68 11.80
C SER A 62 -21.12 -15.51 13.32
N GLU A 63 -20.40 -14.53 13.85
CA GLU A 63 -20.51 -14.25 15.28
C GLU A 63 -21.94 -13.89 15.65
N CYS A 64 -22.52 -12.95 14.89
CA CYS A 64 -23.91 -12.54 15.10
C CYS A 64 -24.87 -13.71 14.89
N ASN A 65 -24.65 -14.51 13.84
CA ASN A 65 -25.54 -15.63 13.56
C ASN A 65 -25.50 -16.68 14.66
N ALA A 66 -24.30 -17.02 15.15
CA ALA A 66 -24.16 -18.01 16.21
C ALA A 66 -24.78 -17.53 17.51
N LEU A 67 -24.50 -16.27 17.89
CA LEU A 67 -25.07 -15.74 19.12
C LEU A 67 -26.59 -15.70 19.06
N GLY A 68 -27.16 -15.19 17.97
CA GLY A 68 -28.60 -15.09 17.88
C GLY A 68 -29.30 -16.42 17.73
N SER A 69 -28.65 -17.38 17.06
CA SER A 69 -29.19 -18.73 16.97
C SER A 69 -29.23 -19.39 18.34
N TYR A 70 -28.21 -19.15 19.17
CA TYR A 70 -28.27 -19.68 20.52
C TYR A 70 -29.35 -18.99 21.34
N ILE A 71 -29.41 -17.66 21.29
CA ILE A 71 -30.35 -16.93 22.15
C ILE A 71 -31.79 -17.28 21.82
N PHE A 72 -32.17 -17.18 20.54
CA PHE A 72 -33.57 -17.33 20.14
C PHE A 72 -33.91 -18.74 19.70
N ASN A 73 -32.96 -19.66 19.71
CA ASN A 73 -33.21 -21.10 19.58
C ASN A 73 -33.67 -21.49 18.18
N GLY A 74 -33.03 -20.93 17.16
CA GLY A 74 -33.36 -21.25 15.79
C GLY A 74 -32.50 -20.49 14.82
N PRO A 75 -32.57 -20.82 13.54
CA PRO A 75 -31.72 -20.16 12.54
C PRO A 75 -31.99 -18.67 12.49
N TYR A 76 -31.01 -17.87 12.86
CA TYR A 76 -31.24 -16.43 13.02
C TYR A 76 -31.14 -15.70 11.68
N LEU A 77 -29.95 -15.68 11.10
CA LEU A 77 -29.72 -14.96 9.86
C LEU A 77 -29.61 -15.87 8.66
N LYS A 78 -29.19 -17.10 8.86
CA LYS A 78 -28.92 -18.01 7.76
C LYS A 78 -28.98 -19.43 8.29
N ASN A 79 -29.30 -20.36 7.41
CA ASN A 79 -29.44 -21.77 7.75
C ASN A 79 -28.15 -22.48 7.32
N ASP A 80 -27.12 -22.33 8.14
CA ASP A 80 -25.82 -22.94 7.84
C ASP A 80 -25.37 -23.80 9.01
N TYR A 81 -24.11 -24.22 9.01
CA TYR A 81 -23.60 -25.04 10.10
C TYR A 81 -23.31 -24.23 11.36
N THR A 82 -23.07 -22.94 11.22
CA THR A 82 -22.76 -22.10 12.37
C THR A 82 -23.90 -22.13 13.38
N ASN A 83 -25.14 -21.97 12.91
CA ASN A 83 -26.26 -21.96 13.85
C ASN A 83 -26.43 -23.31 14.53
N LEU A 84 -26.19 -24.40 13.80
CA LEU A 84 -26.42 -25.72 14.35
C LEU A 84 -25.40 -26.06 15.42
N ILE A 85 -24.11 -25.81 15.13
CA ILE A 85 -23.10 -26.06 16.14
C ILE A 85 -23.21 -25.07 17.30
N SER A 86 -23.70 -23.85 17.04
CA SER A 86 -23.84 -22.86 18.09
C SER A 86 -24.96 -23.20 19.05
N ARG A 87 -26.03 -23.82 18.56
CA ARG A 87 -27.09 -24.28 19.46
C ARG A 87 -26.75 -25.60 20.13
N GLN A 88 -25.92 -26.44 19.51
CA GLN A 88 -25.56 -27.72 20.13
C GLN A 88 -24.59 -27.52 21.28
N ASN A 89 -23.45 -26.89 21.02
CA ASN A 89 -22.39 -26.65 21.99
C ASN A 89 -22.11 -25.16 22.06
N PRO A 90 -22.85 -24.41 22.87
CA PRO A 90 -22.61 -22.97 22.97
C PRO A 90 -21.25 -22.65 23.59
N LEU A 91 -20.74 -21.47 23.26
CA LEU A 91 -19.56 -20.95 23.93
C LEU A 91 -19.92 -20.56 25.36
N ILE A 92 -18.92 -20.16 26.14
CA ILE A 92 -19.19 -19.80 27.52
C ILE A 92 -19.68 -18.36 27.64
N GLU A 93 -19.23 -17.47 26.76
CA GLU A 93 -19.71 -16.10 26.80
C GLU A 93 -21.15 -15.98 26.31
N HIS A 94 -21.53 -16.79 25.32
CA HIS A 94 -22.91 -16.79 24.87
C HIS A 94 -23.84 -17.31 25.96
N MET A 95 -23.40 -18.34 26.70
CA MET A 95 -24.17 -18.84 27.83
C MET A 95 -24.29 -17.79 28.92
N ASN A 96 -23.21 -17.06 29.18
CA ASN A 96 -23.25 -15.98 30.15
C ASN A 96 -24.26 -14.90 29.77
N LEU A 97 -24.29 -14.53 28.48
CA LEU A 97 -25.24 -13.52 28.03
C LEU A 97 -26.68 -14.00 28.14
N LYS A 98 -26.95 -15.22 27.68
CA LYS A 98 -28.31 -15.74 27.72
C LYS A 98 -28.79 -16.06 29.13
N LYS A 99 -27.89 -16.14 30.09
CA LYS A 99 -28.23 -16.54 31.45
C LYS A 99 -28.69 -15.37 32.33
N LEU A 100 -28.43 -14.12 31.94
CA LEU A 100 -28.84 -12.98 32.75
C LEU A 100 -30.34 -12.96 32.96
N ASN A 101 -30.79 -12.20 33.97
CA ASN A 101 -32.21 -12.10 34.26
C ASN A 101 -32.95 -11.28 33.20
N ILE A 102 -32.32 -10.21 32.72
CA ILE A 102 -32.95 -9.37 31.71
C ILE A 102 -33.12 -10.13 30.40
N THR A 103 -32.11 -10.93 30.02
CA THR A 103 -32.22 -11.72 28.80
C THR A 103 -33.25 -12.82 28.96
N GLN A 104 -33.32 -13.43 30.14
CA GLN A 104 -34.34 -14.46 30.38
C GLN A 104 -35.73 -13.88 30.25
N SER A 105 -35.97 -12.71 30.82
CA SER A 105 -37.28 -12.09 30.72
C SER A 105 -37.62 -11.70 29.30
N LEU A 106 -36.64 -11.16 28.55
CA LEU A 106 -36.92 -10.74 27.18
C LEU A 106 -37.23 -11.92 26.28
N ILE A 107 -36.47 -13.01 26.40
CA ILE A 107 -36.77 -14.15 25.54
C ILE A 107 -38.01 -14.92 26.00
N SER A 108 -38.37 -14.84 27.29
CA SER A 108 -39.68 -15.35 27.70
C SER A 108 -40.80 -14.54 27.07
N LYS A 109 -40.61 -13.23 26.97
CA LYS A 109 -41.59 -12.38 26.30
C LYS A 109 -41.67 -12.69 24.82
N TYR A 110 -40.53 -13.04 24.21
CA TYR A 110 -40.49 -13.36 22.79
C TYR A 110 -41.18 -14.69 22.49
N HIS A 111 -40.91 -15.73 23.30
CA HIS A 111 -41.49 -17.03 23.02
C HIS A 111 -43.00 -17.08 23.23
N LYS A 112 -43.61 -16.02 23.77
CA LYS A 112 -45.06 -15.91 23.86
C LYS A 112 -45.64 -15.10 22.73
N GLY A 113 -44.83 -14.59 21.81
CA GLY A 113 -45.31 -13.84 20.67
C GLY A 113 -45.65 -12.40 20.96
N GLU A 114 -44.89 -11.74 21.82
CA GLU A 114 -45.14 -10.35 22.14
C GLU A 114 -44.12 -9.38 21.55
N ILE A 115 -42.92 -9.85 21.23
CA ILE A 115 -41.94 -9.03 20.56
C ILE A 115 -41.49 -9.75 19.30
N LYS A 116 -40.96 -8.99 18.35
CA LYS A 116 -40.63 -9.47 17.01
C LYS A 116 -39.14 -9.31 16.74
N LEU A 117 -38.52 -10.35 16.19
CA LEU A 117 -37.14 -10.25 15.76
C LEU A 117 -36.97 -9.36 14.55
N GLU A 118 -35.79 -8.73 14.48
CA GLU A 118 -35.38 -7.93 13.36
C GLU A 118 -33.90 -8.16 13.12
N GLU A 119 -33.38 -7.53 12.09
CA GLU A 119 -32.09 -7.33 11.43
C GLU A 119 -31.41 -6.09 12.02
N PRO A 120 -30.09 -6.11 12.22
CA PRO A 120 -29.42 -4.92 12.76
C PRO A 120 -29.64 -3.63 11.97
N THR A 121 -30.02 -3.70 10.70
CA THR A 121 -30.26 -2.49 9.91
C THR A 121 -31.59 -1.83 10.23
N TYR A 122 -32.57 -2.62 10.66
CA TYR A 122 -33.80 -2.07 11.23
C TYR A 122 -33.48 -1.14 12.40
N PHE A 123 -32.65 -1.59 13.32
CA PHE A 123 -32.29 -0.77 14.47
C PHE A 123 -31.29 0.31 14.13
N GLN A 124 -30.49 0.16 13.08
CA GLN A 124 -29.71 1.30 12.63
C GLN A 124 -30.61 2.44 12.18
N SER A 125 -31.66 2.12 11.43
CA SER A 125 -32.60 3.14 11.01
C SER A 125 -33.42 3.68 12.18
N LEU A 126 -33.68 2.87 13.20
CA LEU A 126 -34.37 3.36 14.39
C LEU A 126 -33.49 4.30 15.21
N LEU A 127 -32.22 3.96 15.38
CA LEU A 127 -31.31 4.81 16.14
C LEU A 127 -31.07 6.12 15.43
N MET A 128 -30.73 6.07 14.14
CA MET A 128 -30.40 7.30 13.43
C MET A 128 -31.57 8.25 13.32
N THR A 129 -32.78 7.81 13.65
CA THR A 129 -33.97 8.65 13.64
C THR A 129 -34.33 9.17 15.03
N TYR A 130 -33.73 8.61 16.08
CA TYR A 130 -34.01 8.97 17.47
C TYR A 130 -34.01 10.47 17.69
N LYS A 131 -35.17 11.02 18.05
CA LYS A 131 -35.25 12.43 18.40
C LYS A 131 -35.65 12.64 19.86
N SER A 132 -36.31 11.65 20.47
CA SER A 132 -36.92 11.77 21.78
C SER A 132 -36.00 12.47 22.77
N MET A 133 -36.46 13.58 23.32
CA MET A 133 -35.72 14.28 24.35
C MET A 133 -36.63 15.28 25.03
N THR A 134 -36.53 15.37 26.35
CA THR A 134 -37.35 16.28 27.15
C THR A 134 -36.82 17.71 26.99
N SER A 135 -37.59 18.68 27.46
CA SER A 135 -37.17 20.07 27.40
C SER A 135 -35.85 20.28 28.12
N SER A 136 -35.66 19.60 29.26
CA SER A 136 -34.39 19.70 29.98
C SER A 136 -33.24 19.14 29.15
N GLU A 137 -33.45 18.02 28.47
CA GLU A 137 -32.39 17.42 27.65
C GLU A 137 -32.07 18.28 26.43
N GLN A 138 -33.10 18.85 25.81
CA GLN A 138 -32.91 19.83 24.75
C GLN A 138 -32.06 20.99 25.23
N ILE A 139 -32.42 21.59 26.36
CA ILE A 139 -31.68 22.73 26.89
C ILE A 139 -30.24 22.34 27.19
N ALA A 140 -30.03 21.14 27.74
CA ALA A 140 -28.70 20.71 28.13
C ALA A 140 -27.79 20.54 26.91
N THR A 141 -28.28 19.85 25.89
CA THR A 141 -27.46 19.64 24.69
C THR A 141 -27.18 20.96 23.99
N THR A 142 -28.19 21.82 23.86
CA THR A 142 -27.98 23.11 23.21
C THR A 142 -26.96 23.94 23.97
N ASN A 143 -27.00 23.91 25.31
CA ASN A 143 -26.04 24.67 26.10
C ASN A 143 -24.63 24.15 25.93
N LEU A 144 -24.47 22.83 25.95
CA LEU A 144 -23.15 22.25 25.76
C LEU A 144 -22.55 22.63 24.41
N LEU A 145 -23.35 22.55 23.35
CA LEU A 145 -22.84 22.90 22.02
C LEU A 145 -22.51 24.38 21.91
N LYS A 146 -23.36 25.25 22.46
CA LYS A 146 -23.06 26.67 22.47
C LYS A 146 -21.72 26.96 23.15
N LYS A 147 -21.47 26.30 24.28
CA LYS A 147 -20.21 26.54 24.99
C LYS A 147 -19.02 26.05 24.18
N ILE A 148 -19.10 24.86 23.61
CA ILE A 148 -18.01 24.34 22.78
C ILE A 148 -17.68 25.31 21.65
N ILE A 149 -18.71 25.83 20.96
CA ILE A 149 -18.47 26.69 19.81
C ILE A 149 -17.84 28.01 20.23
N ARG A 150 -18.37 28.62 21.29
CA ARG A 150 -17.80 29.88 21.76
C ARG A 150 -16.34 29.71 22.15
N ARG A 151 -16.02 28.61 22.83
CA ARG A 151 -14.65 28.40 23.29
C ARG A 151 -13.72 28.13 22.11
N ALA A 152 -14.17 27.42 21.09
CA ALA A 152 -13.33 27.21 19.91
C ALA A 152 -13.02 28.52 19.19
N ILE A 153 -14.03 29.39 19.02
CA ILE A 153 -13.76 30.68 18.39
C ILE A 153 -12.81 31.53 19.24
N GLU A 154 -12.93 31.43 20.56
CA GLU A 154 -12.02 32.18 21.43
C GLU A 154 -10.60 31.65 21.38
N ILE A 155 -10.40 30.34 21.20
CA ILE A 155 -9.05 29.84 21.02
C ILE A 155 -8.49 30.31 19.69
N SER A 156 -9.29 30.27 18.63
CA SER A 156 -8.80 30.62 17.30
C SER A 156 -8.49 32.10 17.14
N ASP A 157 -9.11 32.96 17.95
CA ASP A 157 -8.86 34.39 17.88
C ASP A 157 -7.37 34.73 18.00
N VAL A 158 -6.63 33.99 18.82
CA VAL A 158 -5.23 34.31 19.08
C VAL A 158 -4.39 34.15 17.82
N LYS A 159 -4.50 33.00 17.15
CA LYS A 159 -3.77 32.77 15.92
C LYS A 159 -4.21 33.70 14.81
N VAL A 160 -5.52 33.98 14.71
CA VAL A 160 -5.99 34.86 13.65
C VAL A 160 -5.46 36.28 13.85
N TYR A 161 -5.42 36.73 15.10
CA TYR A 161 -4.84 38.03 15.42
C TYR A 161 -3.37 38.08 15.06
N ALA A 162 -2.61 37.03 15.40
CA ALA A 162 -1.18 37.00 15.07
C ALA A 162 -0.95 37.07 13.56
N ILE A 163 -1.74 36.32 12.79
CA ILE A 163 -1.54 36.30 11.34
C ILE A 163 -1.91 37.65 10.73
N LEU A 164 -3.03 38.23 11.14
CA LEU A 164 -3.39 39.55 10.62
C LEU A 164 -2.39 40.62 11.04
N ASN A 165 -1.72 40.43 12.18
CA ASN A 165 -0.71 41.38 12.62
C ASN A 165 0.56 41.26 11.79
N LYS A 166 0.96 40.03 11.45
CA LYS A 166 2.16 39.85 10.64
C LYS A 166 1.95 40.31 9.20
N LEU A 167 0.80 39.98 8.60
CA LEU A 167 0.57 40.37 7.22
C LEU A 167 0.33 41.86 7.06
N GLY A 168 0.04 42.58 8.14
CA GLY A 168 -0.25 44.00 8.01
C GLY A 168 -1.59 44.29 7.38
N LEU A 169 -2.62 43.53 7.74
CA LEU A 169 -3.94 43.63 7.13
C LEU A 169 -4.95 44.39 7.99
N LYS A 170 -4.95 44.16 9.30
CA LYS A 170 -5.91 44.78 10.20
C LYS A 170 -5.89 46.30 10.13
N THR A 220 -13.45 39.59 24.93
CA THR A 220 -12.74 38.31 24.92
C THR A 220 -12.39 37.89 23.51
N ILE A 221 -12.79 38.72 22.55
CA ILE A 221 -12.46 38.54 21.14
C ILE A 221 -12.03 39.90 20.60
N LYS A 222 -10.80 39.99 20.13
CA LYS A 222 -10.26 41.25 19.65
C LYS A 222 -10.43 41.44 18.15
N THR A 223 -10.56 40.37 17.39
CA THR A 223 -10.66 40.45 15.95
C THR A 223 -12.10 40.75 15.55
N THR A 224 -12.27 41.63 14.57
CA THR A 224 -13.62 41.97 14.09
C THR A 224 -14.23 40.83 13.29
N LEU A 225 -13.40 40.13 12.51
CA LEU A 225 -13.88 39.00 11.74
C LEU A 225 -14.56 37.97 12.63
N LEU A 226 -13.88 37.55 13.69
CA LEU A 226 -14.43 36.53 14.56
C LEU A 226 -15.52 37.07 15.47
N LYS A 227 -15.59 38.38 15.68
CA LYS A 227 -16.75 38.95 16.35
C LYS A 227 -18.02 38.80 15.51
N LYS A 228 -17.91 39.10 14.22
CA LYS A 228 -19.04 38.85 13.31
C LYS A 228 -19.37 37.37 13.23
N LEU A 229 -18.35 36.52 13.17
CA LEU A 229 -18.60 35.08 13.14
C LEU A 229 -19.28 34.61 14.41
N MET A 230 -18.93 35.17 15.56
CA MET A 230 -19.57 34.80 16.82
C MET A 230 -21.02 35.26 16.84
N CYS A 231 -21.31 36.41 16.26
CA CYS A 231 -22.71 36.82 16.15
C CYS A 231 -23.48 35.87 15.23
N SER A 232 -22.82 35.28 14.24
CA SER A 232 -23.51 34.36 13.34
C SER A 232 -23.81 33.01 14.01
N MET A 233 -22.90 32.51 14.84
CA MET A 233 -22.95 31.12 15.29
C MET A 233 -23.48 30.95 16.71
N GLN A 234 -24.45 31.74 17.13
CA GLN A 234 -24.94 31.64 18.49
C GLN A 234 -26.27 30.92 18.59
N HIS A 235 -26.70 30.23 17.54
CA HIS A 235 -27.91 29.40 17.58
C HIS A 235 -27.69 28.21 16.66
N PRO A 236 -27.28 27.06 17.19
CA PRO A 236 -27.11 25.90 16.34
C PRO A 236 -28.42 25.48 15.73
N PRO A 237 -28.40 24.92 14.53
CA PRO A 237 -29.61 24.41 13.90
C PRO A 237 -30.00 23.05 14.47
N SER A 238 -31.24 22.65 14.17
CA SER A 238 -31.77 21.41 14.74
C SER A 238 -31.11 20.17 14.15
N TRP A 239 -30.76 20.21 12.87
CA TRP A 239 -30.12 19.05 12.25
C TRP A 239 -28.74 18.77 12.84
N LEU A 240 -28.13 19.75 13.50
CA LEU A 240 -26.84 19.61 14.14
C LEU A 240 -26.97 19.13 15.57
N ILE A 241 -27.94 19.68 16.31
CA ILE A 241 -28.23 19.21 17.66
C ILE A 241 -28.65 17.75 17.64
N HIS A 242 -29.35 17.32 16.59
CA HIS A 242 -29.74 15.92 16.45
C HIS A 242 -28.54 14.99 16.55
N TRP A 243 -27.57 15.18 15.66
CA TRP A 243 -26.41 14.30 15.62
C TRP A 243 -25.49 14.49 16.81
N PHE A 244 -25.40 15.72 17.34
CA PHE A 244 -24.58 15.91 18.53
C PHE A 244 -25.15 15.16 19.73
N ASN A 245 -26.47 15.21 19.92
CA ASN A 245 -27.09 14.48 21.01
C ASN A 245 -26.91 12.98 20.85
N LEU A 246 -27.11 12.46 19.63
CA LEU A 246 -26.98 11.02 19.42
C LEU A 246 -25.55 10.56 19.70
N TYR A 247 -24.56 11.31 19.18
CA TYR A 247 -23.16 10.96 19.40
C TYR A 247 -22.82 10.98 20.89
N THR A 248 -23.22 12.04 21.60
CA THR A 248 -22.99 12.12 23.04
C THR A 248 -23.56 10.92 23.79
N LYS A 249 -24.78 10.50 23.46
CA LYS A 249 -25.38 9.36 24.15
C LYS A 249 -24.61 8.07 23.90
N LEU A 250 -24.41 7.71 22.64
CA LEU A 250 -23.71 6.46 22.34
C LEU A 250 -22.29 6.46 22.90
N ASN A 251 -21.63 7.62 22.90
CA ASN A 251 -20.29 7.73 23.46
C ASN A 251 -20.29 7.57 24.97
N ASN A 252 -21.28 8.14 25.66
CA ASN A 252 -21.43 7.90 27.09
C ASN A 252 -21.57 6.41 27.39
N ILE A 253 -22.39 5.71 26.61
CA ILE A 253 -22.60 4.27 26.83
C ILE A 253 -21.29 3.51 26.69
N LEU A 254 -20.54 3.78 25.62
CA LEU A 254 -19.28 3.08 25.40
C LEU A 254 -18.24 3.43 26.47
N THR A 255 -18.17 4.69 26.89
CA THR A 255 -17.23 5.08 27.93
C THR A 255 -17.53 4.37 29.24
N GLN A 256 -18.81 4.31 29.62
CA GLN A 256 -19.23 3.51 30.77
C GLN A 256 -18.70 2.09 30.68
N TYR A 257 -18.97 1.41 29.56
CA TYR A 257 -18.57 0.01 29.46
C TYR A 257 -17.05 -0.13 29.58
N ARG A 258 -16.29 0.70 28.86
CA ARG A 258 -14.84 0.52 28.83
C ARG A 258 -14.21 0.78 30.19
N SER A 259 -14.64 1.83 30.89
CA SER A 259 -14.13 2.08 32.23
C SER A 259 -14.45 0.93 33.18
N ASN A 260 -15.71 0.49 33.20
CA ASN A 260 -16.10 -0.55 34.14
C ASN A 260 -15.52 -1.90 33.78
N GLU A 261 -15.10 -2.10 32.54
CA GLU A 261 -14.45 -3.35 32.14
C GLU A 261 -12.96 -3.34 32.43
N VAL A 262 -12.32 -2.17 32.39
CA VAL A 262 -10.96 -2.09 32.90
C VAL A 262 -10.94 -2.32 34.41
N LYS A 263 -11.93 -1.80 35.12
CA LYS A 263 -11.96 -2.02 36.57
C LYS A 263 -12.30 -3.46 36.93
N ASN A 264 -13.14 -4.14 36.14
CA ASN A 264 -13.68 -5.44 36.50
C ASN A 264 -13.86 -6.27 35.23
N HIS A 265 -13.49 -7.54 35.30
CA HIS A 265 -13.43 -8.38 34.11
C HIS A 265 -14.67 -9.25 34.00
N GLY A 266 -15.32 -9.22 32.85
CA GLY A 266 -16.58 -9.88 32.64
C GLY A 266 -17.78 -8.98 32.76
N PHE A 267 -17.56 -7.69 32.97
CA PHE A 267 -18.64 -6.73 33.12
C PHE A 267 -19.56 -6.75 31.91
N THR A 268 -20.87 -6.69 32.17
CA THR A 268 -21.89 -6.49 31.14
C THR A 268 -22.67 -5.23 31.49
N LEU A 269 -22.87 -4.36 30.51
CA LEU A 269 -23.53 -3.08 30.74
C LEU A 269 -25.00 -3.19 30.37
N ILE A 270 -25.87 -3.11 31.36
CA ILE A 270 -27.31 -3.11 31.16
C ILE A 270 -27.82 -1.69 31.36
N ASP A 271 -28.48 -1.14 30.35
CA ASP A 271 -28.70 0.30 30.31
C ASP A 271 -30.01 0.62 29.60
N ASN A 272 -30.99 1.16 30.30
CA ASN A 272 -32.22 1.57 29.62
C ASN A 272 -32.61 3.00 29.92
N GLN A 273 -31.71 3.81 30.47
CA GLN A 273 -32.00 5.19 30.79
C GLN A 273 -31.21 6.20 30.00
N THR A 274 -30.08 5.81 29.41
CA THR A 274 -29.26 6.75 28.66
C THR A 274 -29.97 7.25 27.43
N LEU A 275 -30.42 6.33 26.58
CA LEU A 275 -31.09 6.64 25.33
C LEU A 275 -32.53 6.18 25.49
N SER A 276 -33.45 7.12 25.65
CA SER A 276 -34.80 6.80 26.09
C SER A 276 -35.54 5.97 25.05
N GLY A 277 -36.25 4.95 25.51
CA GLY A 277 -36.96 4.06 24.62
C GLY A 277 -36.22 2.77 24.36
N PHE A 278 -34.91 2.88 24.19
CA PHE A 278 -34.06 1.74 23.90
C PHE A 278 -33.49 1.18 25.20
N GLN A 279 -33.33 -0.14 25.22
CA GLN A 279 -32.57 -0.81 26.25
C GLN A 279 -31.41 -1.55 25.60
N PHE A 280 -30.23 -1.41 26.18
CA PHE A 280 -28.99 -2.01 25.69
C PHE A 280 -28.48 -3.03 26.68
N ILE A 281 -27.96 -4.13 26.16
CA ILE A 281 -27.19 -5.10 26.90
C ILE A 281 -25.87 -5.24 26.15
N LEU A 282 -24.86 -4.52 26.60
CA LEU A 282 -23.52 -4.52 25.99
C LEU A 282 -22.55 -5.41 26.74
N ASN A 283 -21.48 -5.74 26.04
CA ASN A 283 -20.48 -6.75 26.39
C ASN A 283 -19.47 -6.66 25.27
N GLN A 284 -18.35 -7.35 25.43
CA GLN A 284 -17.42 -7.44 24.32
C GLN A 284 -17.72 -8.62 23.41
N TYR A 285 -18.69 -9.44 23.78
CA TYR A 285 -19.04 -10.64 23.03
C TYR A 285 -20.39 -10.53 22.35
N GLY A 286 -21.12 -9.45 22.55
CA GLY A 286 -22.39 -9.30 21.88
C GLY A 286 -23.24 -8.19 22.44
N CYS A 287 -24.14 -7.67 21.62
CA CYS A 287 -25.06 -6.61 22.03
C CYS A 287 -26.49 -7.09 21.82
N ILE A 288 -27.37 -6.74 22.74
CA ILE A 288 -28.80 -7.02 22.63
C ILE A 288 -29.54 -5.72 22.76
N VAL A 289 -30.32 -5.36 21.75
CA VAL A 289 -31.04 -4.08 21.75
C VAL A 289 -32.53 -4.36 21.73
N TYR A 290 -33.28 -3.60 22.53
CA TYR A 290 -34.69 -3.86 22.74
C TYR A 290 -35.45 -2.55 22.71
N HIS A 291 -36.47 -2.46 21.86
CA HIS A 291 -37.37 -1.31 21.81
C HIS A 291 -38.73 -1.75 22.32
N LYS A 292 -39.20 -1.10 23.37
CA LYS A 292 -40.37 -1.58 24.11
C LYS A 292 -41.69 -1.08 23.53
N GLU A 293 -41.73 0.16 23.05
CA GLU A 293 -42.97 0.69 22.51
C GLU A 293 -43.25 0.15 21.11
N LEU A 294 -42.21 -0.06 20.32
CA LEU A 294 -42.37 -0.70 19.02
C LEU A 294 -42.41 -2.22 19.12
N LYS A 295 -42.00 -2.77 20.26
CA LYS A 295 -42.02 -4.21 20.50
C LYS A 295 -41.08 -4.96 19.55
N ARG A 296 -39.81 -4.55 19.55
CA ARG A 296 -38.81 -5.12 18.68
C ARG A 296 -37.56 -5.50 19.48
N ILE A 297 -36.85 -6.51 18.99
CA ILE A 297 -35.63 -6.97 19.64
C ILE A 297 -34.64 -7.41 18.56
N THR A 298 -33.36 -7.13 18.78
CA THR A 298 -32.31 -7.58 17.89
C THR A 298 -31.10 -8.00 18.70
N VAL A 299 -30.31 -8.91 18.11
CA VAL A 299 -29.01 -9.32 18.62
C VAL A 299 -27.96 -8.96 17.59
N THR A 300 -26.83 -8.41 18.04
CA THR A 300 -25.73 -8.07 17.16
C THR A 300 -24.42 -8.24 17.93
N THR A 301 -23.35 -7.65 17.42
CA THR A 301 -22.02 -7.79 18.01
C THR A 301 -21.52 -6.43 18.53
N TYR A 302 -20.32 -6.45 19.11
CA TYR A 302 -19.72 -5.25 19.68
C TYR A 302 -19.19 -4.31 18.60
N ASN A 303 -18.63 -4.87 17.53
CA ASN A 303 -18.17 -4.07 16.40
C ASN A 303 -19.31 -3.34 15.71
N GLN A 304 -20.52 -3.88 15.76
CA GLN A 304 -21.67 -3.20 15.19
C GLN A 304 -22.08 -1.98 16.00
N PHE A 305 -22.01 -2.08 17.33
CA PHE A 305 -22.22 -0.90 18.16
C PHE A 305 -21.16 0.16 17.89
N LEU A 306 -19.90 -0.26 17.72
CA LEU A 306 -18.86 0.68 17.36
C LEU A 306 -19.15 1.36 16.04
N THR A 307 -19.69 0.61 15.08
CA THR A 307 -20.04 1.17 13.77
C THR A 307 -21.17 2.19 13.89
N TRP A 308 -22.16 1.92 14.74
CA TRP A 308 -23.23 2.90 14.96
C TRP A 308 -22.68 4.20 15.53
N LYS A 309 -21.83 4.10 16.54
CA LYS A 309 -21.22 5.30 17.12
C LYS A 309 -20.40 6.05 16.09
N ASP A 310 -19.65 5.33 15.25
CA ASP A 310 -18.86 5.98 14.22
C ASP A 310 -19.73 6.66 13.17
N ILE A 311 -20.87 6.07 12.83
CA ILE A 311 -21.81 6.70 11.90
C ILE A 311 -22.30 8.03 12.44
N SER A 312 -22.72 8.05 13.71
CA SER A 312 -23.25 9.29 14.28
C SER A 312 -22.16 10.36 14.37
N LEU A 313 -20.93 9.97 14.70
CA LEU A 313 -19.83 10.94 14.70
C LEU A 313 -19.55 11.46 13.30
N SER A 314 -19.61 10.60 12.28
CA SER A 314 -19.35 11.05 10.91
C SER A 314 -20.38 12.07 10.45
N ARG A 315 -21.65 11.81 10.73
CA ARG A 315 -22.70 12.74 10.32
C ARG A 315 -22.62 14.05 11.10
N LEU A 316 -22.25 13.98 12.39
CA LEU A 316 -22.03 15.19 13.16
C LEU A 316 -20.88 16.02 12.59
N ASN A 317 -19.79 15.37 12.19
CA ASN A 317 -18.66 16.10 11.61
C ASN A 317 -19.03 16.75 10.28
N VAL A 318 -19.83 16.07 9.45
CA VAL A 318 -20.28 16.67 8.20
C VAL A 318 -21.12 17.92 8.48
N CYS A 319 -22.09 17.81 9.37
CA CYS A 319 -22.95 18.95 9.67
C CYS A 319 -22.15 20.10 10.27
N LEU A 320 -21.18 19.79 11.13
CA LEU A 320 -20.33 20.81 11.74
C LEU A 320 -19.50 21.55 10.71
N ILE A 321 -18.80 20.81 9.84
CA ILE A 321 -17.97 21.41 8.81
C ILE A 321 -18.80 22.31 7.91
N THR A 322 -19.97 21.84 7.47
CA THR A 322 -20.73 22.63 6.52
C THR A 322 -21.37 23.85 7.18
N TRP A 323 -21.79 23.75 8.43
CA TRP A 323 -22.28 24.93 9.15
C TRP A 323 -21.18 25.99 9.29
N ILE A 324 -20.00 25.57 9.74
CA ILE A 324 -18.88 26.50 9.89
C ILE A 324 -18.58 27.19 8.58
N SER A 325 -18.45 26.42 7.50
CA SER A 325 -18.00 27.01 6.25
C SER A 325 -19.09 27.84 5.58
N ASN A 326 -20.37 27.53 5.83
CA ASN A 326 -21.43 28.39 5.30
C ASN A 326 -21.46 29.73 6.03
N CYS A 327 -21.21 29.73 7.33
CA CYS A 327 -21.10 31.01 8.03
C CYS A 327 -19.90 31.82 7.54
N LEU A 328 -18.75 31.16 7.39
CA LEU A 328 -17.56 31.83 6.86
C LEU A 328 -17.83 32.41 5.48
N ASN A 329 -18.50 31.65 4.61
CA ASN A 329 -18.79 32.11 3.26
C ASN A 329 -19.84 33.21 3.22
N THR A 330 -20.69 33.30 4.23
CA THR A 330 -21.59 34.44 4.31
C THR A 330 -20.85 35.69 4.78
N LEU A 331 -19.80 35.53 5.59
CA LEU A 331 -18.98 36.69 5.94
C LEU A 331 -18.18 37.21 4.75
N ASN A 332 -17.59 36.30 3.98
CA ASN A 332 -16.69 36.66 2.89
C ASN A 332 -16.56 35.42 2.01
N LYS A 333 -16.77 35.59 0.70
CA LYS A 333 -16.86 34.46 -0.21
C LYS A 333 -15.57 33.67 -0.33
N SER A 334 -14.44 34.20 0.11
CA SER A 334 -13.15 33.53 0.01
C SER A 334 -12.72 32.85 1.30
N LEU A 335 -13.50 32.99 2.37
CA LEU A 335 -13.11 32.47 3.67
C LEU A 335 -13.38 30.98 3.80
N GLY A 336 -14.52 30.51 3.33
CA GLY A 336 -14.93 29.14 3.53
C GLY A 336 -14.30 28.19 2.53
N LEU A 337 -14.99 27.08 2.29
CA LEU A 337 -14.54 26.11 1.30
C LEU A 337 -15.17 26.41 -0.06
N ARG A 338 -14.66 25.72 -1.09
CA ARG A 338 -15.13 25.97 -2.44
C ARG A 338 -16.50 25.37 -2.71
N CYS A 339 -16.89 24.36 -1.95
CA CYS A 339 -18.21 23.78 -2.02
C CYS A 339 -19.19 24.58 -1.16
N GLY A 340 -20.48 24.37 -1.41
CA GLY A 340 -21.50 24.91 -0.53
C GLY A 340 -22.74 24.05 -0.53
N PHE A 341 -23.15 23.59 0.63
CA PHE A 341 -24.23 22.61 0.74
C PHE A 341 -25.43 23.19 1.46
N ASN A 342 -26.58 22.59 1.19
CA ASN A 342 -27.82 22.85 1.91
C ASN A 342 -28.03 21.71 2.88
N ASN A 343 -28.00 22.00 4.18
CA ASN A 343 -27.97 20.96 5.18
C ASN A 343 -29.35 20.45 5.58
N VAL A 344 -30.41 20.90 4.92
CA VAL A 344 -31.69 20.21 5.00
C VAL A 344 -31.88 19.23 3.85
N ILE A 345 -30.96 19.17 2.90
CA ILE A 345 -30.96 18.14 1.88
C ILE A 345 -30.04 16.99 2.27
N LEU A 346 -28.93 17.30 2.93
CA LEU A 346 -28.01 16.25 3.36
C LEU A 346 -28.66 15.34 4.38
N THR A 347 -29.52 15.88 5.25
CA THR A 347 -30.19 15.06 6.24
C THR A 347 -31.25 14.16 5.60
N GLN A 348 -31.94 14.67 4.58
CA GLN A 348 -32.84 13.83 3.79
C GLN A 348 -32.08 12.71 3.11
N LEU A 349 -30.88 12.99 2.59
CA LEU A 349 -30.04 11.94 2.02
C LEU A 349 -29.72 10.88 3.06
N PHE A 350 -29.31 11.31 4.25
CA PHE A 350 -29.06 10.37 5.34
C PHE A 350 -30.26 9.47 5.59
N LEU A 351 -31.45 10.07 5.71
CA LEU A 351 -32.65 9.31 6.02
C LEU A 351 -33.04 8.35 4.89
N TYR A 352 -32.91 8.78 3.63
CA TYR A 352 -33.31 7.91 2.53
C TYR A 352 -32.36 6.75 2.35
N GLY A 353 -31.06 6.97 2.54
CA GLY A 353 -30.14 5.84 2.55
C GLY A 353 -30.42 4.88 3.68
N ASP A 354 -30.80 5.40 4.85
CA ASP A 354 -31.19 4.52 5.95
C ASP A 354 -32.45 3.72 5.62
N CYS A 355 -33.40 4.33 4.92
CA CYS A 355 -34.60 3.60 4.50
C CYS A 355 -34.28 2.52 3.48
N ILE A 356 -33.35 2.80 2.56
CA ILE A 356 -32.93 1.78 1.60
C ILE A 356 -32.27 0.61 2.31
N LEU A 357 -31.48 0.90 3.35
CA LEU A 357 -30.85 -0.19 4.10
C LEU A 357 -31.82 -0.91 5.02
N LYS A 358 -32.92 -0.27 5.40
CA LYS A 358 -33.93 -0.95 6.20
C LYS A 358 -34.86 -1.79 5.35
N LEU A 359 -35.02 -1.45 4.08
CA LEU A 359 -35.92 -2.19 3.20
C LEU A 359 -35.24 -3.44 2.66
N PHE A 360 -34.18 -3.26 1.88
CA PHE A 360 -33.24 -4.35 1.65
C PHE A 360 -32.38 -4.49 2.89
N HIS A 361 -32.21 -5.69 3.37
CA HIS A 361 -31.50 -5.93 4.62
C HIS A 361 -30.00 -5.74 4.36
N ASN A 362 -29.15 -6.49 5.03
CA ASN A 362 -27.73 -6.46 4.73
C ASN A 362 -27.41 -6.39 3.23
N GLU A 363 -28.31 -6.91 2.38
CA GLU A 363 -28.12 -6.84 0.94
C GLU A 363 -28.11 -5.42 0.39
N GLY A 364 -28.71 -4.46 1.10
CA GLY A 364 -28.83 -3.12 0.59
C GLY A 364 -27.51 -2.43 0.35
N PHE A 365 -26.43 -2.91 0.98
CA PHE A 365 -25.12 -2.34 0.75
C PHE A 365 -24.61 -2.62 -0.65
N TYR A 366 -25.19 -3.59 -1.34
CA TYR A 366 -25.00 -3.69 -2.78
C TYR A 366 -25.38 -2.37 -3.45
N ILE A 367 -26.61 -1.93 -3.21
CA ILE A 367 -27.16 -0.77 -3.91
C ILE A 367 -26.40 0.49 -3.51
N ILE A 368 -26.13 0.66 -2.22
CA ILE A 368 -25.35 1.79 -1.75
C ILE A 368 -24.00 1.84 -2.44
N LYS A 369 -23.44 0.69 -2.79
CA LYS A 369 -22.12 0.63 -3.42
C LYS A 369 -22.17 1.02 -4.89
N GLU A 370 -23.34 1.31 -5.45
CA GLU A 370 -23.47 1.62 -6.85
C GLU A 370 -23.76 3.08 -7.13
N VAL A 371 -23.89 3.91 -6.10
CA VAL A 371 -24.16 5.33 -6.29
C VAL A 371 -22.87 6.14 -6.40
N GLU A 372 -21.72 5.47 -6.48
CA GLU A 372 -20.49 6.13 -6.89
C GLU A 372 -20.51 6.42 -8.39
N GLY A 373 -20.93 5.44 -9.18
CA GLY A 373 -21.09 5.65 -10.60
C GLY A 373 -22.10 6.72 -10.95
N PHE A 374 -23.08 6.95 -10.08
CA PHE A 374 -24.04 8.02 -10.32
C PHE A 374 -23.38 9.39 -10.18
N ILE A 375 -22.52 9.56 -9.17
CA ILE A 375 -21.74 10.79 -9.04
C ILE A 375 -20.82 10.96 -10.26
N MET A 376 -20.19 9.86 -10.68
CA MET A 376 -19.30 9.92 -11.84
C MET A 376 -20.06 10.33 -13.10
N SER A 377 -21.26 9.81 -13.28
CA SER A 377 -22.08 10.17 -14.44
C SER A 377 -22.48 11.63 -14.40
N LEU A 378 -22.77 12.15 -13.20
CA LEU A 378 -23.14 13.55 -13.10
C LEU A 378 -21.95 14.48 -13.35
N ILE A 379 -20.74 14.01 -13.06
CA ILE A 379 -19.54 14.77 -13.40
C ILE A 379 -19.28 14.75 -14.90
N LEU A 380 -19.41 13.57 -15.51
CA LEU A 380 -19.19 13.44 -16.95
C LEU A 380 -20.26 14.13 -17.77
N ASN A 381 -21.46 14.33 -17.23
CA ASN A 381 -22.45 15.14 -17.90
C ASN A 381 -22.02 16.61 -17.99
N ILE A 382 -21.03 17.02 -17.21
CA ILE A 382 -20.47 18.35 -17.28
C ILE A 382 -19.22 18.38 -18.15
N THR A 383 -18.32 17.42 -17.96
CA THR A 383 -17.00 17.50 -18.58
C THR A 383 -16.92 16.87 -19.97
N GLU A 384 -17.81 15.92 -20.32
CA GLU A 384 -17.68 15.15 -21.55
C GLU A 384 -18.63 15.64 -22.63
N GLU A 385 -18.48 15.05 -23.82
CA GLU A 385 -19.32 15.34 -24.97
C GLU A 385 -20.28 14.18 -25.23
N ASP A 386 -21.22 14.43 -26.15
CA ASP A 386 -22.51 13.73 -26.18
C ASP A 386 -22.38 12.21 -26.07
N GLN A 387 -21.57 11.62 -26.94
CA GLN A 387 -21.56 10.16 -27.09
C GLN A 387 -20.98 9.49 -25.85
N PHE A 388 -19.84 9.99 -25.37
CA PHE A 388 -19.19 9.39 -24.22
C PHE A 388 -20.10 9.41 -23.00
N ARG A 389 -20.72 10.56 -22.72
CA ARG A 389 -21.52 10.69 -21.52
C ARG A 389 -22.85 9.95 -21.63
N LYS A 390 -23.43 9.88 -22.83
CA LYS A 390 -24.64 9.07 -22.99
C LYS A 390 -24.35 7.61 -22.72
N ARG A 391 -23.26 7.10 -23.30
CA ARG A 391 -22.89 5.70 -23.07
C ARG A 391 -22.65 5.42 -21.59
N PHE A 392 -21.95 6.33 -20.91
CA PHE A 392 -21.69 6.12 -19.49
C PHE A 392 -22.98 6.13 -18.67
N TYR A 393 -23.87 7.08 -18.93
CA TYR A 393 -25.13 7.16 -18.20
C TYR A 393 -25.93 5.87 -18.33
N ASN A 394 -26.05 5.36 -19.56
CA ASN A 394 -26.86 4.17 -19.76
C ASN A 394 -26.26 2.95 -19.07
N SER A 395 -24.94 2.79 -19.18
CA SER A 395 -24.29 1.70 -18.47
C SER A 395 -24.49 1.81 -16.96
N MET A 396 -24.46 3.02 -16.41
CA MET A 396 -24.63 3.21 -14.98
C MET A 396 -26.03 2.80 -14.53
N LEU A 397 -27.06 3.22 -15.27
CA LEU A 397 -28.42 2.84 -14.92
C LEU A 397 -28.58 1.33 -14.93
N ASN A 398 -28.01 0.68 -15.94
CA ASN A 398 -28.06 -0.79 -15.99
C ASN A 398 -27.39 -1.40 -14.76
N ASN A 399 -26.23 -0.88 -14.37
CA ASN A 399 -25.52 -1.39 -13.20
C ASN A 399 -26.37 -1.28 -11.94
N ILE A 400 -27.00 -0.13 -11.75
CA ILE A 400 -27.79 0.11 -10.54
C ILE A 400 -28.96 -0.85 -10.46
N THR A 401 -29.70 -1.00 -11.56
CA THR A 401 -30.88 -1.85 -11.47
C THR A 401 -30.50 -3.34 -11.39
N ASP A 402 -29.36 -3.73 -11.96
CA ASP A 402 -28.90 -5.10 -11.77
C ASP A 402 -28.54 -5.36 -10.32
N ALA A 403 -27.87 -4.40 -9.68
CA ALA A 403 -27.56 -4.53 -8.26
C ALA A 403 -28.83 -4.68 -7.42
N ALA A 404 -29.86 -3.90 -7.73
CA ALA A 404 -31.09 -3.97 -6.93
C ALA A 404 -31.85 -5.27 -7.15
N ASN A 405 -31.89 -5.77 -8.39
CA ASN A 405 -32.52 -7.06 -8.64
C ASN A 405 -31.79 -8.20 -7.95
N LYS A 406 -30.45 -8.18 -8.00
CA LYS A 406 -29.68 -9.21 -7.31
C LYS A 406 -29.88 -9.13 -5.80
N ALA A 407 -29.94 -7.91 -5.26
CA ALA A 407 -30.18 -7.75 -3.82
C ALA A 407 -31.51 -8.34 -3.42
N GLN A 408 -32.56 -8.08 -4.19
CA GLN A 408 -33.87 -8.62 -3.85
C GLN A 408 -33.89 -10.14 -3.93
N LYS A 409 -33.26 -10.71 -4.96
CA LYS A 409 -33.25 -12.16 -5.11
C LYS A 409 -32.51 -12.84 -3.97
N ASN A 410 -31.32 -12.33 -3.64
CA ASN A 410 -30.52 -12.91 -2.56
C ASN A 410 -31.20 -12.75 -1.21
N LEU A 411 -31.83 -11.60 -0.97
CA LEU A 411 -32.58 -11.41 0.27
C LEU A 411 -33.70 -12.44 0.40
N LEU A 412 -34.52 -12.57 -0.63
CA LEU A 412 -35.63 -13.51 -0.54
C LEU A 412 -35.16 -14.95 -0.39
N SER A 413 -33.99 -15.30 -0.94
CA SER A 413 -33.54 -16.67 -0.81
C SER A 413 -32.87 -16.95 0.54
N ARG A 414 -32.26 -15.94 1.18
CA ARG A 414 -31.56 -16.20 2.43
C ARG A 414 -32.50 -16.35 3.61
N VAL A 415 -33.33 -15.34 3.86
CA VAL A 415 -34.23 -15.36 5.03
C VAL A 415 -35.52 -16.01 4.55
N CYS A 416 -35.50 -17.32 4.51
CA CYS A 416 -36.69 -18.07 4.10
C CYS A 416 -37.01 -19.21 5.05
N HIS A 417 -36.01 -19.90 5.56
CA HIS A 417 -36.20 -20.96 6.54
C HIS A 417 -35.52 -20.61 7.86
N THR A 418 -35.49 -19.32 8.17
CA THR A 418 -34.87 -18.78 9.36
C THR A 418 -35.95 -18.11 10.21
N LEU A 419 -35.52 -17.44 11.27
CA LEU A 419 -36.42 -16.73 12.16
C LEU A 419 -36.81 -15.36 11.63
N LEU A 420 -36.29 -14.96 10.47
CA LEU A 420 -36.53 -13.63 9.92
C LEU A 420 -37.36 -13.66 8.64
N ASP A 421 -38.14 -14.71 8.44
CA ASP A 421 -38.88 -14.86 7.19
C ASP A 421 -40.10 -13.96 7.10
N LYS A 422 -40.66 -13.54 8.23
CA LYS A 422 -41.80 -12.64 8.24
C LYS A 422 -41.40 -11.18 8.26
N THR A 423 -40.11 -10.88 8.16
CA THR A 423 -39.61 -9.53 8.28
C THR A 423 -39.43 -8.84 6.94
N VAL A 424 -39.64 -9.52 5.83
CA VAL A 424 -39.45 -8.92 4.52
C VAL A 424 -40.66 -8.06 4.19
N SER A 425 -40.40 -6.82 3.80
CA SER A 425 -41.46 -5.85 3.53
C SER A 425 -42.29 -6.29 2.32
N ASP A 426 -43.46 -5.68 2.20
CA ASP A 426 -44.32 -5.95 1.07
C ASP A 426 -43.95 -5.11 -0.14
N ASN A 427 -43.20 -4.04 0.06
CA ASN A 427 -42.69 -3.19 -1.02
C ASN A 427 -41.50 -3.80 -1.74
N ILE A 428 -41.16 -5.05 -1.47
CA ILE A 428 -40.07 -5.74 -2.14
C ILE A 428 -40.59 -6.60 -3.28
N ILE A 429 -41.70 -7.30 -3.06
CA ILE A 429 -42.30 -8.08 -4.13
C ILE A 429 -43.28 -7.23 -4.94
N ASN A 430 -43.86 -6.18 -4.33
CA ASN A 430 -44.65 -5.21 -5.09
C ASN A 430 -43.86 -4.63 -6.25
N GLY A 431 -42.57 -4.44 -6.05
CA GLY A 431 -41.74 -3.73 -7.01
C GLY A 431 -41.70 -2.24 -6.82
N ARG A 432 -42.25 -1.72 -5.73
CA ARG A 432 -42.33 -0.28 -5.50
C ARG A 432 -41.07 0.29 -4.88
N TRP A 433 -40.14 -0.55 -4.43
CA TRP A 433 -38.84 -0.09 -3.95
C TRP A 433 -38.22 0.89 -4.93
N ILE A 434 -38.43 0.67 -6.23
CA ILE A 434 -37.79 1.49 -7.24
C ILE A 434 -38.13 2.95 -7.05
N ILE A 435 -39.38 3.25 -6.68
CA ILE A 435 -39.76 4.62 -6.41
C ILE A 435 -38.86 5.22 -5.34
N LEU A 436 -38.72 4.53 -4.21
CA LEU A 436 -37.80 4.97 -3.16
C LEU A 436 -36.42 5.22 -3.73
N LEU A 437 -35.89 4.26 -4.50
CA LEU A 437 -34.57 4.43 -5.11
C LEU A 437 -34.51 5.71 -5.91
N SER A 438 -35.53 5.94 -6.74
CA SER A 438 -35.62 7.18 -7.51
C SER A 438 -35.37 8.39 -6.62
N LYS A 439 -36.13 8.50 -5.52
CA LYS A 439 -35.99 9.64 -4.62
C LYS A 439 -34.54 9.85 -4.24
N PHE A 440 -33.88 8.77 -3.78
CA PHE A 440 -32.48 8.84 -3.41
C PHE A 440 -31.66 9.55 -4.47
N LEU A 441 -31.71 9.03 -5.71
CA LEU A 441 -30.88 9.59 -6.76
C LEU A 441 -31.21 11.05 -6.99
N LYS A 442 -32.50 11.41 -6.98
CA LYS A 442 -32.86 12.80 -7.21
C LYS A 442 -32.25 13.70 -6.15
N LEU A 443 -32.28 13.26 -4.89
CA LEU A 443 -31.68 14.06 -3.83
C LEU A 443 -30.19 14.25 -4.08
N ILE A 444 -29.50 13.20 -4.53
CA ILE A 444 -28.09 13.34 -4.85
C ILE A 444 -27.91 14.39 -5.93
N LYS A 445 -28.77 14.37 -6.94
CA LYS A 445 -28.64 15.35 -8.02
C LYS A 445 -28.92 16.75 -7.52
N LEU A 446 -29.70 16.89 -6.45
CA LEU A 446 -29.89 18.21 -5.84
C LEU A 446 -28.72 18.60 -4.97
N ALA A 447 -28.09 17.64 -4.30
CA ALA A 447 -26.94 17.95 -3.49
C ALA A 447 -25.76 18.38 -4.35
N GLY A 448 -25.58 17.73 -5.50
CA GLY A 448 -24.49 18.09 -6.39
C GLY A 448 -24.60 19.51 -6.94
N ASP A 449 -25.80 19.90 -7.36
CA ASP A 449 -26.11 21.26 -7.81
C ASP A 449 -25.46 21.62 -9.13
N ASN A 450 -25.08 20.63 -9.94
CA ASN A 450 -24.36 20.85 -11.20
C ASN A 450 -23.07 21.63 -10.98
N ASN A 451 -22.42 21.36 -9.84
CA ASN A 451 -21.20 22.04 -9.42
C ASN A 451 -20.15 20.97 -9.22
N LEU A 452 -19.03 21.08 -9.95
CA LEU A 452 -17.97 20.10 -9.79
C LEU A 452 -17.43 20.08 -8.37
N ASN A 453 -17.56 21.19 -7.64
CA ASN A 453 -17.07 21.27 -6.27
C ASN A 453 -17.91 20.43 -5.32
N ASN A 454 -19.23 20.65 -5.32
CA ASN A 454 -20.13 19.80 -4.56
C ASN A 454 -20.04 18.35 -5.02
N LEU A 455 -19.96 18.12 -6.33
CA LEU A 455 -20.01 16.77 -6.85
C LEU A 455 -18.75 15.98 -6.49
N SER A 456 -17.61 16.65 -6.37
CA SER A 456 -16.40 15.96 -5.94
C SER A 456 -16.32 15.84 -4.43
N GLU A 457 -16.92 16.77 -3.69
CA GLU A 457 -16.98 16.60 -2.25
C GLU A 457 -17.91 15.47 -1.84
N LEU A 458 -18.96 15.22 -2.63
CA LEU A 458 -20.01 14.26 -2.27
C LEU A 458 -19.54 12.82 -2.19
N TYR A 459 -18.25 12.57 -2.36
CA TYR A 459 -17.75 11.21 -2.18
C TYR A 459 -17.68 10.79 -0.72
N PHE A 460 -18.09 11.64 0.23
CA PHE A 460 -18.23 11.21 1.61
C PHE A 460 -19.50 10.42 1.86
N LEU A 461 -20.44 10.43 0.92
CA LEU A 461 -21.68 9.69 1.08
C LEU A 461 -21.46 8.19 1.12
N PHE A 462 -20.32 7.71 0.66
CA PHE A 462 -20.06 6.28 0.55
C PHE A 462 -19.41 5.74 1.81
N ARG A 463 -19.10 6.63 2.75
CA ARG A 463 -18.52 6.27 4.03
C ARG A 463 -19.51 6.40 5.18
N ILE A 464 -20.70 6.94 4.93
CA ILE A 464 -21.49 7.56 5.98
C ILE A 464 -22.71 6.71 6.34
N PHE A 465 -22.82 5.51 5.80
CA PHE A 465 -23.94 4.62 6.06
C PHE A 465 -23.55 3.36 6.82
N GLY A 466 -22.28 3.20 7.14
CA GLY A 466 -21.83 2.03 7.86
C GLY A 466 -21.15 1.02 6.97
N HIS A 467 -20.99 -0.17 7.51
CA HIS A 467 -20.36 -1.28 6.83
C HIS A 467 -21.25 -2.50 6.88
N PRO A 468 -21.17 -3.38 5.89
CA PRO A 468 -21.95 -4.61 5.92
C PRO A 468 -21.29 -5.70 6.76
N MET A 469 -22.12 -6.67 7.15
CA MET A 469 -21.63 -7.92 7.69
C MET A 469 -21.18 -8.81 6.54
N VAL A 470 -19.94 -9.24 6.57
CA VAL A 470 -19.37 -10.03 5.48
C VAL A 470 -19.58 -11.51 5.75
N ASP A 471 -20.21 -12.20 4.81
CA ASP A 471 -20.35 -13.64 4.84
C ASP A 471 -19.11 -14.25 4.21
N GLU A 472 -18.36 -15.01 4.99
CA GLU A 472 -17.06 -15.48 4.56
C GLU A 472 -17.17 -16.71 3.65
N ARG A 473 -18.02 -17.66 4.05
CA ARG A 473 -18.17 -18.89 3.29
C ARG A 473 -18.68 -18.62 1.88
N GLN A 474 -19.58 -17.64 1.71
CA GLN A 474 -20.13 -17.40 0.39
C GLN A 474 -19.19 -16.57 -0.48
N ALA A 475 -18.33 -15.76 0.12
CA ALA A 475 -17.27 -15.12 -0.66
C ALA A 475 -16.29 -16.15 -1.20
N MET A 476 -15.89 -17.11 -0.35
CA MET A 476 -15.08 -18.21 -0.84
C MET A 476 -15.77 -18.95 -1.98
N ASP A 477 -17.08 -19.21 -1.83
CA ASP A 477 -17.82 -19.95 -2.85
C ASP A 477 -17.92 -19.17 -4.15
N ALA A 478 -17.88 -17.85 -4.09
CA ALA A 478 -17.86 -17.06 -5.33
C ALA A 478 -16.51 -17.12 -6.01
N VAL A 479 -15.42 -17.05 -5.24
CA VAL A 479 -14.08 -17.09 -5.83
C VAL A 479 -13.79 -18.45 -6.47
N LYS A 480 -14.34 -19.52 -5.88
CA LYS A 480 -14.00 -20.88 -6.32
C LYS A 480 -14.31 -21.11 -7.79
N ILE A 481 -15.46 -20.65 -8.27
CA ILE A 481 -15.90 -20.98 -9.62
C ILE A 481 -14.93 -20.41 -10.65
N ASN A 482 -14.46 -19.19 -10.42
CA ASN A 482 -13.53 -18.57 -11.36
C ASN A 482 -12.14 -19.16 -11.23
N CYS A 483 -11.73 -19.57 -10.04
CA CYS A 483 -10.38 -20.10 -9.90
C CYS A 483 -10.27 -21.59 -10.13
N ASN A 484 -11.37 -22.27 -10.48
CA ASN A 484 -11.32 -23.70 -10.79
C ASN A 484 -11.55 -24.00 -12.27
N GLU A 485 -11.62 -22.99 -13.11
CA GLU A 485 -12.03 -23.09 -14.49
C GLU A 485 -10.86 -23.50 -15.39
N THR A 486 -11.19 -24.01 -16.57
CA THR A 486 -10.20 -24.36 -17.58
C THR A 486 -10.19 -23.29 -18.66
N LYS A 487 -9.00 -22.84 -19.03
CA LYS A 487 -8.79 -21.82 -20.05
C LYS A 487 -8.19 -22.46 -21.30
N PHE A 488 -8.45 -21.84 -22.45
CA PHE A 488 -7.99 -22.33 -23.73
C PHE A 488 -7.23 -21.22 -24.44
N TYR A 489 -5.99 -21.51 -24.82
CA TYR A 489 -5.12 -20.53 -25.45
C TYR A 489 -4.65 -21.03 -26.80
N LEU A 490 -4.25 -20.08 -27.65
CA LEU A 490 -3.49 -20.40 -28.84
C LEU A 490 -2.01 -20.23 -28.52
N LEU A 491 -1.18 -21.16 -29.00
CA LEU A 491 0.24 -21.10 -28.72
C LEU A 491 0.87 -19.79 -29.18
N SER A 492 0.33 -19.20 -30.25
CA SER A 492 0.82 -17.92 -30.75
C SER A 492 0.61 -16.82 -29.73
N SER A 493 -0.49 -16.87 -28.99
CA SER A 493 -0.78 -15.86 -27.98
C SER A 493 0.27 -15.88 -26.88
N LEU A 494 0.60 -17.08 -26.41
CA LEU A 494 1.59 -17.23 -25.35
C LEU A 494 2.96 -16.82 -25.82
N SER A 495 3.34 -17.19 -27.05
CA SER A 495 4.68 -16.83 -27.49
C SER A 495 4.80 -15.33 -27.78
N MET A 496 3.74 -14.67 -28.23
CA MET A 496 3.83 -13.23 -28.41
C MET A 496 3.88 -12.51 -27.08
N LEU A 497 3.13 -12.97 -26.06
CA LEU A 497 3.22 -12.35 -24.75
C LEU A 497 4.61 -12.51 -24.14
N ARG A 498 5.18 -13.71 -24.24
CA ARG A 498 6.53 -13.95 -23.75
C ARG A 498 7.57 -13.13 -24.52
N GLY A 499 7.40 -13.00 -25.83
CA GLY A 499 8.32 -12.20 -26.61
C GLY A 499 8.26 -10.72 -26.27
N ALA A 500 7.07 -10.21 -25.96
CA ALA A 500 6.94 -8.82 -25.52
C ALA A 500 7.61 -8.60 -24.17
N PHE A 501 7.48 -9.56 -23.26
CA PHE A 501 8.19 -9.47 -21.98
C PHE A 501 9.70 -9.44 -22.20
N ILE A 502 10.21 -10.37 -23.00
CA ILE A 502 11.65 -10.43 -23.26
C ILE A 502 12.13 -9.15 -23.94
N TYR A 503 11.29 -8.55 -24.80
CA TYR A 503 11.66 -7.30 -25.43
C TYR A 503 11.79 -6.18 -24.42
N ARG A 504 10.85 -6.09 -23.46
CA ARG A 504 10.99 -5.11 -22.39
C ARG A 504 12.28 -5.30 -21.62
N ILE A 505 12.64 -6.55 -21.34
CA ILE A 505 13.87 -6.82 -20.58
C ILE A 505 15.11 -6.42 -21.37
N ILE A 506 15.16 -6.77 -22.65
CA ILE A 506 16.31 -6.43 -23.50
C ILE A 506 16.47 -4.92 -23.60
N LYS A 507 15.37 -4.22 -23.88
CA LYS A 507 15.39 -2.78 -23.99
C LYS A 507 15.87 -2.12 -22.69
N GLY A 508 15.40 -2.62 -21.55
CA GLY A 508 15.82 -2.05 -20.28
C GLY A 508 17.28 -2.30 -19.96
N PHE A 509 17.79 -3.50 -20.26
CA PHE A 509 19.23 -3.73 -20.11
C PHE A 509 20.06 -2.82 -21.00
N VAL A 510 19.68 -2.66 -22.27
CA VAL A 510 20.47 -1.80 -23.14
C VAL A 510 20.42 -0.35 -22.67
N ASN A 511 19.29 0.08 -22.09
CA ASN A 511 19.19 1.46 -21.62
C ASN A 511 19.95 1.68 -20.33
N ASN A 512 19.83 0.76 -19.37
CA ASN A 512 20.42 0.98 -18.05
C ASN A 512 21.89 0.56 -18.01
N TYR A 513 22.19 -0.66 -18.46
CA TYR A 513 23.53 -1.22 -18.33
C TYR A 513 24.35 -1.15 -19.61
N ASN A 514 23.81 -0.54 -20.67
CA ASN A 514 24.55 -0.28 -21.91
C ASN A 514 24.98 -1.56 -22.62
N ARG A 515 24.18 -2.62 -22.49
CA ARG A 515 24.57 -3.93 -22.96
C ARG A 515 23.36 -4.86 -22.94
N TRP A 516 23.24 -5.71 -23.95
CA TRP A 516 22.26 -6.78 -23.94
C TRP A 516 22.50 -7.70 -22.74
N PRO A 517 21.47 -8.39 -22.26
CA PRO A 517 21.71 -9.48 -21.31
C PRO A 517 22.52 -10.58 -21.97
N THR A 518 23.09 -11.45 -21.16
CA THR A 518 23.91 -12.53 -21.69
C THR A 518 23.02 -13.68 -22.10
N LEU A 519 23.06 -14.04 -23.39
CA LEU A 519 22.28 -15.13 -23.94
C LEU A 519 23.07 -16.43 -23.87
N ARG A 520 22.35 -17.54 -23.73
CA ARG A 520 22.99 -18.84 -23.73
C ARG A 520 22.60 -19.70 -24.92
N ASN A 521 21.74 -19.20 -25.81
CA ASN A 521 21.37 -19.91 -27.04
C ASN A 521 21.29 -18.93 -28.21
N ALA A 522 22.27 -18.04 -28.34
CA ALA A 522 22.21 -16.95 -29.30
C ALA A 522 22.10 -17.40 -30.75
N ILE A 523 22.08 -18.71 -31.00
CA ILE A 523 22.05 -19.23 -32.36
C ILE A 523 20.62 -19.42 -32.84
N VAL A 524 19.65 -18.91 -32.08
CA VAL A 524 18.26 -18.91 -32.51
C VAL A 524 17.87 -17.63 -33.23
N LEU A 525 18.72 -16.61 -33.19
CA LEU A 525 18.42 -15.31 -33.81
C LEU A 525 18.80 -15.34 -35.28
N PRO A 526 17.93 -14.88 -36.20
CA PRO A 526 18.18 -15.14 -37.62
C PRO A 526 19.40 -14.44 -38.22
N LEU A 527 19.30 -13.15 -38.51
CA LEU A 527 20.47 -12.38 -38.93
C LEU A 527 20.40 -10.94 -38.45
N ARG A 528 19.20 -10.36 -38.52
CA ARG A 528 18.98 -8.98 -38.15
C ARG A 528 19.11 -8.80 -36.64
N TRP A 529 18.59 -9.77 -35.88
CA TRP A 529 18.70 -9.71 -34.44
C TRP A 529 20.10 -10.07 -33.98
N LEU A 530 20.85 -10.86 -34.76
CA LEU A 530 22.26 -11.04 -34.45
C LEU A 530 23.01 -9.72 -34.58
N THR A 531 22.64 -8.89 -35.55
CA THR A 531 23.28 -7.59 -35.68
C THR A 531 22.88 -6.67 -34.52
N TYR A 532 21.61 -6.69 -34.13
CA TYR A 532 21.22 -5.92 -32.94
C TYR A 532 21.95 -6.41 -31.69
N TYR A 533 22.22 -7.70 -31.59
CA TYR A 533 22.92 -8.24 -30.44
C TYR A 533 24.39 -7.83 -30.45
N LYS A 534 25.04 -7.92 -31.60
CA LYS A 534 26.46 -7.55 -31.69
C LYS A 534 26.67 -6.07 -31.46
N LEU A 535 25.78 -5.22 -32.00
CA LEU A 535 25.96 -3.79 -31.87
C LEU A 535 25.40 -3.23 -30.56
N ASN A 536 24.72 -4.05 -29.76
CA ASN A 536 24.14 -3.62 -28.48
C ASN A 536 23.07 -2.55 -28.67
N THR A 537 22.17 -2.80 -29.64
CA THR A 537 21.05 -1.91 -29.91
C THR A 537 19.77 -2.72 -29.97
N TYR A 538 18.64 -2.03 -30.13
CA TYR A 538 17.35 -2.67 -30.29
C TYR A 538 16.51 -1.83 -31.25
N PRO A 539 15.55 -2.41 -31.94
CA PRO A 539 14.65 -1.63 -32.78
C PRO A 539 13.53 -0.99 -31.97
N SER A 540 12.79 -0.12 -32.63
CA SER A 540 11.67 0.56 -32.00
C SER A 540 10.38 -0.25 -32.15
N LEU A 541 9.35 0.17 -31.41
CA LEU A 541 8.05 -0.48 -31.52
C LEU A 541 7.44 -0.32 -32.91
N LEU A 542 7.72 0.80 -33.59
CA LEU A 542 7.19 0.99 -34.92
C LEU A 542 7.91 0.12 -35.95
N GLU A 543 9.18 -0.23 -35.70
CA GLU A 543 9.91 -1.11 -36.59
C GLU A 543 9.75 -2.58 -36.23
N LEU A 544 9.02 -2.88 -35.15
CA LEU A 544 8.84 -4.21 -34.63
C LEU A 544 7.64 -4.89 -35.29
N THR A 545 7.61 -6.21 -35.23
CA THR A 545 6.55 -7.00 -35.83
C THR A 545 6.13 -8.08 -34.84
N GLU A 546 5.18 -8.92 -35.23
CA GLU A 546 4.76 -10.04 -34.40
C GLU A 546 5.64 -11.27 -34.60
N ARG A 547 6.16 -11.47 -35.81
CA ARG A 547 7.19 -12.47 -36.01
C ARG A 547 8.41 -12.19 -35.15
N ASP A 548 8.73 -10.90 -34.94
CA ASP A 548 9.86 -10.55 -34.11
C ASP A 548 9.64 -10.97 -32.66
N LEU A 549 8.43 -10.81 -32.16
CA LEU A 549 8.13 -11.23 -30.80
C LEU A 549 8.15 -12.74 -30.67
N ILE A 550 7.63 -13.46 -31.67
CA ILE A 550 7.71 -14.91 -31.62
C ILE A 550 9.15 -15.40 -31.69
N VAL A 551 10.02 -14.68 -32.41
CA VAL A 551 11.43 -15.06 -32.48
C VAL A 551 12.13 -14.75 -31.16
N LEU A 552 11.80 -13.62 -30.53
CA LEU A 552 12.38 -13.30 -29.24
C LEU A 552 11.92 -14.26 -28.16
N SER A 553 10.75 -14.87 -28.34
CA SER A 553 10.24 -15.83 -27.36
C SER A 553 11.10 -17.07 -27.18
N GLY A 554 12.15 -17.25 -27.98
CA GLY A 554 12.96 -18.44 -27.93
C GLY A 554 14.28 -18.29 -27.22
N LEU A 555 14.52 -17.17 -26.55
CA LEU A 555 15.80 -16.89 -25.92
C LEU A 555 15.85 -17.43 -24.50
N ARG A 556 17.04 -17.88 -24.08
CA ARG A 556 17.34 -18.25 -22.71
C ARG A 556 18.53 -17.42 -22.25
N PHE A 557 18.61 -17.20 -20.94
CA PHE A 557 19.53 -16.22 -20.37
C PHE A 557 20.46 -16.85 -19.34
N TYR A 558 21.57 -16.17 -19.11
CA TYR A 558 22.50 -16.45 -18.03
C TYR A 558 22.24 -15.49 -16.88
N ARG A 559 22.59 -15.94 -15.67
CA ARG A 559 22.32 -15.14 -14.48
C ARG A 559 22.95 -13.77 -14.57
N GLU A 560 22.17 -12.74 -14.24
CA GLU A 560 22.65 -11.38 -14.14
C GLU A 560 22.62 -10.83 -12.71
N PHE A 561 21.54 -11.07 -11.98
CA PHE A 561 21.41 -10.59 -10.61
C PHE A 561 21.66 -11.73 -9.63
N ARG A 562 21.85 -11.36 -8.36
CA ARG A 562 22.18 -12.30 -7.31
C ARG A 562 21.15 -12.24 -6.19
N LEU A 563 21.01 -13.36 -5.50
CA LEU A 563 20.19 -13.52 -4.31
C LEU A 563 21.00 -13.19 -3.06
N PRO A 564 20.39 -12.52 -2.08
CA PRO A 564 21.09 -12.29 -0.81
C PRO A 564 21.20 -13.57 -0.02
N LYS A 565 22.38 -13.78 0.57
CA LYS A 565 22.63 -15.04 1.26
C LYS A 565 22.26 -15.01 2.74
N LYS A 566 22.22 -13.83 3.35
CA LYS A 566 21.78 -13.67 4.72
C LYS A 566 20.40 -13.06 4.75
N VAL A 567 19.51 -13.63 5.58
CA VAL A 567 18.16 -13.12 5.65
C VAL A 567 18.16 -11.73 6.25
N ASP A 568 17.27 -10.88 5.79
CA ASP A 568 17.07 -9.56 6.35
C ASP A 568 15.90 -9.64 7.32
N LEU A 569 16.13 -9.20 8.56
CA LEU A 569 15.12 -9.35 9.59
C LEU A 569 14.02 -8.31 9.53
N GLU A 570 14.29 -7.15 8.94
CA GLU A 570 13.28 -6.11 8.91
C GLU A 570 12.22 -6.32 7.84
N MET A 571 12.46 -7.22 6.89
CA MET A 571 11.45 -7.52 5.88
C MET A 571 10.56 -8.70 6.25
N ILE A 572 10.97 -9.52 7.21
CA ILE A 572 10.21 -10.69 7.58
C ILE A 572 9.48 -10.55 8.91
N ILE A 573 9.90 -9.63 9.77
CA ILE A 573 9.27 -9.46 11.06
C ILE A 573 8.14 -8.44 10.94
N ASN A 574 7.03 -8.70 11.63
CA ASN A 574 5.79 -8.01 11.36
C ASN A 574 4.98 -7.94 12.64
N ASP A 575 3.84 -7.25 12.59
CA ASP A 575 2.93 -7.19 13.72
C ASP A 575 1.57 -7.74 13.29
N LYS A 576 1.57 -8.88 12.62
CA LYS A 576 0.37 -9.51 12.12
C LYS A 576 0.35 -10.97 12.55
N ALA A 577 -0.72 -11.67 12.20
CA ALA A 577 -0.89 -13.05 12.59
C ALA A 577 -0.36 -13.99 11.50
N ILE A 578 -0.25 -15.27 11.85
CA ILE A 578 0.35 -16.27 10.97
C ILE A 578 -0.52 -17.52 11.03
N SER A 579 -0.48 -18.29 9.94
CA SER A 579 -1.28 -19.49 9.88
C SER A 579 -0.54 -20.67 10.53
N PRO A 580 -1.25 -21.55 11.22
CA PRO A 580 -0.62 -22.75 11.75
C PRO A 580 -0.32 -23.73 10.64
N PRO A 581 0.49 -24.76 10.91
CA PRO A 581 0.70 -25.80 9.90
C PRO A 581 -0.59 -26.49 9.51
N LYS A 582 -0.53 -27.41 8.54
CA LYS A 582 -1.74 -28.07 8.09
C LYS A 582 -2.26 -29.06 9.12
N ASN A 583 -1.39 -29.60 9.97
CA ASN A 583 -1.83 -30.54 10.99
C ASN A 583 -2.37 -29.85 12.23
N LEU A 584 -2.01 -28.61 12.47
CA LEU A 584 -2.48 -27.84 13.61
C LEU A 584 -3.46 -26.75 13.18
N ILE A 585 -4.28 -27.04 12.16
CA ILE A 585 -5.22 -26.04 11.68
C ILE A 585 -6.50 -26.03 12.50
N TRP A 586 -6.86 -27.17 13.10
CA TRP A 586 -8.05 -27.28 13.91
C TRP A 586 -7.96 -26.50 15.21
N THR A 587 -6.80 -25.95 15.52
CA THR A 587 -6.64 -25.02 16.64
C THR A 587 -7.04 -23.60 16.26
N SER A 588 -7.64 -23.40 15.10
CA SER A 588 -8.14 -22.10 14.69
C SER A 588 -9.54 -21.81 15.22
N PHE A 589 -10.23 -22.81 15.73
CA PHE A 589 -11.63 -22.72 16.13
C PHE A 589 -11.77 -23.04 17.61
N PRO A 590 -12.83 -22.56 18.25
CA PRO A 590 -13.07 -22.90 19.66
C PRO A 590 -13.10 -24.42 19.87
N ARG A 591 -12.69 -24.83 21.07
CA ARG A 591 -12.69 -26.25 21.40
C ARG A 591 -14.09 -26.83 21.45
N ASN A 592 -15.10 -26.00 21.70
CA ASN A 592 -16.48 -26.47 21.78
C ASN A 592 -17.05 -26.77 20.40
N TYR A 593 -16.59 -26.07 19.37
CA TYR A 593 -17.10 -26.22 18.03
C TYR A 593 -16.50 -27.39 17.27
N MET A 594 -15.46 -28.03 17.80
CA MET A 594 -14.79 -29.14 17.13
C MET A 594 -15.29 -30.46 17.67
N PRO A 595 -15.31 -31.51 16.84
CA PRO A 595 -15.77 -32.81 17.30
C PRO A 595 -14.92 -33.35 18.43
N SER A 596 -15.40 -34.41 19.06
CA SER A 596 -14.69 -35.00 20.17
C SER A 596 -13.47 -35.79 19.75
N HIS A 597 -13.40 -36.21 18.49
CA HIS A 597 -12.23 -36.93 17.99
C HIS A 597 -11.15 -35.99 17.47
N ILE A 598 -11.48 -34.72 17.22
CA ILE A 598 -10.48 -33.74 16.83
C ILE A 598 -9.80 -33.17 18.07
N GLN A 599 -10.51 -33.11 19.20
CA GLN A 599 -9.92 -32.59 20.42
C GLN A 599 -8.88 -33.55 20.98
N ASN A 600 -9.10 -34.86 20.86
CA ASN A 600 -8.11 -35.82 21.30
C ASN A 600 -6.89 -35.84 20.38
N TYR A 601 -7.10 -35.49 19.11
CA TYR A 601 -6.02 -35.54 18.12
C TYR A 601 -5.14 -34.31 18.18
N ILE A 602 -5.72 -33.15 18.48
CA ILE A 602 -4.93 -31.93 18.58
C ILE A 602 -3.91 -32.04 19.71
N GLU A 603 -4.32 -32.58 20.85
CA GLU A 603 -3.42 -32.62 22.00
C GLU A 603 -2.30 -33.63 21.84
N HIS A 604 -2.45 -34.59 20.93
CA HIS A 604 -1.36 -35.52 20.63
C HIS A 604 -0.50 -35.03 19.48
N GLU A 605 -1.06 -34.27 18.54
CA GLU A 605 -0.23 -33.69 17.49
C GLU A 605 0.60 -32.52 18.01
N LYS A 606 0.14 -31.84 19.06
CA LYS A 606 0.89 -30.70 19.55
C LYS A 606 2.19 -31.10 20.24
N LEU A 607 2.44 -32.38 20.42
CA LEU A 607 3.70 -32.85 20.97
C LEU A 607 4.75 -33.13 19.90
N LYS A 608 4.38 -33.10 18.62
CA LYS A 608 5.30 -33.36 17.53
C LYS A 608 5.83 -32.10 16.89
N PHE A 609 5.34 -30.93 17.28
CA PHE A 609 5.72 -29.68 16.66
C PHE A 609 6.54 -28.85 17.63
N SER A 610 7.31 -27.93 17.08
CA SER A 610 8.12 -27.04 17.89
C SER A 610 7.26 -25.93 18.46
N GLU A 611 7.84 -25.13 19.35
CA GLU A 611 7.10 -24.05 19.98
C GLU A 611 7.02 -22.83 19.07
N SER A 612 7.79 -22.81 17.98
CA SER A 612 7.66 -21.79 16.96
C SER A 612 6.54 -22.10 15.97
N ASP A 613 6.25 -23.38 15.75
CA ASP A 613 5.16 -23.78 14.86
C ASP A 613 3.79 -23.62 15.47
N LYS A 614 3.70 -23.33 16.77
CA LYS A 614 2.43 -23.19 17.47
C LYS A 614 2.22 -21.76 17.95
N SER A 615 2.58 -20.79 17.12
CA SER A 615 2.82 -19.43 17.57
C SER A 615 1.64 -18.48 17.37
N ARG A 616 0.98 -18.53 16.21
CA ARG A 616 -0.20 -17.72 15.91
C ARG A 616 0.11 -16.25 15.69
N ARG A 617 1.36 -15.84 15.89
CA ARG A 617 1.81 -14.49 15.53
C ARG A 617 3.15 -14.60 14.84
N VAL A 618 3.46 -13.61 14.00
CA VAL A 618 4.72 -13.63 13.25
C VAL A 618 5.90 -13.33 14.17
N LEU A 619 5.78 -12.30 14.99
CA LEU A 619 6.84 -11.94 15.92
C LEU A 619 7.13 -13.09 16.88
N GLU A 620 6.08 -13.68 17.44
CA GLU A 620 6.24 -14.84 18.31
C GLU A 620 6.76 -16.05 17.53
N TYR A 621 6.42 -16.15 16.25
CA TYR A 621 6.99 -17.21 15.42
C TYR A 621 8.51 -17.10 15.34
N TYR A 622 9.02 -15.87 15.26
CA TYR A 622 10.46 -15.68 15.10
C TYR A 622 11.22 -15.63 16.42
N LEU A 623 10.60 -15.15 17.49
CA LEU A 623 11.29 -15.08 18.78
C LEU A 623 11.46 -16.43 19.44
N ARG A 624 10.64 -17.42 19.10
CA ARG A 624 10.65 -18.70 19.76
C ARG A 624 11.47 -19.75 19.03
N ASP A 625 12.26 -19.36 18.04
CA ASP A 625 13.01 -20.31 17.21
C ASP A 625 14.43 -20.45 17.75
N ASN A 626 14.69 -21.55 18.44
CA ASN A 626 16.00 -21.79 19.02
C ASN A 626 16.96 -22.47 18.06
N LYS A 627 16.56 -22.67 16.81
CA LYS A 627 17.42 -23.23 15.78
C LYS A 627 17.44 -22.34 14.56
N PHE A 628 17.43 -21.03 14.77
CA PHE A 628 17.44 -20.07 13.68
C PHE A 628 18.79 -20.07 12.97
N ASN A 629 18.79 -19.56 11.74
CA ASN A 629 20.00 -19.42 10.95
C ASN A 629 19.77 -18.33 9.91
N GLU A 630 20.78 -17.49 9.69
CA GLU A 630 20.64 -16.42 8.72
C GLU A 630 20.49 -16.95 7.29
N CYS A 631 21.11 -18.08 6.98
CA CYS A 631 21.10 -18.66 5.63
C CYS A 631 20.09 -19.78 5.47
N ASP A 632 18.93 -19.69 6.11
CA ASP A 632 17.88 -20.69 5.98
C ASP A 632 16.97 -20.42 4.79
N LEU A 633 16.55 -19.16 4.60
CA LEU A 633 15.75 -18.81 3.44
C LEU A 633 16.53 -19.04 2.14
N TYR A 634 17.83 -18.76 2.15
CA TYR A 634 18.66 -19.01 0.98
C TYR A 634 18.67 -20.49 0.62
N ASN A 635 18.86 -21.35 1.62
CA ASN A 635 18.93 -22.78 1.35
C ASN A 635 17.58 -23.35 0.95
N CYS A 636 16.50 -22.77 1.46
CA CYS A 636 15.16 -23.16 1.01
C CYS A 636 14.97 -22.81 -0.45
N VAL A 637 15.23 -21.55 -0.82
CA VAL A 637 15.02 -21.11 -2.19
C VAL A 637 15.92 -21.86 -3.16
N VAL A 638 17.12 -22.23 -2.72
CA VAL A 638 18.04 -22.91 -3.63
C VAL A 638 17.71 -24.39 -3.75
N ASN A 639 17.26 -25.03 -2.68
CA ASN A 639 16.95 -26.45 -2.73
C ASN A 639 15.49 -26.73 -3.04
N GLN A 640 14.66 -25.70 -3.14
CA GLN A 640 13.22 -25.82 -3.40
C GLN A 640 12.56 -26.74 -2.38
N SER A 641 12.64 -26.32 -1.12
CA SER A 641 12.04 -27.06 -0.02
C SER A 641 10.58 -26.67 0.21
N TYR A 642 10.07 -25.71 -0.54
CA TYR A 642 8.67 -25.34 -0.50
C TYR A 642 7.80 -26.16 -1.45
N LEU A 643 8.37 -27.15 -2.12
CA LEU A 643 7.68 -27.94 -3.12
C LEU A 643 7.28 -29.29 -2.53
N ASN A 644 6.04 -29.69 -2.76
CA ASN A 644 5.50 -30.97 -2.27
C ASN A 644 5.64 -31.08 -0.76
N ASN A 645 5.26 -30.01 -0.06
CA ASN A 645 5.47 -29.90 1.36
C ASN A 645 4.18 -30.25 2.09
N PRO A 646 4.20 -31.21 3.01
CA PRO A 646 2.94 -31.65 3.64
C PRO A 646 2.45 -30.74 4.75
N ASN A 647 2.96 -29.52 4.83
CA ASN A 647 2.54 -28.56 5.85
C ASN A 647 1.84 -27.35 5.27
N HIS A 648 1.56 -27.35 3.97
CA HIS A 648 1.04 -26.17 3.29
C HIS A 648 -0.48 -26.15 3.32
N VAL A 649 -1.04 -24.99 3.65
CA VAL A 649 -2.47 -24.78 3.80
C VAL A 649 -2.73 -23.32 3.46
N VAL A 650 -3.95 -22.99 3.07
CA VAL A 650 -4.30 -21.58 2.89
C VAL A 650 -5.52 -21.29 3.75
N SER A 651 -5.39 -20.26 4.59
CA SER A 651 -6.41 -19.83 5.53
C SER A 651 -6.96 -18.49 5.10
N LEU A 652 -8.27 -18.40 4.94
CA LEU A 652 -8.92 -17.16 4.54
C LEU A 652 -9.70 -16.59 5.72
N THR A 653 -9.51 -15.30 5.98
CA THR A 653 -10.25 -14.59 7.01
C THR A 653 -11.07 -13.47 6.38
N GLY A 654 -12.00 -12.93 7.16
CA GLY A 654 -12.90 -11.93 6.62
C GLY A 654 -12.26 -10.58 6.37
N LYS A 655 -11.26 -10.22 7.17
CA LYS A 655 -10.59 -8.93 7.07
C LYS A 655 -10.02 -8.67 5.68
N ARG A 663 -10.93 -7.80 1.77
CA ARG A 663 -11.69 -8.80 1.02
C ARG A 663 -10.95 -10.12 0.97
N MET A 664 -11.20 -10.98 1.96
CA MET A 664 -10.60 -12.31 2.04
C MET A 664 -9.07 -12.23 2.09
N PHE A 665 -8.59 -11.69 3.21
CA PHE A 665 -7.17 -11.74 3.52
C PHE A 665 -6.70 -13.17 3.70
N ALA A 666 -5.63 -13.55 2.97
CA ALA A 666 -5.15 -14.92 2.95
C ALA A 666 -3.84 -15.06 3.71
N MET A 667 -3.65 -16.22 4.35
CA MET A 667 -2.46 -16.52 5.12
C MET A 667 -1.96 -17.92 4.82
N GLN A 668 -0.67 -18.14 5.08
CA GLN A 668 -0.05 -19.45 4.99
C GLN A 668 1.02 -19.56 6.08
N PRO A 669 1.59 -20.76 6.33
CA PRO A 669 2.62 -20.88 7.39
C PRO A 669 3.88 -20.07 7.12
N GLY A 670 4.88 -20.17 8.00
CA GLY A 670 5.95 -19.18 8.03
C GLY A 670 6.97 -19.31 6.92
N MET A 671 7.32 -20.54 6.54
CA MET A 671 8.28 -20.76 5.47
C MET A 671 7.78 -20.20 4.14
N PHE A 672 6.55 -20.52 3.80
CA PHE A 672 6.00 -20.11 2.52
C PHE A 672 5.77 -18.61 2.50
N ARG A 673 5.48 -18.02 3.66
CA ARG A 673 5.38 -16.58 3.76
C ARG A 673 6.72 -15.91 3.49
N GLN A 674 7.79 -16.47 4.06
CA GLN A 674 9.15 -16.03 3.72
C GLN A 674 9.41 -16.04 2.23
N VAL A 675 9.09 -17.16 1.57
CA VAL A 675 9.38 -17.31 0.15
C VAL A 675 8.59 -16.32 -0.69
N GLN A 676 7.31 -16.11 -0.34
CA GLN A 676 6.50 -15.11 -1.02
C GLN A 676 7.10 -13.71 -0.92
N ILE A 677 7.49 -13.32 0.31
CA ILE A 677 8.05 -12.00 0.52
C ILE A 677 9.35 -11.82 -0.26
N LEU A 678 10.18 -12.87 -0.31
CA LEU A 678 11.44 -12.77 -1.04
C LEU A 678 11.20 -12.59 -2.53
N ALA A 679 10.26 -13.33 -3.12
CA ALA A 679 10.01 -13.17 -4.55
C ALA A 679 9.52 -11.76 -4.87
N GLU A 680 8.58 -11.25 -4.08
CA GLU A 680 8.11 -9.88 -4.32
C GLU A 680 9.23 -8.87 -4.15
N LYS A 681 10.11 -9.10 -3.19
CA LYS A 681 11.21 -8.17 -2.93
C LYS A 681 12.23 -8.16 -4.07
N MET A 682 12.54 -9.33 -4.62
CA MET A 682 13.46 -9.39 -5.75
C MET A 682 12.88 -8.71 -6.97
N ILE A 683 11.58 -8.89 -7.24
CA ILE A 683 10.97 -8.19 -8.37
C ILE A 683 11.02 -6.68 -8.14
N ALA A 684 10.69 -6.22 -6.93
CA ALA A 684 10.72 -4.79 -6.67
C ALA A 684 12.11 -4.21 -6.78
N GLU A 685 13.15 -4.98 -6.41
CA GLU A 685 14.50 -4.47 -6.34
C GLU A 685 15.18 -4.45 -7.71
N ASN A 686 15.12 -5.55 -8.45
CA ASN A 686 15.91 -5.70 -9.67
C ASN A 686 15.15 -5.38 -10.95
N ILE A 687 13.84 -5.61 -10.99
CA ILE A 687 13.14 -5.73 -12.25
C ILE A 687 12.22 -4.53 -12.54
N LEU A 688 11.69 -3.84 -11.53
CA LEU A 688 10.75 -2.77 -11.81
C LEU A 688 11.40 -1.56 -12.45
N GLN A 689 12.72 -1.53 -12.57
CA GLN A 689 13.38 -0.42 -13.25
C GLN A 689 13.13 -0.47 -14.75
N PHE A 690 12.86 -1.65 -15.30
CA PHE A 690 12.57 -1.79 -16.72
C PHE A 690 11.12 -1.48 -17.06
N PHE A 691 10.26 -1.31 -16.05
CA PHE A 691 8.83 -1.10 -16.24
C PHE A 691 8.44 0.17 -15.50
N PRO A 692 8.75 1.34 -16.06
CA PRO A 692 8.57 2.60 -15.33
C PRO A 692 7.14 3.09 -15.20
N GLU A 693 6.20 2.59 -16.00
CA GLU A 693 4.80 2.97 -15.87
C GLU A 693 4.07 2.13 -14.84
N SER A 694 4.81 1.49 -13.94
CA SER A 694 4.25 0.67 -12.87
C SER A 694 4.44 1.29 -11.50
N LEU A 695 4.89 2.54 -11.45
CA LEU A 695 5.26 3.17 -10.19
C LEU A 695 4.57 4.53 -10.03
N ASN A 725 -1.01 14.09 -40.69
CA ASN A 725 -2.01 13.23 -41.30
C ASN A 725 -3.39 13.89 -41.23
N ASN A 726 -3.39 15.17 -40.83
CA ASN A 726 -4.54 16.06 -40.73
C ASN A 726 -5.38 15.88 -39.47
N TYR A 727 -5.07 14.90 -38.61
CA TYR A 727 -5.62 14.95 -37.25
C TYR A 727 -4.96 13.89 -36.38
N ILE A 728 -4.87 14.18 -35.09
CA ILE A 728 -4.34 13.26 -34.09
C ILE A 728 -5.49 12.90 -33.15
N SER A 729 -6.16 11.79 -33.42
CA SER A 729 -7.24 11.31 -32.57
C SER A 729 -6.70 10.85 -31.23
N LYS A 730 -7.50 11.05 -30.18
CA LYS A 730 -7.08 10.70 -28.83
C LYS A 730 -8.28 10.24 -28.01
N CYS A 731 -8.08 9.20 -27.22
CA CYS A 731 -9.12 8.68 -26.35
C CYS A 731 -8.48 8.29 -25.03
N SER A 732 -9.21 7.54 -24.21
CA SER A 732 -8.72 7.08 -22.93
C SER A 732 -9.63 5.96 -22.43
N ILE A 733 -9.03 4.92 -21.87
CA ILE A 733 -9.77 3.77 -21.38
C ILE A 733 -9.41 3.55 -19.92
N ILE A 734 -10.41 3.33 -19.06
CA ILE A 734 -10.18 3.08 -17.65
C ILE A 734 -10.66 1.67 -17.32
N THR A 735 -9.79 0.88 -16.68
CA THR A 735 -10.06 -0.52 -16.39
C THR A 735 -9.79 -0.81 -14.93
N ASP A 736 -10.66 -1.61 -14.32
CA ASP A 736 -10.51 -2.06 -12.95
C ASP A 736 -9.92 -3.46 -12.95
N LEU A 737 -8.74 -3.61 -12.38
CA LEU A 737 -8.00 -4.87 -12.38
C LEU A 737 -7.97 -5.50 -11.00
N SER A 738 -9.08 -5.42 -10.27
CA SER A 738 -9.11 -5.91 -8.89
C SER A 738 -9.31 -7.42 -8.83
N LYS A 739 -10.11 -7.97 -9.74
CA LYS A 739 -10.26 -9.42 -9.87
C LYS A 739 -9.36 -9.99 -10.95
N PHE A 740 -8.29 -9.28 -11.29
CA PHE A 740 -7.41 -9.64 -12.39
C PHE A 740 -6.75 -10.99 -12.15
N ASN A 741 -6.38 -11.26 -10.90
CA ASN A 741 -5.53 -12.40 -10.57
C ASN A 741 -6.23 -13.74 -10.64
N GLN A 742 -7.56 -13.77 -10.61
CA GLN A 742 -8.28 -15.03 -10.57
C GLN A 742 -8.22 -15.76 -11.90
N ALA A 743 -7.95 -15.05 -12.99
CA ALA A 743 -7.92 -15.63 -14.33
C ALA A 743 -6.53 -16.06 -14.76
N PHE A 744 -5.52 -15.83 -13.93
CA PHE A 744 -4.15 -16.18 -14.25
C PHE A 744 -3.89 -17.64 -13.94
N ARG A 745 -3.29 -18.35 -14.88
CA ARG A 745 -2.92 -19.74 -14.72
C ARG A 745 -1.40 -19.84 -14.82
N TYR A 746 -0.88 -21.04 -14.59
CA TYR A 746 0.55 -21.26 -14.77
C TYR A 746 0.98 -20.90 -16.18
N GLU A 747 0.19 -21.34 -17.17
CA GLU A 747 0.54 -21.17 -18.58
C GLU A 747 0.64 -19.71 -18.99
N THR A 748 0.10 -18.79 -18.19
CA THR A 748 0.11 -17.37 -18.52
C THR A 748 1.05 -16.56 -17.65
N SER A 749 1.25 -16.94 -16.39
CA SER A 749 2.18 -16.24 -15.51
C SER A 749 3.60 -16.70 -15.70
N CYS A 750 3.80 -17.99 -15.88
CA CYS A 750 5.14 -18.52 -15.68
C CYS A 750 5.96 -18.57 -16.96
N ILE A 751 5.37 -18.29 -18.12
CA ILE A 751 6.18 -18.05 -19.30
C ILE A 751 7.08 -16.84 -19.11
N CYS A 752 6.68 -15.90 -18.25
CA CYS A 752 7.43 -14.70 -17.92
C CYS A 752 8.20 -14.82 -16.60
N SER A 753 7.57 -15.44 -15.60
CA SER A 753 8.33 -15.71 -14.39
C SER A 753 9.48 -16.69 -14.64
N ASP A 754 9.49 -17.41 -15.76
CA ASP A 754 10.63 -18.25 -16.12
C ASP A 754 11.83 -17.41 -16.54
N VAL A 755 11.59 -16.36 -17.30
CA VAL A 755 12.66 -15.42 -17.63
C VAL A 755 13.22 -14.80 -16.37
N LEU A 756 12.35 -14.41 -15.44
CA LEU A 756 12.84 -13.88 -14.17
C LEU A 756 13.61 -14.92 -13.36
N ASP A 757 13.24 -16.19 -13.46
CA ASP A 757 14.01 -17.24 -12.79
C ASP A 757 15.40 -17.35 -13.37
N GLU A 758 15.52 -17.34 -14.70
CA GLU A 758 16.82 -17.49 -15.34
C GLU A 758 17.72 -16.30 -15.12
N LEU A 759 17.16 -15.11 -14.95
CA LEU A 759 18.00 -13.94 -14.70
C LEU A 759 18.61 -13.94 -13.30
N HIS A 760 18.12 -14.76 -12.38
CA HIS A 760 18.61 -14.83 -11.02
C HIS A 760 19.30 -16.14 -10.70
N GLY A 761 19.37 -17.07 -11.64
CA GLY A 761 20.05 -18.32 -11.44
C GLY A 761 19.28 -19.36 -10.66
N VAL A 762 17.99 -19.16 -10.44
CA VAL A 762 17.23 -20.05 -9.57
C VAL A 762 16.22 -20.83 -10.39
N GLN A 763 15.49 -21.71 -9.73
CA GLN A 763 14.34 -22.38 -10.30
C GLN A 763 13.16 -22.19 -9.35
N SER A 764 11.99 -21.97 -9.92
CA SER A 764 10.73 -21.99 -9.17
C SER A 764 10.56 -20.86 -8.16
N LEU A 765 11.54 -19.96 -8.00
CA LEU A 765 11.36 -18.92 -6.98
C LEU A 765 10.24 -17.98 -7.37
N PHE A 766 10.29 -17.44 -8.57
CA PHE A 766 9.25 -16.53 -9.03
C PHE A 766 8.01 -17.26 -9.53
N SER A 767 8.07 -18.59 -9.59
CA SER A 767 6.99 -19.44 -10.07
C SER A 767 6.34 -20.24 -8.94
N TRP A 768 6.52 -19.82 -7.69
CA TRP A 768 6.20 -20.66 -6.55
C TRP A 768 4.70 -20.88 -6.38
N LEU A 769 3.88 -19.89 -6.76
CA LEU A 769 2.45 -19.93 -6.43
C LEU A 769 1.74 -21.01 -7.23
N HIS A 770 1.84 -20.95 -8.56
CA HIS A 770 1.10 -21.84 -9.43
C HIS A 770 1.66 -23.25 -9.47
N LEU A 771 2.74 -23.51 -8.75
CA LEU A 771 3.28 -24.86 -8.62
C LEU A 771 2.95 -25.50 -7.29
N THR A 772 2.60 -24.71 -6.28
CA THR A 772 2.37 -25.20 -4.92
C THR A 772 0.91 -25.14 -4.50
N ILE A 773 0.20 -24.07 -4.83
CA ILE A 773 -1.16 -23.82 -4.35
C ILE A 773 -2.19 -24.78 -4.97
N PRO A 774 -2.04 -25.26 -6.22
CA PRO A 774 -2.98 -26.26 -6.73
C PRO A 774 -3.05 -27.56 -5.94
N HIS A 775 -2.16 -27.75 -4.97
CA HIS A 775 -2.05 -29.00 -4.24
C HIS A 775 -2.45 -28.90 -2.78
N VAL A 776 -2.93 -27.74 -2.33
CA VAL A 776 -3.25 -27.52 -0.92
C VAL A 776 -4.75 -27.31 -0.81
N THR A 777 -5.24 -27.14 0.42
CA THR A 777 -6.64 -26.87 0.67
C THR A 777 -6.83 -25.42 1.09
N ILE A 778 -7.87 -24.79 0.55
CA ILE A 778 -8.30 -23.47 0.94
C ILE A 778 -9.42 -23.65 1.95
N ILE A 779 -9.25 -23.08 3.14
CA ILE A 779 -10.22 -23.23 4.22
C ILE A 779 -10.49 -21.85 4.82
N CYS A 780 -11.73 -21.62 5.22
CA CYS A 780 -12.12 -20.41 5.93
C CYS A 780 -11.90 -20.64 7.42
N THR A 781 -10.92 -19.96 7.99
CA THR A 781 -10.55 -20.17 9.38
C THR A 781 -10.98 -19.00 10.27
N TYR A 782 -12.11 -18.39 9.96
CA TYR A 782 -12.71 -17.51 10.94
C TYR A 782 -13.22 -18.33 12.12
N ARG A 783 -13.27 -17.69 13.29
CA ARG A 783 -13.44 -18.42 14.54
C ARG A 783 -14.83 -19.03 14.64
N HIS A 784 -15.86 -18.34 14.16
CA HIS A 784 -17.24 -18.80 14.31
C HIS A 784 -17.76 -19.51 13.07
N ALA A 785 -16.89 -19.85 12.12
CA ALA A 785 -17.26 -20.52 10.89
C ALA A 785 -16.46 -21.79 10.73
N PRO A 786 -16.70 -22.80 11.56
CA PRO A 786 -15.98 -24.05 11.42
C PRO A 786 -16.58 -24.91 10.34
N PRO A 787 -15.86 -25.92 9.85
CA PRO A 787 -16.43 -26.87 8.90
C PRO A 787 -17.11 -28.04 9.60
N TYR A 788 -17.79 -28.85 8.80
CA TYR A 788 -18.38 -30.08 9.29
C TYR A 788 -17.43 -31.24 8.98
N ILE A 789 -16.81 -31.79 10.01
CA ILE A 789 -15.89 -32.90 9.87
C ILE A 789 -16.62 -34.17 10.28
N GLY A 790 -16.77 -35.10 9.35
CA GLY A 790 -17.35 -36.38 9.69
C GLY A 790 -16.32 -37.28 10.35
N ASP A 791 -16.74 -37.96 11.41
CA ASP A 791 -15.80 -38.71 12.22
C ASP A 791 -15.03 -39.73 11.38
N HIS A 792 -13.92 -40.21 11.93
CA HIS A 792 -12.84 -40.97 11.30
C HIS A 792 -11.84 -40.07 10.57
N ILE A 793 -12.02 -38.75 10.55
CA ILE A 793 -11.26 -37.88 9.65
C ILE A 793 -10.56 -36.81 10.49
N VAL A 794 -9.24 -36.73 10.35
CA VAL A 794 -8.44 -35.77 11.10
C VAL A 794 -7.48 -35.01 10.18
N ASP A 795 -7.36 -35.46 8.94
CA ASP A 795 -6.51 -34.78 7.97
C ASP A 795 -7.34 -33.79 7.17
N LEU A 796 -6.79 -32.60 6.94
CA LEU A 796 -7.55 -31.57 6.25
C LEU A 796 -7.76 -31.90 4.79
N ASN A 797 -6.79 -32.55 4.15
CA ASN A 797 -6.88 -32.92 2.74
C ASN A 797 -7.78 -34.12 2.50
N ASN A 798 -8.47 -34.58 3.54
CA ASN A 798 -9.43 -35.67 3.44
C ASN A 798 -10.85 -35.25 3.81
N VAL A 799 -11.04 -34.01 4.29
CA VAL A 799 -12.36 -33.51 4.62
C VAL A 799 -13.12 -33.24 3.33
N ASP A 800 -14.44 -33.49 3.36
CA ASP A 800 -15.27 -33.26 2.19
C ASP A 800 -15.29 -31.78 1.83
N GLU A 801 -15.34 -31.50 0.54
CA GLU A 801 -15.51 -30.13 0.09
C GLU A 801 -16.92 -29.66 0.37
N GLN A 802 -17.05 -28.42 0.81
CA GLN A 802 -18.31 -27.89 1.29
C GLN A 802 -18.25 -26.39 1.16
N SER A 803 -19.18 -25.71 1.81
CA SER A 803 -19.19 -24.25 1.84
C SER A 803 -18.08 -23.76 2.77
N GLY A 804 -17.08 -23.11 2.20
CA GLY A 804 -15.96 -22.62 2.98
C GLY A 804 -14.75 -23.51 3.05
N LEU A 805 -14.63 -24.49 2.16
CA LEU A 805 -13.51 -25.44 2.18
C LEU A 805 -13.46 -26.11 0.82
N TYR A 806 -12.36 -25.92 0.07
CA TYR A 806 -12.26 -26.56 -1.23
C TYR A 806 -10.79 -26.80 -1.60
N ARG A 807 -10.60 -27.41 -2.76
CA ARG A 807 -9.29 -27.83 -3.27
C ARG A 807 -9.19 -27.49 -4.75
N TYR A 808 -8.00 -27.74 -5.31
CA TYR A 808 -7.69 -27.55 -6.73
C TYR A 808 -7.88 -26.10 -7.17
N HIS A 809 -7.40 -25.18 -6.35
CA HIS A 809 -7.34 -23.77 -6.71
C HIS A 809 -6.26 -23.58 -7.76
N MET A 810 -6.67 -23.15 -8.96
CA MET A 810 -5.74 -22.99 -10.07
C MET A 810 -5.22 -21.56 -10.11
N GLY A 811 -4.55 -21.19 -9.03
CA GLY A 811 -3.77 -19.97 -8.96
C GLY A 811 -4.52 -18.66 -8.98
N GLY A 812 -3.89 -17.63 -8.45
CA GLY A 812 -4.50 -16.34 -8.29
C GLY A 812 -4.97 -15.98 -6.89
N ILE A 813 -4.12 -16.13 -5.89
CA ILE A 813 -4.41 -15.64 -4.54
C ILE A 813 -4.03 -14.16 -4.47
N GLU A 814 -4.93 -13.34 -3.96
CA GLU A 814 -4.83 -11.90 -4.10
C GLU A 814 -3.80 -11.30 -3.15
N GLY A 815 -2.98 -10.40 -3.68
CA GLY A 815 -1.95 -9.74 -2.90
C GLY A 815 -0.60 -10.39 -3.10
N TRP A 816 -0.58 -11.72 -3.12
CA TRP A 816 0.62 -12.43 -3.46
C TRP A 816 0.89 -12.30 -4.95
N CYS A 817 2.16 -12.09 -5.32
CA CYS A 817 2.58 -12.08 -6.73
C CYS A 817 1.97 -10.95 -7.53
N GLN A 818 1.73 -9.79 -6.91
CA GLN A 818 1.05 -8.71 -7.62
C GLN A 818 1.94 -7.95 -8.59
N LYS A 819 3.23 -7.78 -8.26
CA LYS A 819 4.13 -7.05 -9.15
C LYS A 819 4.36 -7.82 -10.46
N LEU A 820 4.46 -9.13 -10.37
CA LEU A 820 4.53 -9.97 -11.57
C LEU A 820 3.36 -9.70 -12.50
N TRP A 821 2.15 -9.70 -11.96
CA TRP A 821 0.96 -9.49 -12.78
C TRP A 821 0.89 -8.07 -13.32
N THR A 822 1.40 -7.08 -12.58
CA THR A 822 1.43 -5.72 -13.09
C THR A 822 2.36 -5.59 -14.30
N ILE A 823 3.55 -6.18 -14.22
CA ILE A 823 4.46 -6.06 -15.35
C ILE A 823 4.01 -6.90 -16.53
N GLU A 824 3.27 -7.99 -16.28
CA GLU A 824 2.67 -8.73 -17.38
C GLU A 824 1.56 -7.94 -18.07
N ALA A 825 0.78 -7.19 -17.29
CA ALA A 825 -0.21 -6.30 -17.90
C ALA A 825 0.45 -5.25 -18.79
N ILE A 826 1.56 -4.68 -18.34
CA ILE A 826 2.26 -3.69 -19.15
C ILE A 826 2.78 -4.30 -20.45
N SER A 827 3.30 -5.53 -20.38
CA SER A 827 3.76 -6.19 -21.60
C SER A 827 2.61 -6.46 -22.56
N LEU A 828 1.46 -6.89 -22.04
CA LEU A 828 0.30 -7.08 -22.91
C LEU A 828 -0.15 -5.78 -23.54
N LEU A 829 -0.03 -4.66 -22.84
CA LEU A 829 -0.36 -3.38 -23.45
C LEU A 829 0.57 -3.04 -24.59
N ASP A 830 1.87 -3.35 -24.44
CA ASP A 830 2.79 -3.18 -25.57
C ASP A 830 2.36 -4.01 -26.78
N LEU A 831 1.96 -5.25 -26.53
CA LEU A 831 1.49 -6.10 -27.63
C LEU A 831 0.24 -5.53 -28.30
N ILE A 832 -0.68 -4.96 -27.51
CA ILE A 832 -1.87 -4.35 -28.08
C ILE A 832 -1.51 -3.13 -28.93
N SER A 833 -0.57 -2.32 -28.45
CA SER A 833 -0.16 -1.14 -29.22
C SER A 833 0.55 -1.53 -30.51
N LEU A 834 1.23 -2.68 -30.52
CA LEU A 834 1.84 -3.15 -31.76
C LEU A 834 0.79 -3.67 -32.73
N LYS A 835 -0.27 -4.31 -32.21
CA LYS A 835 -1.29 -4.86 -33.10
C LYS A 835 -2.26 -3.80 -33.61
N GLY A 836 -2.56 -2.79 -32.82
CA GLY A 836 -3.48 -1.75 -33.22
C GLY A 836 -2.86 -0.59 -33.95
N LYS A 837 -1.54 -0.48 -33.92
CA LYS A 837 -0.78 0.52 -34.67
C LYS A 837 -1.08 1.94 -34.22
N PHE A 838 -1.36 2.11 -32.93
CA PHE A 838 -1.46 3.41 -32.29
C PHE A 838 -0.42 3.50 -31.19
N SER A 839 -0.47 4.56 -30.40
CA SER A 839 0.40 4.72 -29.25
C SER A 839 -0.39 4.52 -27.97
N ILE A 840 0.31 4.17 -26.89
CA ILE A 840 -0.31 3.94 -25.60
C ILE A 840 0.57 4.59 -24.53
N THR A 841 -0.07 5.21 -23.54
CA THR A 841 0.60 5.75 -22.35
C THR A 841 -0.13 5.15 -21.14
N ALA A 842 0.36 4.02 -20.66
CA ALA A 842 -0.27 3.33 -19.56
C ALA A 842 0.11 3.96 -18.23
N LEU A 843 -0.66 3.60 -17.20
CA LEU A 843 -0.34 3.98 -15.83
C LEU A 843 -1.12 3.06 -14.90
N ILE A 844 -0.42 2.18 -14.18
CA ILE A 844 -1.05 1.21 -13.30
C ILE A 844 -0.76 1.62 -11.87
N ASN A 845 -1.80 1.99 -11.13
CA ASN A 845 -1.69 2.53 -9.77
C ASN A 845 -2.57 1.69 -8.86
N GLY A 846 -2.01 0.62 -8.30
CA GLY A 846 -2.77 -0.28 -7.48
C GLY A 846 -3.54 -1.30 -8.31
N ASP A 847 -4.86 -1.14 -8.37
CA ASP A 847 -5.72 -2.06 -9.11
C ASP A 847 -6.61 -1.31 -10.10
N ASN A 848 -6.14 -0.18 -10.60
CA ASN A 848 -6.87 0.60 -11.59
C ASN A 848 -5.88 1.09 -12.63
N GLN A 849 -6.10 0.73 -13.89
CA GLN A 849 -5.21 1.16 -14.95
C GLN A 849 -5.92 2.13 -15.89
N SER A 850 -5.16 3.08 -16.41
CA SER A 850 -5.66 4.18 -17.21
C SER A 850 -4.81 4.29 -18.47
N ILE A 851 -5.39 3.94 -19.62
CA ILE A 851 -4.69 3.90 -20.89
C ILE A 851 -5.03 5.17 -21.66
N ASP A 852 -4.00 5.82 -22.20
CA ASP A 852 -4.15 6.95 -23.11
C ASP A 852 -3.74 6.49 -24.50
N ILE A 853 -4.66 6.54 -25.44
CA ILE A 853 -4.42 6.05 -26.79
C ILE A 853 -4.48 7.23 -27.76
N SER A 854 -3.44 7.35 -28.60
CA SER A 854 -3.32 8.39 -29.59
C SER A 854 -3.09 7.74 -30.95
N LYS A 855 -3.59 8.40 -32.00
CA LYS A 855 -3.41 7.84 -33.33
C LYS A 855 -3.57 8.89 -34.42
N PRO A 856 -2.63 9.00 -35.36
CA PRO A 856 -2.77 9.95 -36.48
C PRO A 856 -3.69 9.40 -37.57
N ILE A 857 -4.71 10.17 -37.93
CA ILE A 857 -5.67 9.81 -38.95
C ILE A 857 -5.90 11.00 -39.87
N ARG A 858 -6.59 10.73 -40.98
CA ARG A 858 -7.02 11.73 -41.94
C ARG A 858 -8.54 11.86 -41.87
N LEU A 859 -9.01 13.05 -41.53
CA LEU A 859 -10.45 13.27 -41.38
C LEU A 859 -11.18 13.04 -42.69
N MET A 860 -12.39 12.49 -42.59
CA MET A 860 -13.22 12.23 -43.75
C MET A 860 -13.98 13.50 -44.13
N GLU A 861 -14.97 13.37 -45.01
CA GLU A 861 -15.83 14.47 -45.41
C GLU A 861 -16.98 14.59 -44.43
N GLY A 862 -17.07 15.74 -43.76
CA GLY A 862 -18.15 15.98 -42.83
C GLY A 862 -18.01 15.27 -41.50
N GLN A 863 -16.79 14.91 -41.11
CA GLN A 863 -16.54 14.24 -39.85
C GLN A 863 -15.86 15.22 -38.90
N THR A 864 -16.34 15.29 -37.67
CA THR A 864 -15.78 16.17 -36.66
C THR A 864 -14.75 15.42 -35.83
N HIS A 865 -14.00 16.19 -35.02
CA HIS A 865 -12.96 15.59 -34.19
C HIS A 865 -13.54 14.68 -33.11
N ALA A 866 -14.69 15.06 -32.56
CA ALA A 866 -15.31 14.26 -31.50
C ALA A 866 -15.73 12.90 -32.01
N GLN A 867 -16.24 12.85 -33.24
CA GLN A 867 -16.62 11.56 -33.83
C GLN A 867 -15.39 10.71 -34.11
N ALA A 868 -14.29 11.34 -34.53
CA ALA A 868 -13.05 10.60 -34.75
C ALA A 868 -12.55 9.98 -33.45
N ASP A 869 -12.56 10.75 -32.37
CA ASP A 869 -12.14 10.22 -31.08
C ASP A 869 -13.06 9.11 -30.60
N TYR A 870 -14.37 9.23 -30.83
CA TYR A 870 -15.29 8.18 -30.41
C TYR A 870 -15.05 6.88 -31.17
N LEU A 871 -14.79 6.98 -32.49
CA LEU A 871 -14.46 5.77 -33.26
C LEU A 871 -13.14 5.15 -32.81
N LEU A 872 -12.14 5.99 -32.52
CA LEU A 872 -10.90 5.47 -31.96
C LEU A 872 -11.16 4.70 -30.68
N ALA A 873 -11.97 5.26 -29.78
CA ALA A 873 -12.27 4.61 -28.52
C ALA A 873 -12.94 3.25 -28.73
N LEU A 874 -13.91 3.20 -29.64
CA LEU A 874 -14.62 1.94 -29.86
C LEU A 874 -13.71 0.87 -30.45
N ASN A 875 -12.89 1.24 -31.44
CA ASN A 875 -11.99 0.26 -32.04
C ASN A 875 -10.95 -0.22 -31.04
N SER A 876 -10.36 0.69 -30.27
CA SER A 876 -9.41 0.30 -29.23
C SER A 876 -10.07 -0.60 -28.19
N LEU A 877 -11.33 -0.36 -27.88
CA LEU A 877 -12.03 -1.20 -26.92
C LEU A 877 -12.20 -2.62 -27.44
N LYS A 878 -12.57 -2.77 -28.72
CA LYS A 878 -12.65 -4.13 -29.28
C LYS A 878 -11.28 -4.81 -29.27
N LEU A 879 -10.21 -4.08 -29.61
CA LEU A 879 -8.87 -4.65 -29.53
C LEU A 879 -8.54 -5.12 -28.13
N LEU A 880 -8.75 -4.25 -27.14
CA LEU A 880 -8.42 -4.58 -25.75
C LEU A 880 -9.20 -5.81 -25.28
N TYR A 881 -10.48 -5.89 -25.64
CA TYR A 881 -11.27 -7.05 -25.28
C TYR A 881 -10.73 -8.32 -25.92
N LYS A 882 -10.41 -8.26 -27.22
CA LYS A 882 -9.86 -9.41 -27.92
C LYS A 882 -8.58 -9.90 -27.28
N GLU A 883 -7.65 -8.98 -27.01
CA GLU A 883 -6.33 -9.35 -26.52
C GLU A 883 -6.35 -9.80 -25.07
N TYR A 884 -7.27 -9.27 -24.26
CA TYR A 884 -7.39 -9.78 -22.90
C TYR A 884 -8.08 -11.14 -22.88
N ALA A 885 -9.09 -11.33 -23.72
CA ALA A 885 -9.75 -12.62 -23.80
C ALA A 885 -8.85 -13.69 -24.37
N GLY A 886 -7.83 -13.31 -25.14
CA GLY A 886 -6.91 -14.28 -25.69
C GLY A 886 -6.05 -14.98 -24.66
N ILE A 887 -5.82 -14.37 -23.51
CA ILE A 887 -5.02 -14.96 -22.45
C ILE A 887 -5.86 -15.34 -21.24
N GLY A 888 -7.18 -15.37 -21.36
CA GLY A 888 -8.04 -15.91 -20.34
C GLY A 888 -8.74 -14.90 -19.46
N HIS A 889 -8.58 -13.61 -19.70
CA HIS A 889 -9.22 -12.59 -18.88
C HIS A 889 -10.41 -12.02 -19.66
N LYS A 890 -11.61 -12.41 -19.26
CA LYS A 890 -12.82 -11.93 -19.92
C LYS A 890 -13.32 -10.70 -19.18
N LEU A 891 -13.00 -9.53 -19.71
CA LEU A 891 -13.51 -8.28 -19.16
C LEU A 891 -15.02 -8.21 -19.32
N LYS A 892 -15.62 -7.27 -18.59
CA LYS A 892 -17.06 -7.04 -18.65
C LYS A 892 -17.33 -5.55 -18.53
N GLY A 893 -18.48 -5.14 -19.03
CA GLY A 893 -18.82 -3.73 -19.14
C GLY A 893 -18.97 -2.97 -17.84
N THR A 894 -18.68 -3.60 -16.71
CA THR A 894 -18.77 -2.93 -15.42
C THR A 894 -17.46 -2.27 -15.01
N GLU A 895 -16.32 -2.87 -15.33
CA GLU A 895 -15.05 -2.30 -14.93
C GLU A 895 -14.58 -1.20 -15.88
N THR A 896 -14.82 -1.38 -17.18
CA THR A 896 -14.18 -0.59 -18.21
C THR A 896 -15.08 0.56 -18.63
N TYR A 897 -14.48 1.73 -18.87
CA TYR A 897 -15.24 2.79 -19.51
C TYR A 897 -14.30 3.68 -20.31
N ILE A 898 -14.83 4.24 -21.38
CA ILE A 898 -14.07 5.07 -22.30
C ILE A 898 -14.38 6.53 -22.05
N SER A 899 -13.40 7.38 -22.28
CA SER A 899 -13.51 8.81 -22.17
C SER A 899 -12.52 9.41 -23.16
N ARG A 900 -12.40 10.72 -23.17
CA ARG A 900 -11.37 11.29 -24.05
C ARG A 900 -10.40 12.21 -23.34
N ASP A 901 -10.86 13.03 -22.41
CA ASP A 901 -10.01 14.05 -21.81
C ASP A 901 -9.72 13.80 -20.34
N MET A 902 -10.71 13.39 -19.57
CA MET A 902 -10.61 13.35 -18.13
C MET A 902 -10.27 11.94 -17.64
N GLN A 903 -9.67 11.87 -16.45
CA GLN A 903 -9.45 10.62 -15.75
C GLN A 903 -9.67 10.83 -14.25
N PHE A 904 -10.50 9.97 -13.65
CA PHE A 904 -10.58 9.89 -12.19
C PHE A 904 -9.32 9.19 -11.71
N MET A 905 -8.23 9.95 -11.60
CA MET A 905 -6.93 9.37 -11.30
C MET A 905 -6.82 8.95 -9.83
N SER A 906 -7.22 7.71 -9.54
CA SER A 906 -7.15 7.15 -8.19
C SER A 906 -7.88 8.05 -7.20
N LYS A 907 -9.14 8.37 -7.53
CA LYS A 907 -9.96 9.32 -6.80
C LYS A 907 -9.27 10.69 -6.72
N THR A 908 -9.16 11.33 -7.88
CA THR A 908 -8.69 12.71 -7.95
C THR A 908 -9.27 13.34 -9.20
N ILE A 909 -10.33 14.13 -9.04
CA ILE A 909 -10.95 14.80 -10.17
C ILE A 909 -10.11 16.01 -10.56
N GLN A 910 -9.66 16.03 -11.81
CA GLN A 910 -8.98 17.16 -12.41
C GLN A 910 -9.67 17.50 -13.72
N HIS A 911 -9.85 18.78 -13.98
CA HIS A 911 -10.56 19.19 -15.19
C HIS A 911 -10.05 20.57 -15.59
N ASN A 912 -9.34 20.62 -16.72
CA ASN A 912 -8.75 21.84 -17.27
C ASN A 912 -7.61 22.36 -16.38
N GLY A 913 -6.82 21.44 -15.86
CA GLY A 913 -5.69 21.78 -15.01
C GLY A 913 -6.04 22.22 -13.62
N VAL A 914 -7.32 22.33 -13.29
CA VAL A 914 -7.77 22.66 -11.95
C VAL A 914 -8.16 21.37 -11.26
N TYR A 915 -7.93 21.31 -9.96
CA TYR A 915 -8.07 20.08 -9.18
C TYR A 915 -9.19 20.28 -8.18
N TYR A 916 -10.06 19.28 -8.06
CA TYR A 916 -11.24 19.37 -7.19
C TYR A 916 -11.12 18.30 -6.13
N PRO A 917 -10.97 18.68 -4.86
CA PRO A 917 -10.68 17.70 -3.82
C PRO A 917 -11.92 17.15 -3.13
N ALA A 918 -11.76 15.96 -2.57
CA ALA A 918 -12.70 15.39 -1.61
C ALA A 918 -11.98 15.42 -0.26
N SER A 919 -12.08 16.57 0.42
CA SER A 919 -11.33 16.80 1.64
C SER A 919 -12.16 16.59 2.90
N ILE A 920 -13.49 16.56 2.79
CA ILE A 920 -14.33 16.23 3.93
C ILE A 920 -14.28 14.75 4.25
N LYS A 921 -13.98 13.92 3.25
CA LYS A 921 -13.88 12.49 3.47
C LYS A 921 -12.73 12.13 4.39
N LYS A 922 -11.73 12.99 4.51
CA LYS A 922 -10.53 12.72 5.30
C LYS A 922 -10.69 13.04 6.77
N VAL A 923 -11.67 13.86 7.14
CA VAL A 923 -11.80 14.35 8.49
C VAL A 923 -13.08 13.83 9.16
N LEU A 924 -13.62 12.72 8.67
CA LEU A 924 -14.90 12.24 9.16
C LEU A 924 -14.80 11.61 10.54
N ARG A 925 -13.71 10.88 10.80
CA ARG A 925 -13.52 10.17 12.05
C ARG A 925 -12.65 10.92 13.04
N VAL A 926 -12.59 12.25 12.94
CA VAL A 926 -11.86 13.05 13.92
C VAL A 926 -12.66 13.09 15.22
N GLY A 927 -12.04 12.64 16.30
CA GLY A 927 -12.67 12.51 17.59
C GLY A 927 -11.61 12.34 18.64
N PRO A 928 -12.01 12.07 19.89
CA PRO A 928 -11.06 12.16 21.00
C PRO A 928 -9.84 11.23 20.96
N TRP A 929 -10.01 9.93 21.09
CA TRP A 929 -8.85 9.06 21.31
C TRP A 929 -8.45 8.30 20.04
N ILE A 930 -8.06 9.05 19.00
CA ILE A 930 -7.86 8.45 17.68
C ILE A 930 -6.39 8.14 17.46
N ASN A 931 -6.14 6.99 16.82
CA ASN A 931 -4.82 6.59 16.32
C ASN A 931 -3.77 6.61 17.42
N THR A 932 -4.09 6.00 18.55
CA THR A 932 -3.20 6.02 19.70
C THR A 932 -3.21 4.66 20.37
N ILE A 933 -2.18 4.41 21.16
CA ILE A 933 -2.02 3.17 21.92
C ILE A 933 -2.15 3.50 23.39
N LEU A 934 -3.03 2.77 24.08
CA LEU A 934 -3.32 2.96 25.50
C LEU A 934 -3.87 4.34 25.82
N ASP A 935 -4.44 5.01 24.83
CA ASP A 935 -5.09 6.31 24.98
C ASP A 935 -4.10 7.39 25.40
N ASP A 936 -3.01 7.50 24.64
CA ASP A 936 -2.01 8.52 24.89
C ASP A 936 -2.54 9.88 24.46
N PHE A 937 -2.42 10.87 25.35
CA PHE A 937 -3.01 12.19 25.14
C PHE A 937 -2.32 12.91 23.98
N LYS A 938 -0.99 12.89 23.95
CA LYS A 938 -0.25 13.64 22.96
C LYS A 938 -0.42 13.08 21.56
N VAL A 939 -0.49 11.75 21.43
CA VAL A 939 -0.69 11.18 20.11
C VAL A 939 -2.08 11.50 19.58
N SER A 940 -3.07 11.58 20.47
CA SER A 940 -4.41 12.00 20.05
C SER A 940 -4.41 13.44 19.55
N LEU A 941 -3.74 14.34 20.28
CA LEU A 941 -3.66 15.72 19.82
C LEU A 941 -2.95 15.83 18.49
N GLU A 942 -1.85 15.08 18.31
CA GLU A 942 -1.12 15.12 17.06
C GLU A 942 -1.95 14.60 15.90
N SER A 943 -2.71 13.54 16.12
CA SER A 943 -3.59 13.00 15.09
C SER A 943 -4.65 13.99 14.69
N ILE A 944 -5.31 14.62 15.68
CA ILE A 944 -6.32 15.62 15.37
C ILE A 944 -5.73 16.72 14.50
N GLY A 945 -4.56 17.23 14.88
CA GLY A 945 -3.95 18.31 14.11
C GLY A 945 -3.62 17.92 12.68
N SER A 946 -2.95 16.78 12.51
CA SER A 946 -2.53 16.39 11.17
C SER A 946 -3.71 16.02 10.28
N LEU A 947 -4.78 15.48 10.86
CA LEU A 947 -5.97 15.21 10.05
C LEU A 947 -6.68 16.50 9.66
N THR A 948 -6.82 17.43 10.60
CA THR A 948 -7.53 18.66 10.30
C THR A 948 -6.78 19.54 9.31
N GLN A 949 -5.48 19.31 9.10
CA GLN A 949 -4.79 20.12 8.09
C GLN A 949 -5.22 19.84 6.65
N GLU A 950 -6.08 18.85 6.39
CA GLU A 950 -6.53 18.59 5.02
C GLU A 950 -7.52 19.64 4.54
N LEU A 951 -8.22 20.32 5.44
CA LEU A 951 -9.11 21.39 5.07
C LEU A 951 -8.38 22.68 4.75
N GLU A 952 -7.06 22.67 4.83
CA GLU A 952 -6.23 23.79 4.42
C GLU A 952 -5.31 23.41 3.27
N TYR A 953 -4.66 22.26 3.34
CA TYR A 953 -3.74 21.89 2.28
C TYR A 953 -4.48 21.53 0.99
N ARG A 954 -5.65 20.90 1.12
CA ARG A 954 -6.50 20.57 -0.02
C ARG A 954 -7.74 21.45 -0.09
N GLY A 955 -8.45 21.62 1.02
CA GLY A 955 -9.64 22.43 1.03
C GLY A 955 -9.40 23.90 0.75
N GLU A 956 -8.17 24.37 0.93
CA GLU A 956 -7.77 25.74 0.63
C GLU A 956 -8.48 26.75 1.51
N SER A 957 -8.68 26.42 2.78
CA SER A 957 -9.25 27.35 3.75
C SER A 957 -8.50 27.21 5.07
N LEU A 958 -7.77 28.25 5.43
CA LEU A 958 -7.04 28.25 6.69
C LEU A 958 -7.97 28.25 7.89
N LEU A 959 -9.01 29.09 7.87
CA LEU A 959 -9.81 29.39 9.04
C LEU A 959 -10.82 28.30 9.36
N CYS A 960 -11.40 27.67 8.34
CA CYS A 960 -12.30 26.55 8.59
C CYS A 960 -11.56 25.39 9.26
N SER A 961 -10.38 25.07 8.75
CA SER A 961 -9.51 24.08 9.36
C SER A 961 -9.17 24.45 10.80
N LEU A 962 -8.83 25.72 11.04
CA LEU A 962 -8.51 26.18 12.39
C LEU A 962 -9.67 25.96 13.35
N ILE A 963 -10.88 26.38 12.98
CA ILE A 963 -12.01 26.30 13.90
C ILE A 963 -12.44 24.86 14.14
N PHE A 964 -12.41 24.01 13.10
CA PHE A 964 -12.72 22.59 13.30
C PHE A 964 -11.70 21.92 14.23
N ARG A 965 -10.42 22.22 14.02
CA ARG A 965 -9.37 21.72 14.89
C ARG A 965 -9.63 22.12 16.33
N ASN A 966 -10.00 23.38 16.56
CA ASN A 966 -10.15 23.86 17.92
C ASN A 966 -11.39 23.28 18.60
N VAL A 967 -12.47 23.08 17.85
CA VAL A 967 -13.62 22.36 18.37
C VAL A 967 -13.20 21.03 18.96
N TRP A 968 -12.46 20.23 18.18
CA TRP A 968 -12.14 18.90 18.67
C TRP A 968 -10.99 18.87 19.68
N LEU A 969 -10.07 19.83 19.63
CA LEU A 969 -9.03 19.91 20.66
C LEU A 969 -9.61 20.34 22.01
N TYR A 970 -10.49 21.33 22.00
CA TYR A 970 -11.16 21.74 23.23
C TYR A 970 -11.98 20.60 23.80
N ASN A 971 -12.67 19.84 22.94
CA ASN A 971 -13.41 18.69 23.45
C ASN A 971 -12.47 17.67 24.10
N GLN A 972 -11.34 17.38 23.44
CA GLN A 972 -10.43 16.38 23.99
C GLN A 972 -9.82 16.81 25.31
N ILE A 973 -9.48 18.09 25.45
CA ILE A 973 -8.79 18.54 26.66
C ILE A 973 -9.79 18.83 27.78
N ALA A 974 -10.75 19.72 27.54
CA ALA A 974 -11.58 20.21 28.62
C ALA A 974 -12.73 19.29 29.00
N LEU A 975 -13.09 18.34 28.16
CA LEU A 975 -14.30 17.57 28.41
C LEU A 975 -14.07 16.08 28.58
N GLN A 976 -13.11 15.49 27.86
CA GLN A 976 -12.92 14.06 27.86
C GLN A 976 -11.68 13.60 28.62
N LEU A 977 -10.86 14.52 29.11
CA LEU A 977 -9.64 14.15 29.81
C LEU A 977 -9.90 13.67 31.23
N LYS A 978 -11.12 13.84 31.74
CA LYS A 978 -11.47 13.37 33.07
C LYS A 978 -12.15 12.01 33.07
N ASN A 979 -12.42 11.45 31.91
CA ASN A 979 -12.96 10.11 31.76
C ASN A 979 -11.96 9.19 31.08
N HIS A 980 -10.70 9.28 31.47
CA HIS A 980 -9.70 8.34 30.96
C HIS A 980 -10.01 6.95 31.49
N ALA A 981 -9.79 5.94 30.65
CA ALA A 981 -10.12 4.57 31.02
C ALA A 981 -9.11 3.96 31.98
N LEU A 982 -7.91 4.54 32.12
CA LEU A 982 -6.86 3.98 32.93
C LEU A 982 -6.34 4.89 34.03
N CYS A 983 -6.44 6.21 33.86
CA CYS A 983 -5.99 7.17 34.87
C CYS A 983 -7.14 7.75 35.68
N ASN A 984 -8.30 7.85 35.07
CA ASN A 984 -9.63 8.09 35.64
C ASN A 984 -9.96 9.50 36.10
N ASN A 985 -8.99 10.30 36.56
CA ASN A 985 -9.09 11.76 36.52
C ASN A 985 -7.73 12.42 36.70
N LYS A 986 -6.66 11.62 36.78
CA LYS A 986 -5.37 12.13 37.19
C LYS A 986 -4.80 13.14 36.19
N LEU A 987 -4.99 12.87 34.89
CA LEU A 987 -4.52 13.79 33.88
C LEU A 987 -5.23 15.12 33.96
N TYR A 988 -6.48 15.14 34.42
CA TYR A 988 -7.21 16.38 34.54
C TYR A 988 -6.73 17.21 35.73
N LEU A 989 -6.39 16.55 36.83
CA LEU A 989 -5.79 17.27 37.95
C LEU A 989 -4.44 17.85 37.57
N ASP A 990 -3.66 17.11 36.79
CA ASP A 990 -2.40 17.65 36.28
C ASP A 990 -2.62 18.87 35.39
N ILE A 991 -3.59 18.81 34.48
CA ILE A 991 -3.83 19.95 33.60
C ILE A 991 -4.29 21.15 34.42
N LEU A 992 -5.02 20.93 35.51
CA LEU A 992 -5.44 22.07 36.34
C LEU A 992 -4.26 22.69 37.07
N LYS A 993 -3.33 21.86 37.55
CA LYS A 993 -2.08 22.38 38.10
C LYS A 993 -1.34 23.24 37.08
N VAL A 994 -1.25 22.76 35.84
CA VAL A 994 -0.54 23.51 34.80
C VAL A 994 -1.22 24.84 34.54
N LEU A 995 -2.56 24.86 34.52
CA LEU A 995 -3.25 26.10 34.22
C LEU A 995 -3.08 27.11 35.35
N LYS A 996 -3.03 26.65 36.60
CA LYS A 996 -2.78 27.58 37.69
C LYS A 996 -1.37 28.13 37.66
N HIS A 997 -0.39 27.28 37.33
CA HIS A 997 0.97 27.77 37.14
C HIS A 997 1.04 28.84 36.06
N LEU A 998 0.39 28.60 34.92
CA LEU A 998 0.39 29.57 33.83
C LEU A 998 -0.28 30.87 34.24
N LYS A 999 -1.40 30.78 34.96
CA LYS A 999 -2.10 31.98 35.42
C LYS A 999 -1.22 32.81 36.32
N THR A 1000 -0.45 32.16 37.20
CA THR A 1000 0.44 32.91 38.08
C THR A 1000 1.65 33.47 37.33
N PHE A 1001 2.26 32.67 36.46
CA PHE A 1001 3.47 33.08 35.74
C PHE A 1001 3.18 34.26 34.82
N PHE A 1002 2.12 34.17 34.02
CA PHE A 1002 1.83 35.18 33.02
C PHE A 1002 0.89 36.27 33.53
N ASN A 1003 0.46 36.19 34.78
CA ASN A 1003 -0.39 37.21 35.41
C ASN A 1003 -1.69 37.37 34.64
N LEU A 1004 -2.33 36.24 34.33
CA LEU A 1004 -3.55 36.24 33.53
C LEU A 1004 -4.73 36.59 34.44
N ASP A 1005 -5.94 36.46 33.91
CA ASP A 1005 -7.15 36.89 34.58
C ASP A 1005 -7.82 35.75 35.33
N ASN A 1006 -8.01 34.61 34.68
CA ASN A 1006 -8.65 33.45 35.29
C ASN A 1006 -8.09 32.20 34.63
N ILE A 1007 -8.73 31.06 34.90
CA ILE A 1007 -8.29 29.75 34.44
C ILE A 1007 -8.93 29.47 33.08
N ASP A 1008 -9.67 30.45 32.57
CA ASP A 1008 -10.19 30.37 31.22
C ASP A 1008 -9.33 31.09 30.19
N THR A 1009 -8.60 32.11 30.62
CA THR A 1009 -7.56 32.71 29.80
C THR A 1009 -6.33 31.82 29.74
N ALA A 1010 -6.05 31.09 30.82
CA ALA A 1010 -4.90 30.21 30.86
C ALA A 1010 -5.08 29.01 29.93
N LEU A 1011 -6.31 28.54 29.72
CA LEU A 1011 -6.51 27.45 28.78
C LEU A 1011 -6.40 27.94 27.33
N THR A 1012 -6.92 29.13 27.05
CA THR A 1012 -6.71 29.75 25.74
C THR A 1012 -5.23 29.91 25.45
N LEU A 1013 -4.42 30.17 26.49
CA LEU A 1013 -2.98 30.30 26.30
C LEU A 1013 -2.32 28.94 26.12
N TYR A 1014 -2.66 27.98 26.97
CA TYR A 1014 -2.04 26.65 26.90
C TYR A 1014 -2.31 25.99 25.55
N MET A 1015 -3.50 26.19 24.98
CA MET A 1015 -3.83 25.54 23.73
C MET A 1015 -3.21 26.20 22.52
N ASN A 1016 -2.47 27.29 22.72
CA ASN A 1016 -1.77 27.98 21.65
C ASN A 1016 -0.26 27.92 21.81
N LEU A 1017 0.26 27.21 22.79
CA LEU A 1017 1.69 27.07 23.03
C LEU A 1017 2.21 25.79 22.42
N PRO A 1018 3.43 25.80 21.89
CA PRO A 1018 3.94 24.61 21.20
C PRO A 1018 4.00 23.40 22.11
N MET A 1019 3.82 22.23 21.52
CA MET A 1019 3.97 20.99 22.27
C MET A 1019 5.43 20.70 22.60
N LEU A 1020 6.38 21.35 21.92
CA LEU A 1020 7.78 21.16 22.24
C LEU A 1020 8.10 21.63 23.65
N PHE A 1021 7.56 22.79 24.03
CA PHE A 1021 7.76 23.36 25.36
C PHE A 1021 6.87 22.74 26.41
N GLY A 1022 5.97 21.83 26.04
CA GLY A 1022 5.05 21.21 26.96
C GLY A 1022 3.64 21.77 26.92
N GLY A 1023 3.27 22.51 25.89
CA GLY A 1023 1.94 23.04 25.72
C GLY A 1023 1.07 22.15 24.87
N GLY A 1024 0.01 22.73 24.32
CA GLY A 1024 -1.00 21.91 23.68
C GLY A 1024 -1.33 22.20 22.23
N ASP A 1025 -0.48 22.95 21.52
CA ASP A 1025 -0.74 23.29 20.13
C ASP A 1025 -0.06 22.28 19.21
N PRO A 1026 -0.81 21.44 18.48
CA PRO A 1026 -0.15 20.44 17.64
C PRO A 1026 0.40 20.98 16.33
N ASN A 1027 -0.07 22.14 15.87
CA ASN A 1027 0.31 22.69 14.58
C ASN A 1027 0.94 24.06 14.79
N LEU A 1028 2.17 24.23 14.30
CA LEU A 1028 2.86 25.50 14.39
C LEU A 1028 2.49 26.41 13.22
N LEU A 1029 2.72 27.70 13.39
CA LEU A 1029 2.25 28.68 12.40
C LEU A 1029 2.94 28.51 11.05
N TYR A 1030 4.22 28.17 11.04
CA TYR A 1030 4.94 28.03 9.78
C TYR A 1030 4.29 27.00 8.88
N ARG A 1031 3.57 26.03 9.44
CA ARG A 1031 2.95 24.97 8.66
C ARG A 1031 1.78 25.47 7.83
N SER A 1032 1.35 26.72 8.03
CA SER A 1032 0.32 27.32 7.22
C SER A 1032 0.87 27.98 5.97
N PHE A 1033 2.18 28.12 5.87
CA PHE A 1033 2.82 28.81 4.75
C PHE A 1033 3.76 27.90 3.96
N TYR A 1034 4.62 27.16 4.63
CA TYR A 1034 5.43 26.14 3.98
C TYR A 1034 5.35 24.87 4.81
N ARG A 1035 5.72 23.75 4.22
CA ARG A 1035 5.46 22.46 4.85
C ARG A 1035 6.65 21.86 5.56
N ARG A 1036 7.88 22.15 5.14
CA ARG A 1036 9.07 21.57 5.75
C ARG A 1036 9.97 22.67 6.27
N THR A 1037 10.63 22.39 7.39
CA THR A 1037 11.62 23.28 7.97
C THR A 1037 12.82 22.44 8.38
N PRO A 1038 14.02 23.01 8.31
CA PRO A 1038 15.22 22.30 8.78
C PRO A 1038 15.61 22.53 10.23
N ASP A 1039 14.79 23.19 11.04
CA ASP A 1039 15.12 23.43 12.45
C ASP A 1039 13.83 23.75 13.20
N PHE A 1040 13.40 22.85 14.09
CA PHE A 1040 12.12 22.98 14.77
C PHE A 1040 12.17 23.97 15.93
N LEU A 1041 13.33 24.19 16.54
CA LEU A 1041 13.40 25.02 17.73
C LEU A 1041 13.20 26.48 17.40
N THR A 1042 13.73 26.94 16.27
CA THR A 1042 13.52 28.34 15.88
C THR A 1042 12.05 28.59 15.55
N GLU A 1043 11.41 27.64 14.89
CA GLU A 1043 9.98 27.80 14.59
C GLU A 1043 9.16 27.78 15.86
N ALA A 1044 9.53 26.95 16.84
CA ALA A 1044 8.81 26.92 18.11
C ALA A 1044 8.95 28.25 18.87
N ILE A 1045 10.16 28.81 18.89
CA ILE A 1045 10.37 30.08 19.59
C ILE A 1045 9.63 31.21 18.88
N VAL A 1046 9.61 31.19 17.55
CA VAL A 1046 8.92 32.24 16.81
C VAL A 1046 7.41 32.14 17.01
N HIS A 1047 6.88 30.92 17.00
CA HIS A 1047 5.47 30.70 17.30
C HIS A 1047 5.12 31.24 18.68
N SER A 1048 5.96 30.97 19.67
CA SER A 1048 5.71 31.46 21.02
C SER A 1048 5.73 32.98 21.09
N VAL A 1049 6.65 33.61 20.36
CA VAL A 1049 6.72 35.07 20.33
C VAL A 1049 5.45 35.65 19.71
N PHE A 1050 5.07 35.12 18.55
CA PHE A 1050 3.87 35.61 17.85
C PHE A 1050 2.62 35.43 18.70
N ILE A 1051 2.52 34.32 19.43
CA ILE A 1051 1.35 34.07 20.26
C ILE A 1051 1.32 35.01 21.46
N LEU A 1052 2.44 35.14 22.18
CA LEU A 1052 2.47 36.02 23.34
C LEU A 1052 2.25 37.47 22.97
N SER A 1053 2.50 37.84 21.71
CA SER A 1053 2.15 39.19 21.24
C SER A 1053 0.68 39.52 21.46
N TYR A 1054 -0.18 38.51 21.58
CA TYR A 1054 -1.61 38.74 21.73
C TYR A 1054 -1.94 39.39 23.07
N TYR A 1055 -1.18 39.05 24.11
CA TYR A 1055 -1.33 39.59 25.45
C TYR A 1055 -0.40 40.77 25.72
N THR A 1056 0.85 40.69 25.26
CA THR A 1056 1.81 41.76 25.52
C THR A 1056 1.65 42.96 24.59
N ASN A 1057 0.93 42.79 23.48
CA ASN A 1057 0.68 43.87 22.52
C ASN A 1057 1.97 44.37 21.86
N HIS A 1058 2.77 43.43 21.37
CA HIS A 1058 3.90 43.77 20.50
C HIS A 1058 3.44 43.83 19.05
N ASP A 1059 4.18 44.58 18.25
CA ASP A 1059 3.88 44.73 16.83
C ASP A 1059 4.82 43.86 16.02
N LEU A 1060 4.25 42.91 15.28
CA LEU A 1060 5.03 41.96 14.49
C LEU A 1060 5.55 42.56 13.20
N LYS A 1061 5.40 43.87 13.00
CA LYS A 1061 6.03 44.55 11.88
C LYS A 1061 7.25 45.35 12.29
N ASP A 1062 7.37 45.71 13.56
CA ASP A 1062 8.51 46.43 14.08
C ASP A 1062 9.66 45.47 14.33
N LYS A 1063 10.70 45.96 14.99
CA LYS A 1063 11.70 45.11 15.60
C LYS A 1063 11.34 44.91 17.07
N LEU A 1064 12.08 44.06 17.77
CA LEU A 1064 11.78 43.78 19.16
C LEU A 1064 12.36 44.86 20.06
N GLN A 1065 11.51 45.43 20.92
CA GLN A 1065 11.92 46.31 22.00
C GLN A 1065 11.35 45.76 23.31
N ASP A 1066 11.56 46.50 24.39
CA ASP A 1066 10.95 46.23 25.67
C ASP A 1066 9.89 47.29 25.95
N LEU A 1067 8.66 46.86 26.22
CA LEU A 1067 7.54 47.80 26.34
C LEU A 1067 6.77 47.54 27.63
N SER A 1068 7.29 48.03 28.75
CA SER A 1068 6.57 48.14 30.02
C SER A 1068 6.01 46.82 30.51
N ASP A 1069 6.24 45.74 29.74
CA ASP A 1069 5.58 44.47 29.96
C ASP A 1069 6.59 43.38 29.69
N ASP A 1070 7.06 42.72 30.74
CA ASP A 1070 8.15 41.77 30.64
C ASP A 1070 7.66 40.32 30.56
N ARG A 1071 6.53 40.08 29.92
CA ARG A 1071 6.06 38.69 29.77
C ARG A 1071 6.89 37.94 28.74
N LEU A 1072 7.23 38.59 27.63
CA LEU A 1072 8.09 37.96 26.64
C LEU A 1072 9.54 37.91 27.12
N ASN A 1073 9.98 38.94 27.85
CA ASN A 1073 11.28 38.88 28.50
C ASN A 1073 11.35 37.75 29.51
N LYS A 1074 10.30 37.58 30.31
CA LYS A 1074 10.26 36.48 31.27
C LYS A 1074 10.32 35.14 30.56
N PHE A 1075 9.53 34.97 29.49
CA PHE A 1075 9.52 33.70 28.77
C PHE A 1075 10.89 33.39 28.19
N LEU A 1076 11.49 34.35 27.48
CA LEU A 1076 12.77 34.10 26.83
C LEU A 1076 13.89 33.89 27.85
N THR A 1077 13.82 34.59 28.99
CA THR A 1077 14.80 34.38 30.05
C THR A 1077 14.68 32.98 30.63
N CYS A 1078 13.46 32.51 30.91
CA CYS A 1078 13.30 31.15 31.39
C CYS A 1078 13.77 30.13 30.37
N ILE A 1079 13.65 30.45 29.08
CA ILE A 1079 14.06 29.52 28.05
C ILE A 1079 15.58 29.38 28.01
N ILE A 1080 16.30 30.51 28.06
CA ILE A 1080 17.76 30.43 27.97
C ILE A 1080 18.45 30.11 29.29
N THR A 1081 17.75 30.20 30.41
CA THR A 1081 18.34 30.00 31.72
C THR A 1081 17.81 28.70 32.31
N PHE A 1082 18.69 27.74 32.51
CA PHE A 1082 18.33 26.48 33.15
C PHE A 1082 19.61 25.79 33.61
N ASP A 1083 19.44 24.75 34.42
CA ASP A 1083 20.56 24.00 34.95
C ASP A 1083 20.94 22.87 34.00
N LYS A 1084 22.24 22.70 33.79
CA LYS A 1084 22.75 21.75 32.82
C LYS A 1084 22.85 20.36 33.41
N ASN A 1085 22.43 19.36 32.63
CA ASN A 1085 22.42 17.98 33.07
C ASN A 1085 22.50 17.00 31.91
N PRO A 1086 23.56 17.02 31.11
CA PRO A 1086 23.62 16.19 29.91
C PRO A 1086 24.10 14.78 30.17
N ASN A 1087 23.59 13.85 29.36
CA ASN A 1087 23.90 12.44 29.51
C ASN A 1087 23.61 11.74 28.20
N ALA A 1088 24.59 10.98 27.70
CA ALA A 1088 24.50 10.25 26.43
C ALA A 1088 24.24 11.22 25.27
N GLU A 1089 25.17 12.15 25.10
CA GLU A 1089 24.97 13.23 24.14
C GLU A 1089 25.02 12.72 22.71
N PHE A 1090 25.98 11.87 22.40
CA PHE A 1090 26.27 11.52 21.02
C PHE A 1090 25.39 10.39 20.51
N VAL A 1091 24.98 9.45 21.35
CA VAL A 1091 23.97 8.49 20.91
C VAL A 1091 22.64 9.17 20.64
N THR A 1092 22.27 10.12 21.51
CA THR A 1092 21.02 10.83 21.34
C THR A 1092 21.04 11.71 20.10
N LEU A 1093 22.16 12.36 19.82
CA LEU A 1093 22.25 13.14 18.59
C LEU A 1093 22.44 12.29 17.35
N MET A 1094 22.83 11.02 17.50
CA MET A 1094 22.80 10.09 16.38
C MET A 1094 21.36 9.68 16.07
N ARG A 1095 20.56 9.40 17.09
CA ARG A 1095 19.19 8.94 16.86
C ARG A 1095 18.30 10.06 16.35
N ASP A 1096 18.31 11.21 17.03
CA ASP A 1096 17.54 12.38 16.62
C ASP A 1096 18.49 13.57 16.55
N PRO A 1097 18.97 13.93 15.36
CA PRO A 1097 19.90 15.06 15.25
C PRO A 1097 19.36 16.38 15.74
N GLN A 1098 18.08 16.49 16.08
CA GLN A 1098 17.48 17.71 16.58
C GLN A 1098 17.04 17.60 18.03
N ALA A 1099 17.49 16.56 18.75
CA ALA A 1099 17.19 16.40 20.15
C ALA A 1099 17.70 17.60 20.94
N LEU A 1100 17.25 17.72 22.18
CA LEU A 1100 17.52 18.96 22.90
C LEU A 1100 18.30 18.76 24.18
N GLY A 1101 18.04 17.73 24.97
CA GLY A 1101 18.91 17.42 26.08
C GLY A 1101 18.71 18.31 27.29
N SER A 1102 19.18 17.83 28.45
CA SER A 1102 19.02 18.45 29.77
C SER A 1102 17.57 18.45 30.25
N GLU A 1103 16.75 17.53 29.74
CA GLU A 1103 15.33 17.46 30.08
C GLU A 1103 14.60 18.73 29.67
N ARG A 1104 14.92 19.25 28.49
CA ARG A 1104 14.34 20.48 27.98
C ARG A 1104 13.24 20.22 26.96
N GLN A 1105 12.86 18.96 26.75
CA GLN A 1105 11.79 18.66 25.82
C GLN A 1105 11.04 17.43 26.31
N ALA A 1106 9.92 17.15 25.66
CA ALA A 1106 9.05 16.05 26.04
C ALA A 1106 9.59 14.72 25.52
N LYS A 1107 9.32 13.66 26.27
CA LYS A 1107 9.76 12.32 25.89
C LYS A 1107 8.69 11.60 25.09
N ILE A 1108 9.13 10.71 24.22
CA ILE A 1108 8.24 9.94 23.36
C ILE A 1108 8.28 8.48 23.80
N THR A 1109 7.43 7.68 23.16
CA THR A 1109 7.22 6.31 23.61
C THR A 1109 8.40 5.41 23.31
N SER A 1110 9.17 5.72 22.26
CA SER A 1110 10.34 4.91 21.94
C SER A 1110 11.39 4.94 23.05
N GLU A 1111 11.49 6.07 23.75
CA GLU A 1111 12.46 6.20 24.83
C GLU A 1111 12.03 5.50 26.10
N ILE A 1112 10.74 5.49 26.39
CA ILE A 1112 10.23 4.92 27.65
C ILE A 1112 10.28 3.41 27.61
N ASN A 1113 9.90 2.81 26.48
CA ASN A 1113 9.74 1.37 26.39
C ASN A 1113 10.99 0.65 25.90
N ARG A 1114 12.09 1.36 25.65
CA ARG A 1114 13.27 0.71 25.10
C ARG A 1114 13.87 -0.31 26.06
N LEU A 1115 14.06 0.10 27.32
CA LEU A 1115 14.67 -0.79 28.29
C LEU A 1115 13.79 -2.01 28.58
N ALA A 1116 12.47 -1.81 28.59
CA ALA A 1116 11.55 -2.92 28.76
C ALA A 1116 11.65 -3.91 27.61
N VAL A 1117 11.77 -3.40 26.38
CA VAL A 1117 11.89 -4.30 25.23
C VAL A 1117 13.18 -5.08 25.30
N THR A 1118 14.28 -4.45 25.67
CA THR A 1118 15.54 -5.19 25.71
C THR A 1118 15.54 -6.22 26.83
N GLU A 1119 14.88 -5.94 27.96
CA GLU A 1119 14.83 -6.94 29.02
C GLU A 1119 13.86 -8.07 28.69
N VAL A 1120 12.87 -7.83 27.85
CA VAL A 1120 12.03 -8.93 27.38
C VAL A 1120 12.76 -9.77 26.32
N LEU A 1121 13.51 -9.12 25.44
CA LEU A 1121 14.23 -9.83 24.39
C LEU A 1121 15.44 -10.59 24.91
N SER A 1122 15.99 -10.19 26.05
CA SER A 1122 17.12 -10.91 26.61
C SER A 1122 16.78 -12.34 27.01
N THR A 1123 15.51 -12.71 27.06
CA THR A 1123 15.09 -14.04 27.48
C THR A 1123 14.30 -14.75 26.40
N ALA A 1124 14.62 -14.51 25.16
CA ALA A 1124 14.00 -15.20 24.05
C ALA A 1124 14.80 -16.45 23.71
N PRO A 1125 14.14 -17.50 23.21
CA PRO A 1125 14.90 -18.68 22.79
C PRO A 1125 15.77 -18.43 21.57
N ASN A 1126 15.40 -17.51 20.70
CA ASN A 1126 16.21 -17.17 19.53
C ASN A 1126 17.48 -16.47 19.98
N LYS A 1127 18.63 -17.12 19.77
CA LYS A 1127 19.88 -16.62 20.31
C LYS A 1127 20.35 -15.35 19.61
N ILE A 1128 19.85 -15.04 18.43
CA ILE A 1128 20.19 -13.80 17.77
C ILE A 1128 19.66 -12.61 18.55
N PHE A 1129 18.35 -12.62 18.84
CA PHE A 1129 17.76 -11.51 19.58
C PHE A 1129 18.26 -11.47 21.02
N SER A 1130 18.47 -12.63 21.63
CA SER A 1130 19.00 -12.67 22.99
C SER A 1130 20.39 -12.07 23.06
N LYS A 1131 21.29 -12.51 22.17
CA LYS A 1131 22.66 -12.01 22.21
C LYS A 1131 22.72 -10.53 21.86
N SER A 1132 21.87 -10.08 20.93
CA SER A 1132 21.82 -8.66 20.65
C SER A 1132 21.34 -7.88 21.86
N ALA A 1133 20.30 -8.36 22.53
CA ALA A 1133 19.66 -7.60 23.60
C ALA A 1133 20.46 -7.61 24.89
N GLN A 1134 21.33 -8.58 25.08
CA GLN A 1134 22.17 -8.60 26.26
C GLN A 1134 23.37 -7.66 26.17
N HIS A 1135 23.68 -7.12 25.00
CA HIS A 1135 24.79 -6.21 24.80
C HIS A 1135 24.34 -4.80 24.44
N TYR A 1136 23.06 -4.50 24.64
CA TYR A 1136 22.49 -3.27 24.11
C TYR A 1136 23.04 -2.05 24.85
N THR A 1137 23.11 -2.11 26.17
CA THR A 1137 23.58 -0.98 26.96
C THR A 1137 25.07 -0.73 26.74
N THR A 1138 25.84 -1.80 26.59
CA THR A 1138 27.28 -1.64 26.40
C THR A 1138 27.57 -1.11 25.00
N THR A 1139 26.80 -1.54 24.00
CA THR A 1139 26.93 -0.97 22.67
C THR A 1139 26.53 0.50 22.67
N GLU A 1140 25.54 0.89 23.47
CA GLU A 1140 25.18 2.30 23.57
C GLU A 1140 26.32 3.11 24.18
N ILE A 1141 26.98 2.57 25.21
CA ILE A 1141 28.09 3.28 25.83
C ILE A 1141 29.24 3.45 24.84
N ASP A 1142 29.51 2.43 24.02
CA ASP A 1142 30.59 2.55 23.02
C ASP A 1142 30.23 3.57 21.95
N LEU A 1143 29.00 3.51 21.42
CA LEU A 1143 28.59 4.51 20.43
C LEU A 1143 28.64 5.92 21.00
N ASN A 1144 28.41 6.09 22.29
CA ASN A 1144 28.66 7.41 22.85
C ASN A 1144 30.15 7.73 22.82
N ASP A 1145 30.98 6.81 23.30
CA ASP A 1145 32.41 7.06 23.37
C ASP A 1145 33.12 6.59 22.11
N ILE A 1146 32.59 6.97 20.94
CA ILE A 1146 33.20 6.65 19.66
C ILE A 1146 33.64 7.90 18.90
N MET A 1147 32.82 8.96 18.90
CA MET A 1147 33.09 10.18 18.15
C MET A 1147 33.06 11.40 19.06
N GLN A 1148 33.41 11.23 20.31
CA GLN A 1148 33.25 12.26 21.32
C GLN A 1148 34.44 13.20 21.42
N ASN A 1149 35.48 13.01 20.59
CA ASN A 1149 36.65 13.88 20.62
C ASN A 1149 36.82 14.73 19.37
N ILE A 1150 35.92 14.60 18.40
CA ILE A 1150 35.86 15.52 17.27
C ILE A 1150 35.23 16.82 17.75
N GLU A 1151 35.96 17.93 17.59
CA GLU A 1151 35.69 19.10 18.41
C GLU A 1151 34.49 19.95 17.99
N PRO A 1152 34.27 20.21 16.69
CA PRO A 1152 32.94 20.71 16.30
C PRO A 1152 32.00 19.54 16.06
N THR A 1153 30.82 19.62 16.64
CA THR A 1153 29.83 18.56 16.54
C THR A 1153 28.90 18.83 15.37
N TYR A 1154 28.71 17.82 14.51
CA TYR A 1154 27.86 17.90 13.33
C TYR A 1154 26.88 16.75 13.43
N PRO A 1155 25.69 16.97 13.97
CA PRO A 1155 24.78 15.84 14.24
C PRO A 1155 24.31 15.11 13.01
N HIS A 1156 24.31 15.76 11.85
CA HIS A 1156 23.93 15.07 10.61
C HIS A 1156 25.04 14.17 10.09
N GLY A 1157 26.28 14.33 10.55
CA GLY A 1157 27.34 13.42 10.20
C GLY A 1157 27.40 12.28 11.19
N LEU A 1158 27.05 12.57 12.44
CA LEU A 1158 26.83 11.52 13.42
C LEU A 1158 25.70 10.59 12.99
N ARG A 1159 24.68 11.13 12.32
CA ARG A 1159 23.62 10.27 11.81
C ARG A 1159 24.13 9.33 10.72
N VAL A 1160 25.08 9.76 9.89
CA VAL A 1160 25.64 8.87 8.88
C VAL A 1160 26.52 7.80 9.53
N VAL A 1161 27.36 8.21 10.47
CA VAL A 1161 28.17 7.25 11.23
C VAL A 1161 27.27 6.21 11.89
N TYR A 1162 26.14 6.65 12.44
CA TYR A 1162 25.18 5.76 13.06
C TYR A 1162 24.57 4.79 12.05
N GLU A 1163 24.09 5.33 10.92
CA GLU A 1163 23.41 4.52 9.92
C GLU A 1163 24.34 3.56 9.19
N SER A 1164 25.65 3.74 9.29
CA SER A 1164 26.60 2.83 8.66
C SER A 1164 27.17 1.81 9.63
N LEU A 1165 26.39 1.37 10.61
CA LEU A 1165 26.82 0.44 11.64
C LEU A 1165 25.71 -0.55 11.93
N PRO A 1166 26.04 -1.76 12.41
CA PRO A 1166 25.01 -2.78 12.58
C PRO A 1166 24.05 -2.53 13.74
N PHE A 1167 24.28 -1.51 14.57
CA PHE A 1167 23.35 -1.19 15.65
C PHE A 1167 22.09 -0.50 15.13
N TYR A 1168 22.13 0.04 13.92
CA TYR A 1168 20.96 0.67 13.32
C TYR A 1168 19.83 -0.35 13.12
N LYS A 1169 20.17 -1.58 12.73
CA LYS A 1169 19.17 -2.61 12.50
C LYS A 1169 18.52 -3.10 13.79
N ALA A 1170 19.34 -3.33 14.81
CA ALA A 1170 18.79 -3.71 16.11
C ALA A 1170 17.91 -2.60 16.68
N GLU A 1171 18.34 -1.34 16.53
CA GLU A 1171 17.48 -0.23 16.91
C GLU A 1171 16.15 -0.26 16.19
N LYS A 1172 16.16 -0.57 14.90
CA LYS A 1172 14.90 -0.59 14.14
C LYS A 1172 13.97 -1.69 14.63
N ILE A 1173 14.51 -2.88 14.92
CA ILE A 1173 13.67 -3.97 15.40
C ILE A 1173 13.10 -3.66 16.78
N VAL A 1174 13.93 -3.07 17.65
CA VAL A 1174 13.46 -2.72 19.00
C VAL A 1174 12.38 -1.66 18.93
N ASN A 1175 12.54 -0.67 18.05
CA ASN A 1175 11.53 0.37 17.90
C ASN A 1175 10.25 -0.18 17.28
N LEU A 1176 10.35 -1.23 16.47
CA LEU A 1176 9.15 -1.92 16.02
C LEU A 1176 8.42 -2.54 17.19
N ILE A 1177 9.14 -3.29 18.03
CA ILE A 1177 8.49 -4.02 19.10
C ILE A 1177 7.93 -3.09 20.17
N SER A 1178 8.53 -1.92 20.37
CA SER A 1178 8.06 -1.05 21.45
C SER A 1178 6.83 -0.23 21.08
N GLY A 1179 6.15 -0.56 19.99
CA GLY A 1179 4.96 0.16 19.61
C GLY A 1179 3.72 -0.66 19.83
N THR A 1180 3.89 -1.85 20.36
CA THR A 1180 2.79 -2.75 20.65
C THR A 1180 2.19 -2.43 22.03
N LYS A 1181 0.98 -2.94 22.24
CA LYS A 1181 0.36 -2.90 23.55
C LYS A 1181 0.91 -4.04 24.39
N SER A 1182 1.29 -3.75 25.63
CA SER A 1182 1.83 -4.77 26.53
C SER A 1182 3.07 -5.42 25.95
N ILE A 1183 4.18 -4.67 25.90
CA ILE A 1183 5.48 -5.24 25.60
C ILE A 1183 5.77 -6.47 26.45
N THR A 1184 5.32 -6.47 27.69
CA THR A 1184 5.71 -7.51 28.64
C THR A 1184 5.13 -8.87 28.29
N ASN A 1185 3.90 -8.90 27.76
CA ASN A 1185 3.17 -10.15 27.56
C ASN A 1185 3.38 -10.74 26.16
N ILE A 1186 4.50 -10.48 25.50
CA ILE A 1186 4.70 -10.98 24.15
C ILE A 1186 4.86 -12.50 24.15
N LEU A 1187 5.67 -13.03 25.06
CA LEU A 1187 5.91 -14.47 25.11
C LEU A 1187 5.08 -15.15 26.19
N GLU A 1188 3.85 -14.66 26.42
CA GLU A 1188 2.98 -15.18 27.46
C GLU A 1188 1.64 -15.69 26.96
N LYS A 1189 1.32 -15.48 25.69
CA LYS A 1189 0.09 -15.99 25.07
C LYS A 1189 -1.16 -15.44 25.75
N THR A 1190 -1.28 -14.12 25.73
CA THR A 1190 -2.43 -13.44 26.30
C THR A 1190 -2.61 -12.10 25.58
N SER A 1191 -3.87 -11.66 25.50
CA SER A 1191 -4.21 -10.37 24.93
C SER A 1191 -4.43 -9.32 25.99
N ALA A 1192 -4.15 -9.63 27.25
CA ALA A 1192 -4.28 -8.70 28.36
C ALA A 1192 -3.03 -7.84 28.49
N ILE A 1193 -3.12 -6.84 29.35
CA ILE A 1193 -2.05 -5.86 29.56
C ILE A 1193 -1.54 -5.99 30.98
N ASP A 1194 -0.23 -6.01 31.15
CA ASP A 1194 0.36 -6.08 32.47
C ASP A 1194 0.34 -4.71 33.12
N LEU A 1195 0.11 -4.67 34.43
CA LEU A 1195 -0.04 -3.40 35.12
C LEU A 1195 1.24 -2.57 35.15
N THR A 1196 2.40 -3.19 34.96
CA THR A 1196 3.62 -2.41 34.85
C THR A 1196 3.63 -1.57 33.58
N ASP A 1197 3.09 -2.12 32.49
CA ASP A 1197 2.93 -1.34 31.26
C ASP A 1197 2.00 -0.16 31.48
N ILE A 1198 0.90 -0.38 32.21
CA ILE A 1198 -0.04 0.69 32.50
C ILE A 1198 0.62 1.78 33.32
N ASP A 1199 1.34 1.40 34.37
CA ASP A 1199 1.98 2.39 35.22
C ASP A 1199 3.04 3.18 34.47
N ARG A 1200 3.83 2.50 33.64
CA ARG A 1200 4.82 3.19 32.83
C ARG A 1200 4.17 4.23 31.93
N ALA A 1201 3.12 3.82 31.20
CA ALA A 1201 2.45 4.76 30.32
C ALA A 1201 1.82 5.92 31.08
N THR A 1202 1.22 5.63 32.24
CA THR A 1202 0.55 6.65 33.03
C THR A 1202 1.51 7.72 33.51
N GLU A 1203 2.67 7.31 34.02
CA GLU A 1203 3.62 8.31 34.49
C GLU A 1203 4.30 9.04 33.36
N MET A 1204 4.51 8.39 32.22
CA MET A 1204 4.89 9.12 31.01
C MET A 1204 3.91 10.26 30.73
N MET A 1205 2.61 9.94 30.74
CA MET A 1205 1.59 10.95 30.44
C MET A 1205 1.63 12.10 31.44
N ARG A 1206 1.74 11.80 32.73
CA ARG A 1206 1.70 12.87 33.73
C ARG A 1206 2.93 13.77 33.67
N LYS A 1207 4.12 13.18 33.51
CA LYS A 1207 5.32 13.99 33.35
C LYS A 1207 5.24 14.87 32.11
N ASN A 1208 4.76 14.31 31.00
CA ASN A 1208 4.65 15.10 29.79
C ASN A 1208 3.67 16.25 29.97
N ILE A 1209 2.63 16.06 30.78
CA ILE A 1209 1.68 17.15 31.01
C ILE A 1209 2.31 18.27 31.82
N THR A 1210 3.07 17.95 32.87
CA THR A 1210 3.62 19.00 33.73
C THR A 1210 4.98 19.53 33.27
N LEU A 1211 5.43 19.11 32.09
CA LEU A 1211 6.66 19.67 31.51
C LEU A 1211 6.69 21.18 31.56
N LEU A 1212 5.56 21.85 31.35
CA LEU A 1212 5.55 23.31 31.28
C LEU A 1212 5.74 23.94 32.65
N ILE A 1213 5.33 23.25 33.72
CA ILE A 1213 5.67 23.68 35.07
C ILE A 1213 7.17 23.58 35.29
N ARG A 1214 7.78 22.52 34.76
CA ARG A 1214 9.22 22.35 34.95
C ARG A 1214 10.04 23.35 34.13
N ILE A 1215 9.53 23.76 32.98
CA ILE A 1215 10.29 24.60 32.06
C ILE A 1215 10.15 26.10 32.34
N LEU A 1216 9.07 26.54 33.00
CA LEU A 1216 8.85 27.96 33.31
C LEU A 1216 8.76 28.16 34.81
N PRO A 1217 9.90 28.20 35.52
CA PRO A 1217 9.87 28.40 36.97
C PRO A 1217 9.35 29.78 37.33
N LEU A 1218 8.78 29.89 38.52
CA LEU A 1218 8.12 31.13 38.92
C LEU A 1218 9.08 32.22 39.37
N ASP A 1219 10.37 32.08 39.09
CA ASP A 1219 11.31 33.17 39.35
C ASP A 1219 12.38 33.30 38.27
N CYS A 1220 12.20 32.68 37.10
CA CYS A 1220 13.17 32.72 36.01
C CYS A 1220 14.53 32.15 36.42
N ASN A 1221 14.51 31.20 37.35
CA ASN A 1221 15.65 30.46 37.87
C ASN A 1221 16.51 31.30 38.81
N ARG A 1222 16.28 32.61 38.84
CA ARG A 1222 16.68 33.48 39.95
C ARG A 1222 16.16 34.89 39.71
N ASP A 1223 15.73 35.56 40.78
CA ASP A 1223 15.21 36.92 40.63
C ASP A 1223 16.30 37.89 40.22
N LYS A 1224 17.52 37.71 40.73
CA LYS A 1224 18.61 38.63 40.48
C LYS A 1224 19.32 38.39 39.15
N ARG A 1225 18.92 37.36 38.39
CA ARG A 1225 19.43 37.21 37.03
C ARG A 1225 18.87 38.33 36.16
N GLU A 1226 19.77 39.11 35.55
CA GLU A 1226 19.36 40.22 34.71
C GLU A 1226 18.41 39.73 33.62
N ILE A 1227 17.21 40.31 33.58
CA ILE A 1227 16.20 39.89 32.63
C ILE A 1227 16.73 40.11 31.21
N LEU A 1228 16.24 39.30 30.28
CA LEU A 1228 16.74 39.38 28.91
C LEU A 1228 16.28 40.68 28.26
N SER A 1229 17.24 41.54 27.90
CA SER A 1229 16.92 42.74 27.15
C SER A 1229 16.78 42.37 25.69
N MET A 1230 15.66 42.78 25.07
CA MET A 1230 15.31 42.36 23.73
C MET A 1230 15.65 43.41 22.68
N GLU A 1231 16.74 44.14 22.87
CA GLU A 1231 17.22 45.09 21.89
C GLU A 1231 18.45 44.52 21.19
N ASN A 1232 18.46 44.57 19.86
CA ASN A 1232 19.48 43.92 19.04
C ASN A 1232 19.55 42.42 19.35
N LEU A 1233 18.38 41.80 19.44
CA LEU A 1233 18.27 40.37 19.71
C LEU A 1233 18.10 39.62 18.40
N SER A 1234 18.68 38.42 18.35
CA SER A 1234 18.53 37.52 17.21
C SER A 1234 17.97 36.21 17.73
N ILE A 1235 16.83 35.79 17.17
CA ILE A 1235 16.20 34.55 17.57
C ILE A 1235 17.05 33.34 17.17
N THR A 1236 17.88 33.49 16.15
CA THR A 1236 18.68 32.38 15.66
C THR A 1236 19.90 32.16 16.54
N GLU A 1237 20.51 33.24 17.02
CA GLU A 1237 21.57 33.12 18.01
C GLU A 1237 21.03 32.58 19.32
N LEU A 1238 19.84 33.02 19.71
CA LEU A 1238 19.21 32.50 20.93
C LEU A 1238 18.93 31.00 20.82
N SER A 1239 18.49 30.54 19.64
CA SER A 1239 18.26 29.11 19.44
C SER A 1239 19.56 28.34 19.48
N LYS A 1240 20.62 28.84 18.84
CA LYS A 1240 21.90 28.16 18.87
C LYS A 1240 22.42 28.06 20.29
N TYR A 1241 22.31 29.14 21.07
CA TYR A 1241 22.75 29.12 22.45
C TYR A 1241 21.97 28.11 23.28
N VAL A 1242 20.64 28.10 23.14
CA VAL A 1242 19.82 27.14 23.89
C VAL A 1242 20.23 25.72 23.56
N ARG A 1243 20.39 25.41 22.27
CA ARG A 1243 20.71 24.04 21.87
C ARG A 1243 22.08 23.61 22.33
N GLU A 1244 23.04 24.53 22.39
CA GLU A 1244 24.37 24.15 22.87
C GLU A 1244 24.43 24.03 24.38
N ARG A 1245 23.79 24.96 25.10
CA ARG A 1245 23.80 24.91 26.56
C ARG A 1245 23.09 23.68 27.08
N SER A 1246 22.06 23.22 26.37
CA SER A 1246 21.36 22.04 26.81
C SER A 1246 22.23 20.79 26.75
N TRP A 1247 23.22 20.75 25.86
CA TRP A 1247 24.10 19.59 25.72
C TRP A 1247 25.48 19.80 26.32
N SER A 1248 25.83 21.01 26.70
CA SER A 1248 27.14 21.40 27.22
C SER A 1248 28.23 21.27 26.17
N LEU A 1249 27.88 21.30 24.90
CA LEU A 1249 28.83 21.23 23.81
C LEU A 1249 29.21 22.63 23.37
N SER A 1250 30.49 22.84 23.12
CA SER A 1250 30.99 24.18 22.79
C SER A 1250 30.39 24.68 21.48
N ASN A 1251 30.36 23.83 20.45
CA ASN A 1251 29.97 24.25 19.12
C ASN A 1251 29.20 23.13 18.44
N ILE A 1252 28.08 23.46 17.82
CA ILE A 1252 27.27 22.53 17.04
C ILE A 1252 26.99 23.20 15.71
N VAL A 1253 27.32 22.53 14.61
CA VAL A 1253 27.29 23.15 13.29
C VAL A 1253 26.27 22.46 12.40
N GLY A 1254 25.62 23.24 11.55
CA GLY A 1254 24.79 22.70 10.49
C GLY A 1254 23.38 22.35 10.86
N VAL A 1255 22.86 22.82 12.00
CA VAL A 1255 21.51 22.50 12.43
C VAL A 1255 20.64 23.74 12.53
N THR A 1256 21.20 24.86 12.97
CA THR A 1256 20.41 26.08 13.16
C THR A 1256 20.27 26.83 11.85
N SER A 1257 19.02 27.13 11.47
CA SER A 1257 18.69 27.80 10.23
C SER A 1257 17.55 28.76 10.53
N PRO A 1258 17.53 29.94 9.92
CA PRO A 1258 16.51 30.94 10.26
C PRO A 1258 15.12 30.48 9.86
N SER A 1259 14.13 31.12 10.47
CA SER A 1259 12.73 30.93 10.12
C SER A 1259 12.35 31.93 9.06
N ILE A 1260 11.64 31.47 8.02
CA ILE A 1260 11.26 32.39 6.95
C ILE A 1260 10.11 33.28 7.38
N MET A 1261 9.21 32.77 8.21
CA MET A 1261 8.08 33.54 8.66
C MET A 1261 8.49 34.73 9.51
N TYR A 1262 9.60 34.62 10.24
CA TYR A 1262 10.11 35.69 11.07
C TYR A 1262 11.11 36.58 10.34
N THR A 1263 11.90 36.02 9.43
CA THR A 1263 12.98 36.76 8.80
C THR A 1263 12.46 37.76 7.78
N MET A 1264 11.38 37.43 7.09
CA MET A 1264 10.91 38.20 5.96
C MET A 1264 9.83 39.18 6.36
N ASP A 1265 9.91 40.39 5.83
CA ASP A 1265 8.91 41.42 6.01
C ASP A 1265 8.17 41.62 4.70
N ILE A 1266 6.86 41.87 4.80
CA ILE A 1266 5.93 41.79 3.69
C ILE A 1266 5.48 43.20 3.33
N LYS A 1267 5.84 43.66 2.14
CA LYS A 1267 5.37 44.93 1.61
C LYS A 1267 4.48 44.68 0.40
N TYR A 1268 3.54 45.60 0.17
CA TYR A 1268 2.62 45.51 -0.94
C TYR A 1268 2.82 46.61 -1.97
N THR A 1269 3.46 47.71 -1.60
CA THR A 1269 3.75 48.78 -2.54
C THR A 1269 5.12 48.59 -3.16
N THR A 1270 5.30 49.17 -4.35
CA THR A 1270 6.59 49.11 -5.03
C THR A 1270 7.56 50.08 -4.36
N SER A 1271 8.63 49.52 -3.78
CA SER A 1271 9.61 50.35 -3.10
C SER A 1271 10.40 51.19 -4.11
N THR A 1272 11.22 52.09 -3.59
CA THR A 1272 12.17 52.81 -4.44
C THR A 1272 13.08 51.77 -5.10
N ILE A 1273 13.85 51.06 -4.28
CA ILE A 1273 14.53 49.84 -4.66
C ILE A 1273 13.85 48.70 -3.93
N SER A 1274 13.47 47.66 -4.69
CA SER A 1274 12.61 46.61 -4.13
C SER A 1274 13.25 45.96 -2.92
N SER A 1275 14.48 45.47 -3.09
CA SER A 1275 15.33 44.95 -2.02
C SER A 1275 14.88 43.61 -1.46
N GLY A 1276 14.11 42.83 -2.21
CA GLY A 1276 13.69 41.54 -1.72
C GLY A 1276 13.32 40.59 -2.83
N ILE A 1277 12.57 39.57 -2.47
CA ILE A 1277 11.97 38.69 -3.47
C ILE A 1277 10.66 39.33 -3.92
N ILE A 1278 10.39 39.29 -5.21
CA ILE A 1278 9.19 39.89 -5.78
C ILE A 1278 8.30 38.77 -6.31
N ILE A 1279 7.09 38.67 -5.77
CA ILE A 1279 6.08 37.72 -6.24
C ILE A 1279 4.98 38.51 -6.93
N GLU A 1280 4.50 38.01 -8.05
CA GLU A 1280 3.59 38.75 -8.91
C GLU A 1280 2.51 37.82 -9.45
N LYS A 1281 1.33 38.38 -9.68
CA LYS A 1281 0.21 37.64 -10.23
C LYS A 1281 0.19 37.77 -11.74
N TYR A 1282 0.16 36.65 -12.45
CA TYR A 1282 0.04 36.66 -13.89
C TYR A 1282 -1.39 36.44 -14.38
N ASN A 1283 -2.27 35.89 -13.57
CA ASN A 1283 -3.66 35.78 -13.94
C ASN A 1283 -4.27 37.18 -14.03
N VAL A 1284 -5.33 37.31 -14.82
CA VAL A 1284 -5.96 38.62 -15.00
C VAL A 1284 -7.10 38.82 -14.00
N ASN A 1285 -7.67 37.73 -13.50
CA ASN A 1285 -8.79 37.78 -12.58
C ASN A 1285 -8.35 38.32 -11.22
N SER A 1286 -9.31 38.88 -10.49
CA SER A 1286 -9.04 39.36 -9.14
C SER A 1286 -8.93 38.24 -8.13
N LEU A 1287 -9.44 37.05 -8.43
CA LEU A 1287 -9.43 35.90 -7.55
C LEU A 1287 -8.89 34.72 -8.33
N THR A 1288 -7.99 33.96 -7.71
CA THR A 1288 -7.29 32.89 -8.40
C THR A 1288 -7.55 31.51 -7.80
N ARG A 1289 -8.49 31.37 -6.88
CA ARG A 1289 -8.81 30.05 -6.34
C ARG A 1289 -9.67 29.29 -7.34
N GLY A 1290 -9.28 28.06 -7.64
CA GLY A 1290 -9.99 27.29 -8.63
C GLY A 1290 -9.75 27.70 -10.05
N GLU A 1291 -8.64 28.39 -10.32
CA GLU A 1291 -8.23 28.78 -11.66
C GLU A 1291 -6.82 28.28 -11.94
N ARG A 1292 -6.46 28.30 -13.22
CA ARG A 1292 -5.18 27.83 -13.72
C ARG A 1292 -4.46 28.97 -14.42
N GLY A 1293 -3.13 28.94 -14.38
CA GLY A 1293 -2.35 30.03 -14.90
C GLY A 1293 -1.29 29.62 -15.90
N PRO A 1294 -0.53 30.59 -16.42
CA PRO A 1294 0.45 30.30 -17.47
C PRO A 1294 1.78 29.79 -16.96
N THR A 1295 2.12 30.05 -15.71
CA THR A 1295 3.42 29.65 -15.16
C THR A 1295 3.47 28.13 -14.97
N LYS A 1296 4.63 27.65 -14.59
CA LYS A 1296 4.93 26.24 -14.35
C LYS A 1296 4.79 25.93 -12.86
N PRO A 1297 4.30 24.74 -12.49
CA PRO A 1297 4.06 24.46 -11.08
C PRO A 1297 5.33 24.44 -10.26
N TRP A 1298 5.24 24.95 -9.03
CA TRP A 1298 6.33 24.97 -8.07
C TRP A 1298 6.18 23.81 -7.11
N VAL A 1299 7.24 23.03 -6.92
CA VAL A 1299 7.17 21.81 -6.12
C VAL A 1299 8.29 21.68 -5.10
N GLY A 1300 9.19 22.66 -4.99
CA GLY A 1300 10.33 22.50 -4.10
C GLY A 1300 11.55 21.96 -4.82
N SER A 1301 11.75 20.64 -4.76
CA SER A 1301 12.73 19.95 -5.61
C SER A 1301 14.16 20.45 -5.37
N SER A 1302 14.68 20.07 -4.19
CA SER A 1302 16.04 20.41 -3.79
C SER A 1302 17.06 20.00 -4.85
N THR A 1303 18.27 20.57 -4.75
CA THR A 1303 19.27 20.47 -5.81
C THR A 1303 19.64 19.01 -6.11
N GLN A 1304 20.14 18.81 -7.32
CA GLN A 1304 20.63 17.51 -7.76
C GLN A 1304 22.12 17.39 -7.45
N GLU A 1305 22.52 16.21 -6.96
CA GLU A 1305 23.88 16.05 -6.46
C GLU A 1305 24.91 16.07 -7.58
N LYS A 1306 26.09 16.59 -7.27
CA LYS A 1306 27.20 16.72 -8.20
C LYS A 1306 28.29 15.76 -7.75
N LYS A 1307 28.20 14.50 -8.20
CA LYS A 1307 29.21 13.51 -7.89
C LYS A 1307 29.56 12.73 -9.14
N THR A 1308 30.68 12.02 -9.07
CA THR A 1308 31.22 11.23 -10.18
C THR A 1308 31.13 9.75 -9.83
N MET A 1309 30.36 9.01 -10.60
CA MET A 1309 30.22 7.58 -10.34
C MET A 1309 31.30 6.80 -11.10
N PRO A 1310 31.97 5.85 -10.45
CA PRO A 1310 32.97 5.04 -11.15
C PRO A 1310 32.34 4.06 -12.13
N VAL A 1311 33.16 3.34 -12.89
CA VAL A 1311 32.66 2.43 -13.91
C VAL A 1311 32.95 1.00 -13.45
N TYR A 1312 31.89 0.29 -13.06
CA TYR A 1312 31.98 -1.12 -12.74
C TYR A 1312 30.61 -1.72 -12.97
N ASN A 1313 30.53 -3.05 -12.85
CA ASN A 1313 29.27 -3.76 -13.07
C ASN A 1313 28.45 -3.69 -11.81
N ARG A 1314 27.39 -2.88 -11.83
CA ARG A 1314 26.62 -2.61 -10.62
C ARG A 1314 25.79 -3.80 -10.19
N GLN A 1315 25.29 -4.59 -11.12
CA GLN A 1315 24.37 -5.68 -10.81
C GLN A 1315 25.07 -6.91 -10.22
N VAL A 1316 26.39 -6.86 -10.01
CA VAL A 1316 27.07 -7.93 -9.31
C VAL A 1316 26.92 -7.77 -7.79
N LEU A 1317 26.64 -6.56 -7.31
CA LEU A 1317 26.36 -6.31 -5.91
C LEU A 1317 24.87 -6.29 -5.66
N THR A 1318 24.46 -6.67 -4.45
CA THR A 1318 23.07 -6.57 -4.06
C THR A 1318 22.76 -5.12 -3.70
N LYS A 1319 21.53 -4.88 -3.24
CA LYS A 1319 21.13 -3.51 -2.95
C LYS A 1319 21.76 -3.00 -1.67
N LYS A 1320 21.84 -3.85 -0.65
CA LYS A 1320 22.37 -3.41 0.63
C LYS A 1320 23.87 -3.13 0.57
N GLN A 1321 24.60 -3.85 -0.28
CA GLN A 1321 26.02 -3.57 -0.46
C GLN A 1321 26.23 -2.22 -1.13
N ARG A 1322 25.37 -1.85 -2.06
CA ARG A 1322 25.47 -0.53 -2.67
C ARG A 1322 25.05 0.58 -1.71
N ASP A 1323 24.09 0.31 -0.84
CA ASP A 1323 23.75 1.28 0.20
C ASP A 1323 24.94 1.53 1.12
N GLN A 1324 25.62 0.46 1.54
CA GLN A 1324 26.78 0.62 2.42
C GLN A 1324 27.91 1.34 1.70
N ILE A 1325 28.13 1.05 0.42
CA ILE A 1325 29.16 1.75 -0.34
C ILE A 1325 28.88 3.25 -0.38
N ASP A 1326 27.62 3.63 -0.62
CA ASP A 1326 27.30 5.06 -0.69
C ASP A 1326 27.39 5.73 0.68
N LEU A 1327 27.05 5.02 1.75
CA LEU A 1327 27.24 5.57 3.09
C LEU A 1327 28.70 5.85 3.38
N LEU A 1328 29.59 4.89 3.06
CA LEU A 1328 31.01 5.10 3.32
C LEU A 1328 31.60 6.16 2.41
N ALA A 1329 31.06 6.34 1.20
CA ALA A 1329 31.48 7.44 0.36
C ALA A 1329 31.13 8.78 0.98
N LYS A 1330 29.88 8.93 1.45
CA LYS A 1330 29.48 10.15 2.13
C LYS A 1330 30.35 10.42 3.36
N LEU A 1331 30.71 9.36 4.06
CA LEU A 1331 31.45 9.51 5.30
C LEU A 1331 32.90 9.91 5.04
N ASP A 1332 33.50 9.34 4.00
CA ASP A 1332 34.81 9.76 3.51
C ASP A 1332 34.80 11.16 2.93
N TRP A 1333 33.64 11.67 2.53
CA TRP A 1333 33.50 13.05 2.08
C TRP A 1333 33.46 14.03 3.25
N VAL A 1334 32.57 13.79 4.21
CA VAL A 1334 32.34 14.75 5.29
C VAL A 1334 33.56 14.86 6.19
N TYR A 1335 34.08 13.72 6.64
CA TYR A 1335 35.12 13.67 7.66
C TYR A 1335 36.51 13.47 7.10
N ALA A 1336 36.77 13.99 5.90
CA ALA A 1336 38.08 13.85 5.29
C ALA A 1336 39.13 14.70 5.96
N SER A 1337 38.79 15.40 7.03
CA SER A 1337 39.67 16.36 7.67
C SER A 1337 40.24 15.89 8.99
N ILE A 1338 39.71 14.82 9.57
CA ILE A 1338 40.21 14.38 10.86
C ILE A 1338 41.57 13.70 10.69
N ASP A 1339 42.36 13.74 11.76
CA ASP A 1339 43.69 13.14 11.74
C ASP A 1339 43.67 11.70 12.26
N ASN A 1340 42.69 10.96 11.77
CA ASN A 1340 42.66 9.51 11.97
C ASN A 1340 42.09 8.83 10.74
N LYS A 1341 41.87 9.56 9.64
CA LYS A 1341 40.95 9.15 8.59
C LYS A 1341 41.34 7.82 7.97
N ASP A 1342 42.64 7.53 7.91
CA ASP A 1342 43.09 6.29 7.30
C ASP A 1342 42.65 5.08 8.12
N GLU A 1343 42.93 5.09 9.42
CA GLU A 1343 42.53 3.98 10.28
C GLU A 1343 41.02 3.88 10.38
N PHE A 1344 40.35 5.01 10.51
CA PHE A 1344 38.89 5.07 10.55
C PHE A 1344 38.28 4.37 9.35
N MET A 1345 38.62 4.83 8.15
CA MET A 1345 38.01 4.29 6.94
C MET A 1345 38.47 2.86 6.67
N GLU A 1346 39.70 2.52 7.04
CA GLU A 1346 40.17 1.14 6.88
C GLU A 1346 39.37 0.19 7.74
N GLU A 1347 39.16 0.53 9.01
CA GLU A 1347 38.43 -0.34 9.91
C GLU A 1347 36.97 -0.43 9.50
N LEU A 1348 36.38 0.68 9.06
CA LEU A 1348 35.00 0.64 8.57
C LEU A 1348 34.88 -0.26 7.35
N SER A 1349 35.77 -0.10 6.37
CA SER A 1349 35.70 -0.92 5.16
C SER A 1349 35.88 -2.39 5.47
N ILE A 1350 36.91 -2.74 6.24
CA ILE A 1350 37.15 -4.13 6.59
C ILE A 1350 35.95 -4.70 7.35
N GLY A 1351 35.44 -3.96 8.33
CA GLY A 1351 34.42 -4.52 9.20
C GLY A 1351 33.06 -4.63 8.56
N THR A 1352 32.70 -3.71 7.67
CA THR A 1352 31.38 -3.70 7.06
C THR A 1352 31.34 -4.37 5.69
N LEU A 1353 32.30 -4.09 4.81
CA LEU A 1353 32.25 -4.60 3.44
C LEU A 1353 33.21 -5.75 3.16
N GLY A 1354 34.21 -5.98 4.00
CA GLY A 1354 35.14 -7.04 3.79
C GLY A 1354 36.36 -6.68 2.97
N LEU A 1355 36.35 -5.53 2.32
CA LEU A 1355 37.48 -5.07 1.52
C LEU A 1355 38.43 -4.24 2.37
N THR A 1356 39.60 -3.95 1.81
CA THR A 1356 40.47 -2.95 2.39
C THR A 1356 40.09 -1.57 1.86
N TYR A 1357 40.68 -0.53 2.43
CA TYR A 1357 40.31 0.81 2.00
C TYR A 1357 40.74 1.07 0.56
N GLU A 1358 41.84 0.46 0.12
CA GLU A 1358 42.31 0.68 -1.24
C GLU A 1358 41.45 -0.05 -2.26
N LYS A 1359 40.97 -1.24 -1.91
CA LYS A 1359 40.09 -1.97 -2.82
C LYS A 1359 38.70 -1.37 -2.83
N ALA A 1360 38.27 -0.78 -1.72
CA ALA A 1360 36.91 -0.23 -1.62
C ALA A 1360 36.82 1.17 -2.18
N LYS A 1361 37.89 1.96 -2.08
CA LYS A 1361 37.86 3.33 -2.59
C LYS A 1361 37.66 3.41 -4.08
N LYS A 1362 37.79 2.30 -4.81
CA LYS A 1362 37.54 2.29 -6.25
C LYS A 1362 36.06 2.26 -6.60
N LEU A 1363 35.19 2.03 -5.61
CA LEU A 1363 33.75 1.98 -5.84
C LEU A 1363 33.03 3.19 -5.27
N PHE A 1364 33.75 4.13 -4.68
CA PHE A 1364 33.13 5.25 -4.00
C PHE A 1364 32.76 6.34 -5.00
N PRO A 1365 31.52 6.83 -4.99
CA PRO A 1365 31.22 8.06 -5.73
C PRO A 1365 32.01 9.23 -5.17
N GLN A 1366 32.60 10.02 -6.05
CA GLN A 1366 33.43 11.13 -5.65
C GLN A 1366 32.63 12.42 -5.77
N TYR A 1367 32.64 13.24 -4.73
CA TYR A 1367 31.79 14.40 -4.62
C TYR A 1367 32.54 15.65 -5.06
N LEU A 1368 31.95 16.38 -6.01
CA LEU A 1368 32.56 17.58 -6.57
C LEU A 1368 32.17 18.84 -5.82
N SER A 1369 31.19 18.77 -4.93
CA SER A 1369 30.82 19.91 -4.11
C SER A 1369 31.83 20.12 -3.00
N VAL A 1370 31.72 21.26 -2.34
CA VAL A 1370 32.61 21.58 -1.22
C VAL A 1370 31.86 21.80 0.08
N ASN A 1371 30.59 22.17 0.04
CA ASN A 1371 29.79 22.41 1.24
C ASN A 1371 28.88 21.20 1.44
N TYR A 1372 29.32 20.27 2.29
CA TYR A 1372 28.43 19.21 2.73
C TYR A 1372 27.40 19.71 3.72
N LEU A 1373 27.63 20.88 4.31
CA LEU A 1373 26.63 21.48 5.20
C LEU A 1373 25.40 21.92 4.45
N HIS A 1374 25.51 22.17 3.14
CA HIS A 1374 24.39 22.50 2.28
C HIS A 1374 23.83 21.30 1.54
N ARG A 1375 24.68 20.37 1.13
CA ARG A 1375 24.35 19.38 0.12
C ARG A 1375 24.23 17.95 0.62
N LEU A 1376 24.61 17.66 1.85
CA LEU A 1376 24.55 16.29 2.33
C LEU A 1376 23.10 15.81 2.37
N THR A 1377 22.89 14.56 1.94
CA THR A 1377 21.57 13.96 1.90
C THR A 1377 21.54 12.82 2.92
N VAL A 1378 20.98 13.08 4.09
CA VAL A 1378 20.75 12.06 5.09
C VAL A 1378 19.25 11.84 5.18
N SER A 1379 18.84 10.79 5.89
CA SER A 1379 17.43 10.57 6.14
C SER A 1379 16.85 11.60 7.09
N SER A 1380 17.68 12.36 7.79
CA SER A 1380 17.24 13.32 8.78
C SER A 1380 17.14 14.74 8.24
N ARG A 1381 17.14 14.90 6.91
CA ARG A 1381 17.09 16.20 6.28
C ARG A 1381 16.02 16.22 5.19
N PRO A 1382 15.25 17.30 5.09
CA PRO A 1382 14.26 17.39 4.01
C PRO A 1382 14.94 17.51 2.65
N CYS A 1383 14.29 16.91 1.65
CA CYS A 1383 14.79 16.95 0.28
C CYS A 1383 13.81 17.63 -0.67
N GLU A 1384 12.87 18.40 -0.15
CA GLU A 1384 11.82 19.05 -0.91
C GLU A 1384 11.14 20.05 0.01
N PHE A 1385 10.81 21.22 -0.52
CA PHE A 1385 10.24 22.31 0.26
C PHE A 1385 9.02 22.88 -0.46
N PRO A 1386 7.89 22.18 -0.39
CA PRO A 1386 6.68 22.65 -1.06
C PRO A 1386 5.87 23.64 -0.21
N ALA A 1387 4.99 24.37 -0.90
CA ALA A 1387 4.17 25.35 -0.23
C ALA A 1387 2.97 24.68 0.42
N SER A 1388 2.21 25.45 1.18
CA SER A 1388 0.97 24.97 1.78
C SER A 1388 -0.22 25.34 0.92
N ILE A 1389 -0.16 24.91 -0.33
CA ILE A 1389 -1.03 25.39 -1.40
C ILE A 1389 -1.08 24.26 -2.41
N PRO A 1390 -2.22 23.99 -3.05
CA PRO A 1390 -2.24 22.98 -4.12
C PRO A 1390 -1.38 23.41 -5.30
N ALA A 1391 -0.79 22.41 -5.97
CA ALA A 1391 0.21 22.67 -7.00
C ALA A 1391 -0.38 23.31 -8.25
N TYR A 1392 -1.67 23.11 -8.52
CA TYR A 1392 -2.29 23.80 -9.64
C TYR A 1392 -2.36 25.29 -9.42
N ARG A 1393 -2.26 25.74 -8.18
CA ARG A 1393 -2.52 27.12 -7.81
C ARG A 1393 -1.27 27.98 -7.91
N THR A 1394 -0.10 27.34 -7.87
CA THR A 1394 1.19 28.00 -7.98
C THR A 1394 1.46 28.52 -9.37
N THR A 1395 0.67 28.12 -10.37
CA THR A 1395 0.88 28.51 -11.75
C THR A 1395 0.33 29.88 -12.07
N ASN A 1396 -0.30 30.56 -11.12
CA ASN A 1396 -0.78 31.92 -11.37
C ASN A 1396 0.28 32.97 -11.11
N TYR A 1397 1.34 32.62 -10.39
CA TYR A 1397 2.29 33.59 -9.86
C TYR A 1397 3.67 33.37 -10.45
N HIS A 1398 4.45 34.45 -10.43
CA HIS A 1398 5.79 34.52 -10.98
C HIS A 1398 6.69 35.20 -9.95
N PHE A 1399 7.89 34.65 -9.71
CA PHE A 1399 8.80 35.21 -8.73
C PHE A 1399 10.11 35.66 -9.37
N ASP A 1400 10.74 36.62 -8.72
CA ASP A 1400 11.99 37.23 -9.15
C ASP A 1400 12.87 37.48 -7.94
N THR A 1401 14.05 36.86 -7.91
CA THR A 1401 14.94 36.90 -6.76
C THR A 1401 16.27 37.57 -7.08
N SER A 1402 16.26 38.58 -7.93
CA SER A 1402 17.50 39.26 -8.31
C SER A 1402 17.96 40.30 -7.30
N PRO A 1403 17.10 41.20 -6.82
CA PRO A 1403 17.59 42.23 -5.89
C PRO A 1403 18.11 41.68 -4.56
N ILE A 1404 17.46 40.65 -4.02
CA ILE A 1404 17.96 40.06 -2.79
C ILE A 1404 19.30 39.39 -3.03
N ASN A 1405 19.51 38.84 -4.22
CA ASN A 1405 20.82 38.27 -4.53
C ASN A 1405 21.88 39.36 -4.59
N ARG A 1406 21.54 40.51 -5.18
CA ARG A 1406 22.46 41.64 -5.18
C ARG A 1406 22.86 42.03 -3.76
N ILE A 1407 21.87 42.20 -2.88
CA ILE A 1407 22.18 42.70 -1.53
C ILE A 1407 22.94 41.64 -0.72
N LEU A 1408 22.50 40.38 -0.77
CA LEU A 1408 23.19 39.33 -0.05
C LEU A 1408 24.61 39.13 -0.56
N THR A 1409 24.86 39.39 -1.84
CA THR A 1409 26.20 39.26 -2.37
C THR A 1409 27.07 40.45 -2.03
N GLU A 1410 26.50 41.64 -1.91
CA GLU A 1410 27.31 42.76 -1.46
C GLU A 1410 27.65 42.65 0.01
N LYS A 1411 26.79 42.04 0.83
CA LYS A 1411 27.15 41.97 2.24
C LYS A 1411 28.10 40.81 2.54
N TYR A 1412 27.85 39.63 2.00
CA TYR A 1412 28.73 38.51 2.33
C TYR A 1412 29.75 38.25 1.23
N GLY A 1413 29.30 37.86 0.05
CA GLY A 1413 30.19 37.77 -1.09
C GLY A 1413 30.85 36.41 -1.22
N ASP A 1414 30.40 35.61 -2.18
CA ASP A 1414 30.97 34.31 -2.47
C ASP A 1414 31.25 33.49 -1.22
N GLU A 1415 30.38 33.61 -0.22
CA GLU A 1415 30.45 32.82 0.99
C GLU A 1415 29.08 32.26 1.30
N ASP A 1416 29.02 30.99 1.66
CA ASP A 1416 27.75 30.33 1.90
C ASP A 1416 27.09 30.87 3.15
N ILE A 1417 25.75 30.90 3.14
CA ILE A 1417 24.95 31.34 4.27
C ILE A 1417 23.86 30.31 4.51
N ASP A 1418 23.13 30.49 5.62
CA ASP A 1418 22.33 29.43 6.21
C ASP A 1418 20.82 29.56 5.95
N ILE A 1419 20.41 30.38 5.00
CA ILE A 1419 19.00 30.60 4.70
C ILE A 1419 18.60 29.79 3.48
N VAL A 1420 17.40 29.21 3.51
CA VAL A 1420 16.91 28.32 2.46
C VAL A 1420 16.12 29.11 1.43
N PHE A 1421 16.33 28.76 0.16
CA PHE A 1421 15.78 29.47 -1.00
C PHE A 1421 14.36 29.01 -1.32
N GLN A 1422 14.16 27.69 -1.39
CA GLN A 1422 12.86 27.13 -1.68
C GLN A 1422 11.82 27.56 -0.67
N ASN A 1423 12.22 27.69 0.60
CA ASN A 1423 11.26 28.08 1.62
C ASN A 1423 10.86 29.54 1.49
N CYS A 1424 11.74 30.39 1.00
CA CYS A 1424 11.36 31.77 0.72
C CYS A 1424 10.34 31.84 -0.41
N ILE A 1425 10.54 31.05 -1.47
CA ILE A 1425 9.57 31.07 -2.56
C ILE A 1425 8.24 30.51 -2.09
N SER A 1426 8.26 29.39 -1.37
CA SER A 1426 7.04 28.78 -0.85
C SER A 1426 6.28 29.74 0.07
N PHE A 1427 7.00 30.44 0.94
CA PHE A 1427 6.37 31.43 1.81
C PHE A 1427 5.67 32.50 1.00
N GLY A 1428 6.32 33.02 -0.04
CA GLY A 1428 5.69 34.05 -0.86
C GLY A 1428 4.43 33.59 -1.56
N LEU A 1429 4.46 32.37 -2.11
CA LEU A 1429 3.29 31.85 -2.81
C LEU A 1429 2.10 31.64 -1.86
N SER A 1430 2.34 30.94 -0.74
CA SER A 1430 1.28 30.76 0.23
C SER A 1430 0.79 32.09 0.79
N LEU A 1431 1.64 33.09 0.85
CA LEU A 1431 1.23 34.41 1.29
C LEU A 1431 0.21 35.01 0.34
N MET A 1432 0.47 34.91 -0.96
CA MET A 1432 -0.53 35.31 -1.95
C MET A 1432 -1.88 34.65 -1.68
N SER A 1433 -1.86 33.32 -1.51
CA SER A 1433 -3.10 32.57 -1.26
C SER A 1433 -3.83 33.07 -0.02
N VAL A 1434 -3.12 33.26 1.09
CA VAL A 1434 -3.74 33.60 2.36
C VAL A 1434 -4.28 35.03 2.36
N VAL A 1435 -3.56 35.95 1.71
CA VAL A 1435 -4.07 37.32 1.64
C VAL A 1435 -5.33 37.37 0.79
N GLU A 1436 -5.42 36.54 -0.25
CA GLU A 1436 -6.68 36.47 -0.99
C GLU A 1436 -7.81 35.93 -0.11
N GLN A 1437 -7.55 34.88 0.67
CA GLN A 1437 -8.57 34.36 1.59
C GLN A 1437 -9.07 35.44 2.54
N PHE A 1438 -8.18 36.29 3.03
CA PHE A 1438 -8.61 37.20 4.09
C PHE A 1438 -9.15 38.55 3.58
N THR A 1439 -8.75 39.01 2.40
CA THR A 1439 -9.23 40.31 1.93
C THR A 1439 -10.21 40.25 0.77
N ASN A 1440 -10.41 39.08 0.15
CA ASN A 1440 -11.27 38.88 -1.02
C ASN A 1440 -10.69 39.51 -2.28
N VAL A 1441 -9.45 39.97 -2.26
CA VAL A 1441 -8.77 40.51 -3.42
C VAL A 1441 -7.35 39.96 -3.43
N CYS A 1442 -6.96 39.34 -4.53
CA CYS A 1442 -5.58 38.90 -4.64
C CYS A 1442 -4.68 40.09 -4.95
N PRO A 1443 -3.58 40.27 -4.22
CA PRO A 1443 -2.70 41.41 -4.48
C PRO A 1443 -1.93 41.22 -5.79
N ASN A 1444 -1.63 42.34 -6.43
CA ASN A 1444 -0.89 42.28 -7.68
C ASN A 1444 0.54 41.80 -7.46
N ARG A 1445 1.21 42.33 -6.43
CA ARG A 1445 2.56 41.91 -6.13
C ARG A 1445 2.80 41.97 -4.62
N ILE A 1446 3.75 41.15 -4.17
CA ILE A 1446 4.21 41.10 -2.79
C ILE A 1446 5.73 41.19 -2.82
N ILE A 1447 6.32 41.88 -1.85
CA ILE A 1447 7.77 42.05 -1.77
C ILE A 1447 8.23 41.59 -0.41
N LEU A 1448 9.23 40.71 -0.38
CA LEU A 1448 9.77 40.14 0.85
C LEU A 1448 11.17 40.68 1.10
N ILE A 1449 11.35 41.39 2.20
CA ILE A 1449 12.62 42.01 2.57
C ILE A 1449 13.17 41.31 3.81
N PRO A 1450 14.41 40.84 3.80
CA PRO A 1450 14.93 40.07 4.94
C PRO A 1450 15.54 40.91 6.05
N LYS A 1451 15.45 40.37 7.26
CA LYS A 1451 16.24 40.85 8.38
C LYS A 1451 17.63 40.24 8.28
N LEU A 1452 18.64 41.07 8.07
CA LEU A 1452 19.98 40.55 7.83
C LEU A 1452 20.71 40.14 9.11
N ASN A 1453 20.20 40.52 10.28
CA ASN A 1453 20.79 40.04 11.52
C ASN A 1453 20.30 38.65 11.89
N GLU A 1454 19.52 38.00 11.03
CA GLU A 1454 19.10 36.63 11.23
C GLU A 1454 19.87 35.64 10.38
N ILE A 1455 20.77 36.12 9.52
CA ILE A 1455 21.47 35.30 8.54
C ILE A 1455 22.94 35.24 8.93
N HIS A 1456 23.50 34.03 8.94
CA HIS A 1456 24.87 33.79 9.36
C HIS A 1456 25.56 32.90 8.35
N LEU A 1457 26.84 32.63 8.58
CA LEU A 1457 27.69 31.90 7.64
C LEU A 1457 27.61 30.40 7.92
N MET A 1458 27.46 29.62 6.85
CA MET A 1458 27.43 28.17 6.93
C MET A 1458 28.58 27.65 6.08
N LYS A 1459 29.76 27.60 6.68
CA LYS A 1459 31.00 27.18 6.09
C LYS A 1459 31.44 25.84 6.67
N PRO A 1460 31.90 24.91 5.84
CA PRO A 1460 32.28 23.59 6.34
C PRO A 1460 33.51 23.67 7.22
N PRO A 1461 33.49 23.01 8.37
CA PRO A 1461 34.56 23.19 9.35
C PRO A 1461 35.76 22.29 9.10
N ILE A 1462 36.82 22.57 9.83
CA ILE A 1462 38.03 21.76 9.84
C ILE A 1462 38.01 20.96 11.14
N PHE A 1463 37.73 19.66 11.05
CA PHE A 1463 37.59 18.84 12.24
C PHE A 1463 38.95 18.51 12.83
N THR A 1464 39.04 18.59 14.16
CA THR A 1464 40.24 18.21 14.89
C THR A 1464 39.87 17.12 15.89
N GLY A 1465 40.89 16.44 16.39
CA GLY A 1465 40.69 15.26 17.21
C GLY A 1465 40.45 14.03 16.35
N ASP A 1466 40.57 12.86 16.98
CA ASP A 1466 40.53 11.62 16.24
C ASP A 1466 39.53 10.64 16.85
N VAL A 1467 39.13 9.68 16.02
CA VAL A 1467 38.09 8.70 16.34
C VAL A 1467 38.66 7.61 17.23
N ASP A 1468 37.80 6.98 18.02
CA ASP A 1468 38.19 5.87 18.89
C ASP A 1468 38.01 4.57 18.11
N ILE A 1469 39.11 3.93 17.76
CA ILE A 1469 39.04 2.75 16.91
C ILE A 1469 38.73 1.50 17.72
N HIS A 1470 39.14 1.47 18.99
CA HIS A 1470 38.81 0.33 19.83
C HIS A 1470 37.29 0.24 20.03
N LYS A 1471 36.65 1.37 20.30
CA LYS A 1471 35.21 1.38 20.49
C LYS A 1471 34.47 1.10 19.19
N LEU A 1472 35.00 1.57 18.06
CA LEU A 1472 34.41 1.24 16.77
C LEU A 1472 34.42 -0.27 16.53
N LYS A 1473 35.57 -0.90 16.77
CA LYS A 1473 35.66 -2.35 16.67
C LYS A 1473 34.69 -3.03 17.62
N GLN A 1474 34.58 -2.53 18.85
CA GLN A 1474 33.69 -3.14 19.83
C GLN A 1474 32.24 -3.10 19.36
N VAL A 1475 31.80 -1.96 18.81
CA VAL A 1475 30.46 -1.87 18.27
C VAL A 1475 30.27 -2.87 17.13
N ILE A 1476 31.24 -2.94 16.22
CA ILE A 1476 31.09 -3.83 15.08
C ILE A 1476 31.04 -5.29 15.52
N GLN A 1477 31.73 -5.64 16.61
CA GLN A 1477 31.81 -7.03 17.04
C GLN A 1477 30.66 -7.46 17.94
N LYS A 1478 30.10 -6.57 18.74
CA LYS A 1478 29.01 -6.96 19.63
C LYS A 1478 27.70 -7.17 18.86
N GLN A 1479 27.44 -6.35 17.85
CA GLN A 1479 26.23 -6.44 17.04
C GLN A 1479 26.54 -7.03 15.67
N HIS A 1480 27.43 -8.01 15.61
CA HIS A 1480 27.89 -8.55 14.33
C HIS A 1480 26.81 -9.27 13.56
N MET A 1481 25.75 -9.73 14.20
CA MET A 1481 24.74 -10.55 13.53
C MET A 1481 23.76 -9.73 12.72
N PHE A 1482 23.94 -8.42 12.62
CA PHE A 1482 23.11 -7.57 11.79
C PHE A 1482 23.91 -6.91 10.68
N LEU A 1483 25.09 -7.43 10.40
CA LEU A 1483 25.92 -6.95 9.32
C LEU A 1483 25.43 -7.53 8.00
N PRO A 1484 25.57 -6.77 6.91
CA PRO A 1484 25.11 -7.27 5.61
C PRO A 1484 26.08 -8.27 5.01
N ASP A 1485 25.83 -8.66 3.77
CA ASP A 1485 26.74 -9.56 3.08
C ASP A 1485 28.06 -8.87 2.78
N LYS A 1486 29.15 -9.61 2.92
CA LYS A 1486 30.46 -9.10 2.58
C LYS A 1486 30.71 -9.28 1.09
N ILE A 1487 31.47 -8.36 0.51
CA ILE A 1487 31.82 -8.44 -0.90
C ILE A 1487 32.90 -9.50 -1.07
N SER A 1488 32.59 -10.54 -1.84
CA SER A 1488 33.41 -11.73 -1.94
C SER A 1488 34.62 -11.47 -2.84
N LEU A 1489 35.34 -12.53 -3.19
CA LEU A 1489 36.36 -12.48 -4.23
C LEU A 1489 35.84 -12.94 -5.59
N THR A 1490 35.00 -13.98 -5.62
CA THR A 1490 34.28 -14.30 -6.84
C THR A 1490 33.29 -13.22 -7.20
N GLN A 1491 33.02 -12.28 -6.30
CA GLN A 1491 32.19 -11.12 -6.55
C GLN A 1491 32.99 -9.87 -6.85
N TYR A 1492 34.21 -9.77 -6.33
CA TYR A 1492 35.06 -8.61 -6.58
C TYR A 1492 35.89 -8.74 -7.85
N VAL A 1493 36.15 -9.97 -8.30
CA VAL A 1493 36.84 -10.13 -9.58
C VAL A 1493 35.90 -9.80 -10.73
N GLU A 1494 34.64 -10.19 -10.62
CA GLU A 1494 33.62 -9.96 -11.62
C GLU A 1494 33.17 -8.50 -11.69
N LEU A 1495 33.65 -7.64 -10.77
CA LEU A 1495 33.25 -6.24 -10.80
C LEU A 1495 33.90 -5.49 -11.94
N PHE A 1496 35.13 -5.86 -12.30
CA PHE A 1496 35.86 -5.13 -13.34
C PHE A 1496 36.19 -6.04 -14.51
N LEU A 1497 35.22 -6.83 -14.96
CA LEU A 1497 35.41 -7.69 -16.11
C LEU A 1497 34.78 -7.09 -17.36
N ASN B 128 20.99 -25.64 -63.61
CA ASN B 128 21.14 -26.05 -62.22
C ASN B 128 19.81 -25.97 -61.48
N ASP B 129 18.81 -26.67 -62.01
CA ASP B 129 17.51 -26.75 -61.36
C ASP B 129 17.52 -27.65 -60.13
N ASN B 130 18.65 -28.33 -59.86
CA ASN B 130 18.77 -29.14 -58.66
C ASN B 130 18.55 -28.31 -57.41
N ILE B 131 19.22 -27.17 -57.33
CA ILE B 131 19.18 -26.36 -56.12
C ILE B 131 17.81 -25.74 -55.95
N THR B 132 17.21 -25.24 -57.03
CA THR B 132 15.90 -24.62 -56.93
C THR B 132 14.83 -25.66 -56.56
N ALA B 133 14.93 -26.86 -57.11
CA ALA B 133 13.99 -27.92 -56.76
C ALA B 133 14.11 -28.28 -55.28
N ARG B 134 15.34 -28.48 -54.79
CA ARG B 134 15.48 -28.87 -53.40
C ARG B 134 15.10 -27.75 -52.45
N LEU B 135 15.34 -26.49 -52.85
CA LEU B 135 14.91 -25.38 -52.00
C LEU B 135 13.39 -25.28 -51.95
N ASP B 136 12.71 -25.59 -53.06
CA ASP B 136 11.25 -25.62 -53.01
C ASP B 136 10.75 -26.76 -52.12
N ARG B 137 11.42 -27.91 -52.16
CA ARG B 137 11.09 -29.00 -51.23
C ARG B 137 11.15 -28.50 -49.78
N ILE B 138 12.29 -27.89 -49.43
CA ILE B 138 12.50 -27.42 -48.06
C ILE B 138 11.44 -26.41 -47.68
N ASP B 139 11.15 -25.46 -48.56
CA ASP B 139 10.20 -24.40 -48.24
C ASP B 139 8.79 -24.96 -48.07
N GLU B 140 8.40 -25.92 -48.90
CA GLU B 140 7.10 -26.56 -48.73
C GLU B 140 6.98 -27.22 -47.37
N LYS B 141 8.02 -27.95 -46.94
CA LYS B 141 7.91 -28.64 -45.66
C LYS B 141 7.95 -27.66 -44.49
N LEU B 142 8.73 -26.58 -44.62
CA LEU B 142 8.74 -25.55 -43.60
C LEU B 142 7.37 -24.91 -43.46
N SER B 143 6.71 -24.63 -44.57
CA SER B 143 5.36 -24.06 -44.53
C SER B 143 4.39 -25.03 -43.87
N GLU B 144 4.54 -26.32 -44.13
CA GLU B 144 3.68 -27.31 -43.49
C GLU B 144 3.84 -27.28 -41.96
N ILE B 145 5.09 -27.28 -41.49
CA ILE B 145 5.33 -27.29 -40.05
C ILE B 145 4.79 -26.03 -39.40
N LEU B 146 5.01 -24.86 -40.02
CA LEU B 146 4.47 -23.62 -39.46
C LEU B 146 2.95 -23.62 -39.48
N GLY B 147 2.35 -24.17 -40.53
CA GLY B 147 0.90 -24.20 -40.61
C GLY B 147 0.27 -25.05 -39.52
N MET B 148 0.91 -26.16 -39.18
CA MET B 148 0.34 -26.97 -38.11
C MET B 148 0.78 -26.49 -36.73
N LEU B 149 1.78 -25.61 -36.65
CA LEU B 149 2.13 -24.98 -35.38
C LEU B 149 1.30 -23.75 -35.07
N HIS B 150 0.74 -23.09 -36.09
CA HIS B 150 -0.10 -21.92 -35.88
C HIS B 150 -1.58 -22.26 -35.72
N THR B 151 -1.91 -23.54 -35.65
CA THR B 151 -3.29 -24.02 -35.57
C THR B 151 -3.46 -24.86 -34.30
N LEU B 152 -2.74 -24.50 -33.24
CA LEU B 152 -2.52 -25.40 -32.12
C LEU B 152 -2.99 -24.72 -30.84
N VAL B 153 -3.85 -25.40 -30.09
CA VAL B 153 -4.54 -24.82 -28.94
C VAL B 153 -4.08 -25.53 -27.68
N VAL B 154 -3.83 -25.14 -26.68
CA VAL B 154 -3.21 -25.44 -25.41
C VAL B 154 -4.31 -25.62 -24.36
N ALA B 155 -4.92 -26.18 -23.69
CA ALA B 155 -5.82 -26.15 -22.54
C ALA B 155 -5.00 -26.26 -21.27
N SER B 156 -5.36 -25.46 -20.27
CA SER B 156 -4.59 -25.37 -19.04
C SER B 156 -4.78 -26.62 -18.18
N ALA B 157 -3.91 -26.75 -17.19
CA ALA B 157 -4.01 -27.84 -16.22
C ALA B 157 -5.07 -27.53 -15.18
N GLY B 158 -5.80 -28.55 -14.75
CA GLY B 158 -6.87 -28.35 -13.82
C GLY B 158 -7.34 -29.63 -13.18
N PRO B 159 -8.33 -29.54 -12.31
CA PRO B 159 -8.91 -30.76 -11.74
C PRO B 159 -9.62 -31.59 -12.79
N THR B 160 -9.70 -32.89 -12.50
CA THR B 160 -10.40 -33.84 -13.35
C THR B 160 -11.89 -33.76 -13.08
N SER B 161 -12.65 -34.57 -13.81
CA SER B 161 -14.03 -34.84 -13.43
C SER B 161 -14.03 -35.89 -12.33
N ALA B 162 -15.02 -35.80 -11.44
CA ALA B 162 -15.01 -36.58 -10.20
C ALA B 162 -13.71 -36.32 -9.47
N ARG B 163 -13.56 -35.07 -9.04
CA ARG B 163 -12.30 -34.43 -8.71
C ARG B 163 -11.47 -35.21 -7.70
N ASP B 164 -10.34 -35.76 -8.15
CA ASP B 164 -9.41 -36.43 -7.27
C ASP B 164 -7.96 -36.16 -7.66
N GLY B 165 -7.71 -35.16 -8.50
CA GLY B 165 -6.35 -34.82 -8.84
C GLY B 165 -6.31 -33.78 -9.92
N ILE B 166 -5.11 -33.55 -10.44
CA ILE B 166 -4.86 -32.61 -11.51
C ILE B 166 -4.57 -33.38 -12.79
N ARG B 167 -4.97 -32.81 -13.92
CA ARG B 167 -4.63 -33.32 -15.24
C ARG B 167 -3.64 -32.38 -15.91
N ASP B 168 -2.79 -32.94 -16.76
CA ASP B 168 -1.80 -32.14 -17.48
C ASP B 168 -2.48 -31.11 -18.37
N ALA B 169 -1.70 -30.13 -18.80
CA ALA B 169 -2.20 -29.18 -19.82
C ALA B 169 -2.29 -29.99 -21.09
N MET B 170 -3.28 -29.74 -21.93
CA MET B 170 -3.46 -30.57 -23.13
C MET B 170 -3.15 -29.72 -24.34
N VAL B 171 -2.39 -30.24 -25.30
CA VAL B 171 -2.16 -29.50 -26.58
C VAL B 171 -2.86 -30.30 -27.68
N GLY B 172 -3.65 -29.63 -28.51
CA GLY B 172 -4.37 -30.31 -29.59
C GLY B 172 -4.69 -29.38 -30.73
N LEU B 173 -5.03 -29.94 -31.89
CA LEU B 173 -5.41 -29.17 -33.05
C LEU B 173 -6.69 -28.41 -32.76
N ARG B 174 -6.86 -27.26 -33.43
CA ARG B 174 -7.97 -26.37 -33.11
C ARG B 174 -9.31 -27.07 -33.23
N GLU B 175 -9.48 -27.88 -34.27
CA GLU B 175 -10.79 -28.50 -34.53
C GLU B 175 -11.14 -29.54 -33.47
N GLU B 176 -10.19 -30.40 -33.09
CA GLU B 176 -10.50 -31.42 -32.10
C GLU B 176 -10.67 -30.81 -30.71
N MET B 177 -10.00 -29.69 -30.43
CA MET B 177 -10.24 -28.99 -29.17
C MET B 177 -11.62 -28.37 -29.13
N ILE B 178 -12.07 -27.78 -30.24
CA ILE B 178 -13.43 -27.28 -30.31
C ILE B 178 -14.43 -28.41 -30.16
N GLU B 179 -14.10 -29.59 -30.70
CA GLU B 179 -14.92 -30.77 -30.50
C GLU B 179 -15.04 -31.14 -29.03
N LYS B 180 -13.90 -31.24 -28.35
CA LYS B 180 -13.90 -31.58 -26.93
C LYS B 180 -14.66 -30.56 -26.09
N ILE B 181 -14.63 -29.29 -26.49
CA ILE B 181 -15.41 -28.28 -25.78
C ILE B 181 -16.90 -28.46 -26.06
N ARG B 182 -17.26 -28.77 -27.30
CA ARG B 182 -18.67 -28.91 -27.67
C ARG B 182 -19.29 -30.14 -27.01
N THR B 183 -18.57 -31.25 -26.96
CA THR B 183 -19.11 -32.46 -26.35
C THR B 183 -18.96 -32.47 -24.83
N GLU B 184 -18.46 -31.40 -24.23
CA GLU B 184 -18.28 -31.30 -22.79
C GLU B 184 -17.34 -32.39 -22.26
N ALA B 185 -16.30 -32.69 -23.02
CA ALA B 185 -15.23 -33.55 -22.53
C ALA B 185 -14.20 -32.77 -21.74
N LEU B 186 -14.07 -31.48 -22.01
CA LEU B 186 -13.30 -30.53 -21.20
C LEU B 186 -14.31 -29.54 -20.64
N MET B 187 -14.75 -29.77 -19.40
CA MET B 187 -15.89 -29.03 -18.87
C MET B 187 -15.59 -27.54 -18.74
N THR B 188 -16.58 -26.73 -19.10
CA THR B 188 -16.49 -25.28 -18.98
C THR B 188 -17.90 -24.73 -18.85
N ASN B 189 -17.99 -23.52 -18.31
CA ASN B 189 -19.27 -22.84 -18.15
C ASN B 189 -19.64 -22.04 -19.39
N ASP B 190 -18.76 -21.13 -19.82
CA ASP B 190 -18.99 -20.33 -21.02
C ASP B 190 -18.55 -21.14 -22.23
N ARG B 191 -19.41 -22.06 -22.65
CA ARG B 191 -19.08 -22.99 -23.72
C ARG B 191 -19.19 -22.33 -25.09
N LEU B 192 -20.32 -21.66 -25.35
CA LEU B 192 -20.50 -20.97 -26.63
C LEU B 192 -19.51 -19.84 -26.79
N GLU B 193 -19.20 -19.13 -25.70
CA GLU B 193 -18.24 -18.04 -25.76
C GLU B 193 -16.86 -18.56 -26.10
N ALA B 194 -16.47 -19.68 -25.48
CA ALA B 194 -15.17 -20.29 -25.77
C ALA B 194 -15.09 -20.74 -27.23
N MET B 195 -16.13 -21.43 -27.70
CA MET B 195 -16.11 -21.93 -29.07
C MET B 195 -16.09 -20.78 -30.08
N ALA B 196 -16.78 -19.69 -29.78
CA ALA B 196 -16.76 -18.53 -30.67
C ALA B 196 -15.40 -17.86 -30.69
N ARG B 197 -14.73 -17.77 -29.54
CA ARG B 197 -13.40 -17.16 -29.53
C ARG B 197 -12.37 -18.03 -30.24
N LEU B 198 -12.43 -19.35 -30.03
CA LEU B 198 -11.46 -20.23 -30.66
C LEU B 198 -11.58 -20.24 -32.18
N ARG B 199 -12.72 -19.82 -32.74
CA ARG B 199 -12.93 -19.81 -34.18
C ARG B 199 -12.65 -18.45 -34.82
N ASN B 200 -11.99 -17.55 -34.08
CA ASN B 200 -11.60 -16.23 -34.59
C ASN B 200 -12.82 -15.46 -35.10
N GLU B 201 -13.79 -15.29 -34.21
CA GLU B 201 -15.00 -14.55 -34.51
C GLU B 201 -15.59 -14.04 -33.21
N GLU B 202 -16.52 -13.09 -33.32
CA GLU B 202 -17.18 -12.52 -32.16
C GLU B 202 -18.66 -12.90 -32.16
N SER B 203 -19.15 -13.24 -30.98
CA SER B 203 -20.57 -13.53 -30.78
C SER B 203 -21.33 -12.21 -30.71
N GLU B 204 -22.61 -12.28 -30.35
CA GLU B 204 -23.39 -11.07 -30.17
C GLU B 204 -23.23 -10.48 -28.77
N LYS B 205 -22.71 -11.24 -27.81
CA LYS B 205 -22.33 -10.67 -26.52
C LYS B 205 -21.12 -9.76 -26.68
N MET B 206 -20.17 -10.18 -27.50
CA MET B 206 -19.00 -9.37 -27.82
C MET B 206 -19.40 -8.10 -28.56
N ALA B 207 -20.43 -8.18 -29.40
CA ALA B 207 -20.90 -7.01 -30.12
C ALA B 207 -21.83 -6.15 -29.30
N LYS B 208 -22.37 -6.68 -28.19
CA LYS B 208 -23.15 -5.86 -27.28
C LYS B 208 -22.27 -5.09 -26.30
N ASP B 209 -21.24 -5.75 -25.76
CA ASP B 209 -20.36 -5.10 -24.80
C ASP B 209 -19.50 -4.00 -25.42
N THR B 210 -19.36 -3.99 -26.74
CA THR B 210 -18.50 -3.05 -27.45
C THR B 210 -19.26 -2.38 -28.58
N SER B 211 -20.46 -1.88 -28.26
CA SER B 211 -21.38 -1.35 -29.26
C SER B 211 -21.41 0.18 -29.21
N ASP B 212 -21.96 0.76 -30.29
CA ASP B 212 -22.05 2.21 -30.40
C ASP B 212 -22.77 2.81 -29.21
N GLU B 213 -23.98 2.34 -28.93
CA GLU B 213 -24.79 2.88 -27.85
C GLU B 213 -25.36 1.75 -27.01
N VAL B 214 -25.34 1.95 -25.70
CA VAL B 214 -25.86 0.98 -24.74
C VAL B 214 -27.38 1.05 -24.72
N SER B 215 -28.02 -0.11 -24.60
CA SER B 215 -29.47 -0.23 -24.58
C SER B 215 -29.94 -0.64 -23.19
N LEU B 216 -31.03 -0.04 -22.74
CA LEU B 216 -31.48 -0.17 -21.37
C LEU B 216 -32.34 -1.41 -21.16
N ASN B 217 -32.27 -1.97 -19.95
CA ASN B 217 -33.15 -3.05 -19.53
C ASN B 217 -34.53 -2.51 -19.22
N PRO B 218 -35.51 -3.37 -18.99
CA PRO B 218 -36.84 -2.88 -18.57
C PRO B 218 -36.83 -2.12 -17.26
N THR B 219 -36.16 -2.65 -16.23
CA THR B 219 -36.13 -1.97 -14.94
C THR B 219 -35.41 -0.64 -15.04
N SER B 220 -34.36 -0.58 -15.84
CA SER B 220 -33.63 0.67 -16.03
C SER B 220 -34.41 1.66 -16.88
N GLU B 221 -35.21 1.17 -17.83
CA GLU B 221 -36.11 2.06 -18.56
C GLU B 221 -37.14 2.69 -17.63
N LYS B 222 -37.68 1.89 -16.71
CA LYS B 222 -38.65 2.41 -15.74
C LYS B 222 -38.02 3.40 -14.79
N LEU B 223 -36.83 3.08 -14.26
CA LEU B 223 -36.11 4.02 -13.40
C LEU B 223 -35.80 5.31 -14.13
N ASN B 224 -35.46 5.24 -15.42
CA ASN B 224 -35.17 6.45 -16.17
C ASN B 224 -36.43 7.28 -16.42
N ASN B 225 -37.57 6.63 -16.64
CA ASN B 225 -38.81 7.39 -16.73
C ASN B 225 -39.13 8.07 -15.40
N LEU B 226 -38.82 7.40 -14.29
CA LEU B 226 -39.04 8.00 -12.96
C LEU B 226 -38.05 9.12 -12.68
N LEU B 227 -36.89 9.12 -13.31
CA LEU B 227 -35.89 10.16 -13.12
C LEU B 227 -36.08 11.35 -14.04
N GLU B 228 -36.62 11.14 -15.24
CA GLU B 228 -36.85 12.23 -16.18
C GLU B 228 -38.13 12.96 -15.82
N GLY B 229 -38.02 14.25 -15.51
CA GLY B 229 -39.20 15.06 -15.28
C GLY B 229 -39.61 15.11 -13.83
N ASN B 230 -39.51 16.30 -13.24
CA ASN B 230 -39.94 16.52 -11.86
C ASN B 230 -41.45 16.70 -11.84
N ASP B 231 -42.14 15.59 -12.11
CA ASP B 231 -43.60 15.57 -12.21
C ASP B 231 -44.26 14.92 -11.00
N SER B 232 -43.49 14.59 -9.96
CA SER B 232 -43.99 13.93 -8.76
C SER B 232 -44.64 12.59 -9.07
N ASP B 233 -44.21 11.94 -10.15
CA ASP B 233 -44.67 10.60 -10.51
C ASP B 233 -44.25 9.54 -9.50
N ASN B 234 -43.28 9.85 -8.65
CA ASN B 234 -42.77 8.86 -7.71
C ASN B 234 -43.89 8.32 -6.81
N ASP B 235 -44.50 9.19 -6.02
CA ASP B 235 -45.56 8.81 -5.09
C ASP B 235 -45.06 7.85 -4.01
N LEU B 236 -44.13 8.34 -3.20
CA LEU B 236 -43.67 7.64 -2.01
C LEU B 236 -43.17 8.68 -1.00
N SER B 237 -43.30 8.34 0.28
CA SER B 237 -42.73 9.12 1.36
C SER B 237 -42.23 8.17 2.44
N LEU B 238 -41.43 8.71 3.37
CA LEU B 238 -40.83 7.88 4.40
C LEU B 238 -41.88 7.24 5.30
N GLU B 239 -43.02 7.91 5.50
CA GLU B 239 -44.06 7.41 6.40
C GLU B 239 -44.88 6.30 5.78
N ASP B 240 -44.64 5.93 4.52
CA ASP B 240 -45.29 4.75 3.96
C ASP B 240 -44.93 3.49 4.74
N PHE B 241 -43.87 3.54 5.53
CA PHE B 241 -43.31 2.36 6.18
C PHE B 241 -43.72 2.26 7.64
N ASN C 130 20.19 -16.19 -56.80
CA ASN C 130 19.63 -15.94 -55.48
C ASN C 130 19.56 -17.21 -54.63
N ILE C 131 20.65 -17.51 -53.93
CA ILE C 131 20.70 -18.63 -53.01
C ILE C 131 20.74 -18.17 -51.56
N THR C 132 21.54 -17.15 -51.27
CA THR C 132 21.62 -16.62 -49.92
C THR C 132 20.28 -16.10 -49.42
N ALA C 133 19.46 -15.53 -50.31
CA ALA C 133 18.13 -15.08 -49.91
C ALA C 133 17.25 -16.24 -49.47
N ARG C 134 17.31 -17.35 -50.22
CA ARG C 134 16.57 -18.53 -49.83
C ARG C 134 17.04 -19.06 -48.49
N LEU C 135 18.35 -19.12 -48.30
CA LEU C 135 18.89 -19.61 -47.03
C LEU C 135 18.46 -18.71 -45.87
N ASP C 136 18.38 -17.40 -46.13
CA ASP C 136 17.96 -16.48 -45.08
C ASP C 136 16.50 -16.69 -44.71
N ARG C 137 15.62 -16.87 -45.71
CA ARG C 137 14.21 -17.12 -45.40
C ARG C 137 14.04 -18.44 -44.66
N ILE C 138 14.86 -19.44 -44.99
CA ILE C 138 14.78 -20.72 -44.28
C ILE C 138 15.18 -20.54 -42.83
N ASP C 139 16.24 -19.78 -42.56
CA ASP C 139 16.63 -19.52 -41.17
C ASP C 139 15.58 -18.72 -40.42
N GLU C 140 14.88 -17.82 -41.10
CA GLU C 140 13.82 -17.06 -40.43
C GLU C 140 12.66 -17.97 -40.02
N LYS C 141 12.23 -18.85 -40.93
CA LYS C 141 11.20 -19.82 -40.56
C LYS C 141 11.66 -20.71 -39.42
N LEU C 142 12.92 -21.13 -39.44
CA LEU C 142 13.43 -21.97 -38.36
C LEU C 142 13.40 -21.25 -37.02
N SER C 143 13.75 -19.96 -37.01
CA SER C 143 13.69 -19.18 -35.78
C SER C 143 12.26 -19.08 -35.26
N GLU C 144 11.30 -18.92 -36.17
CA GLU C 144 9.89 -18.89 -35.79
C GLU C 144 9.46 -20.19 -35.12
N ILE C 145 9.86 -21.32 -35.71
CA ILE C 145 9.55 -22.63 -35.14
C ILE C 145 10.18 -22.78 -33.76
N LEU C 146 11.43 -22.32 -33.61
CA LEU C 146 12.11 -22.44 -32.33
C LEU C 146 11.40 -21.63 -31.24
N GLY C 147 10.94 -20.43 -31.58
CA GLY C 147 10.21 -19.65 -30.60
C GLY C 147 8.95 -20.33 -30.12
N MET C 148 8.15 -20.82 -31.08
CA MET C 148 6.93 -21.55 -30.72
C MET C 148 7.21 -22.76 -29.86
N LEU C 149 8.16 -23.59 -30.27
CA LEU C 149 8.43 -24.84 -29.58
C LEU C 149 9.00 -24.61 -28.19
N HIS C 150 9.82 -23.58 -28.00
CA HIS C 150 10.32 -23.31 -26.66
C HIS C 150 9.23 -22.80 -25.74
N THR C 151 8.35 -21.92 -26.24
CA THR C 151 7.23 -21.51 -25.40
C THR C 151 6.35 -22.69 -25.03
N LEU C 152 6.19 -23.67 -25.92
CA LEU C 152 5.41 -24.86 -25.59
C LEU C 152 6.10 -25.71 -24.54
N VAL C 153 7.44 -25.82 -24.61
CA VAL C 153 8.16 -26.58 -23.59
C VAL C 153 8.04 -25.90 -22.23
N VAL C 154 8.14 -24.57 -22.20
CA VAL C 154 8.04 -23.86 -20.92
C VAL C 154 6.65 -24.01 -20.33
N ALA C 155 5.60 -23.78 -21.14
CA ALA C 155 4.25 -23.75 -20.59
C ALA C 155 3.71 -25.11 -20.18
N SER C 156 4.33 -26.20 -20.59
CA SER C 156 3.85 -27.53 -20.24
C SER C 156 4.68 -28.20 -19.14
N ALA C 157 5.57 -27.45 -18.50
CA ALA C 157 6.24 -27.89 -17.29
C ALA C 157 5.52 -27.23 -16.11
N GLY C 158 4.34 -27.75 -15.79
CA GLY C 158 3.45 -27.09 -14.87
C GLY C 158 3.44 -27.71 -13.49
N PRO C 159 2.35 -27.52 -12.74
CA PRO C 159 2.26 -28.08 -11.39
C PRO C 159 2.34 -29.60 -11.34
N THR C 160 1.99 -30.28 -12.44
CA THR C 160 2.03 -31.73 -12.46
C THR C 160 3.45 -32.26 -12.58
N SER C 161 4.31 -31.54 -13.30
CA SER C 161 5.71 -31.92 -13.40
C SER C 161 6.49 -31.52 -12.16
N ALA C 162 6.10 -30.42 -11.50
CA ALA C 162 6.67 -30.11 -10.21
C ALA C 162 6.25 -31.13 -9.16
N ARG C 163 5.03 -31.68 -9.28
CA ARG C 163 4.60 -32.72 -8.35
C ARG C 163 5.34 -34.04 -8.62
N ASP C 164 5.41 -34.44 -9.88
CA ASP C 164 6.09 -35.68 -10.23
C ASP C 164 7.60 -35.58 -10.18
N GLY C 165 8.15 -34.39 -9.94
CA GLY C 165 9.58 -34.25 -9.74
C GLY C 165 10.42 -34.26 -11.00
N ILE C 166 9.88 -33.80 -12.13
CA ILE C 166 10.58 -33.85 -13.41
C ILE C 166 10.72 -32.47 -14.03
N ARG C 167 10.47 -31.40 -13.26
CA ARG C 167 10.45 -30.08 -13.87
C ARG C 167 11.84 -29.62 -14.28
N ASP C 168 12.87 -30.03 -13.53
CA ASP C 168 14.23 -29.55 -13.81
C ASP C 168 14.84 -30.22 -15.02
N ALA C 169 14.38 -31.42 -15.38
CA ALA C 169 14.79 -32.04 -16.63
C ALA C 169 14.24 -31.32 -17.84
N MET C 170 13.26 -30.44 -17.65
CA MET C 170 12.58 -29.79 -18.79
C MET C 170 12.96 -28.30 -18.86
N VAL C 171 13.30 -27.69 -17.73
CA VAL C 171 13.61 -26.23 -17.70
C VAL C 171 15.13 -26.07 -17.70
N GLY C 172 15.87 -27.05 -17.19
CA GLY C 172 17.35 -27.01 -17.14
C GLY C 172 17.93 -26.75 -15.77
N LEU C 173 19.22 -27.00 -15.57
CA LEU C 173 19.92 -26.69 -14.34
C LEU C 173 20.62 -25.33 -14.46
N ARG C 174 20.53 -24.55 -13.39
CA ARG C 174 20.99 -23.16 -13.40
C ARG C 174 22.11 -22.97 -12.40
N GLU C 175 22.48 -21.70 -12.18
CA GLU C 175 23.75 -21.40 -11.52
C GLU C 175 23.79 -21.86 -10.07
N GLU C 176 22.71 -21.64 -9.31
CA GLU C 176 22.77 -21.90 -7.87
C GLU C 176 22.88 -23.38 -7.56
N MET C 177 22.14 -24.22 -8.30
CA MET C 177 22.22 -25.66 -8.11
C MET C 177 23.60 -26.19 -8.47
N ILE C 178 24.19 -25.67 -9.54
CA ILE C 178 25.53 -26.11 -9.93
C ILE C 178 26.58 -25.60 -8.95
N GLU C 179 26.36 -24.43 -8.36
CA GLU C 179 27.24 -23.94 -7.31
C GLU C 179 27.20 -24.87 -6.09
N LYS C 180 26.00 -25.33 -5.73
CA LYS C 180 25.88 -26.28 -4.63
C LYS C 180 26.57 -27.60 -4.96
N ILE C 181 26.42 -28.08 -6.19
CA ILE C 181 27.11 -29.31 -6.58
C ILE C 181 28.63 -29.13 -6.52
N ARG C 182 29.12 -27.98 -6.97
CA ARG C 182 30.56 -27.72 -6.94
C ARG C 182 31.07 -27.67 -5.51
N THR C 183 30.37 -26.97 -4.62
CA THR C 183 30.82 -26.90 -3.24
C THR C 183 30.66 -28.22 -2.51
N GLU C 184 29.84 -29.13 -3.03
CA GLU C 184 29.78 -30.48 -2.46
C GLU C 184 30.93 -31.35 -2.98
N ALA C 185 31.30 -31.19 -4.24
CA ALA C 185 32.36 -32.00 -4.82
C ALA C 185 33.75 -31.55 -4.38
N LEU C 186 33.97 -30.25 -4.21
CA LEU C 186 35.28 -29.74 -3.82
C LEU C 186 35.55 -29.88 -2.33
N MET C 187 34.53 -30.21 -1.54
CA MET C 187 34.58 -30.31 -0.09
C MET C 187 34.00 -31.66 0.35
N THR C 188 34.57 -32.74 -0.22
CA THR C 188 34.04 -34.09 -0.08
C THR C 188 33.55 -34.39 1.33
N ASN C 189 34.44 -34.38 2.31
CA ASN C 189 34.05 -34.22 3.70
C ASN C 189 34.73 -33.03 4.36
N ASP C 190 36.04 -32.91 4.22
CA ASP C 190 36.79 -31.78 4.74
C ASP C 190 37.16 -30.79 3.65
N ARG C 191 37.85 -31.28 2.61
CA ARG C 191 38.25 -30.44 1.48
C ARG C 191 38.40 -31.29 0.22
N ASN D 128 31.49 -20.84 -51.64
CA ASN D 128 31.70 -19.58 -50.94
C ASN D 128 31.75 -19.79 -49.44
N ASP D 129 31.98 -18.70 -48.70
CA ASP D 129 31.91 -18.74 -47.26
C ASP D 129 30.47 -18.59 -46.77
N ASN D 130 29.70 -17.77 -47.48
CA ASN D 130 28.33 -17.46 -47.06
C ASN D 130 27.47 -18.73 -47.02
N ILE D 131 27.49 -19.49 -48.11
CA ILE D 131 26.60 -20.63 -48.23
C ILE D 131 26.96 -21.71 -47.21
N THR D 132 28.25 -21.93 -46.98
CA THR D 132 28.65 -22.94 -46.00
C THR D 132 28.30 -22.50 -44.58
N ALA D 133 28.55 -21.23 -44.25
CA ALA D 133 28.18 -20.74 -42.93
C ALA D 133 26.68 -20.85 -42.71
N ARG D 134 25.89 -20.56 -43.74
CA ARG D 134 24.44 -20.61 -43.60
C ARG D 134 23.95 -22.04 -43.42
N LEU D 135 24.54 -22.99 -44.15
CA LEU D 135 24.16 -24.38 -43.96
C LEU D 135 24.54 -24.87 -42.56
N ASP D 136 25.68 -24.41 -42.03
CA ASP D 136 26.04 -24.76 -40.67
C ASP D 136 25.04 -24.22 -39.65
N ARG D 137 24.63 -22.97 -39.82
CA ARG D 137 23.67 -22.37 -38.90
C ARG D 137 22.33 -23.09 -38.96
N ILE D 138 21.91 -23.48 -40.18
CA ILE D 138 20.68 -24.28 -40.33
C ILE D 138 20.82 -25.60 -39.59
N ASP D 139 22.00 -26.23 -39.66
CA ASP D 139 22.22 -27.48 -38.95
C ASP D 139 22.04 -27.32 -37.45
N GLU D 140 22.63 -26.26 -36.89
CA GLU D 140 22.47 -26.01 -35.45
C GLU D 140 21.01 -25.83 -35.08
N LYS D 141 20.28 -25.02 -35.86
CA LYS D 141 18.87 -24.77 -35.56
C LYS D 141 18.07 -26.06 -35.60
N LEU D 142 18.32 -26.91 -36.60
CA LEU D 142 17.55 -28.15 -36.73
C LEU D 142 17.85 -29.11 -35.58
N SER D 143 19.10 -29.17 -35.14
CA SER D 143 19.43 -29.97 -33.96
C SER D 143 18.66 -29.49 -32.73
N GLU D 144 18.59 -28.17 -32.54
CA GLU D 144 17.84 -27.66 -31.40
C GLU D 144 16.35 -28.00 -31.48
N ILE D 145 15.77 -27.90 -32.68
CA ILE D 145 14.36 -28.22 -32.84
C ILE D 145 14.10 -29.68 -32.48
N LEU D 146 14.98 -30.58 -32.94
CA LEU D 146 14.83 -32.00 -32.60
C LEU D 146 14.94 -32.22 -31.10
N GLY D 147 15.87 -31.54 -30.44
CA GLY D 147 16.00 -31.70 -29.00
C GLY D 147 14.77 -31.26 -28.23
N MET D 148 14.21 -30.11 -28.60
CA MET D 148 12.99 -29.64 -27.95
C MET D 148 11.83 -30.60 -28.18
N LEU D 149 11.72 -31.14 -29.39
CA LEU D 149 10.63 -32.07 -29.66
C LEU D 149 10.79 -33.36 -28.87
N HIS D 150 12.04 -33.82 -28.70
CA HIS D 150 12.29 -35.00 -27.87
C HIS D 150 11.86 -34.76 -26.43
N THR D 151 12.25 -33.62 -25.87
CA THR D 151 11.84 -33.29 -24.51
C THR D 151 10.31 -33.25 -24.40
N LEU D 152 9.64 -32.66 -25.37
CA LEU D 152 8.18 -32.56 -25.30
C LEU D 152 7.52 -33.92 -25.35
N VAL D 153 7.99 -34.80 -26.24
CA VAL D 153 7.36 -36.11 -26.36
C VAL D 153 7.64 -36.98 -25.15
N VAL D 154 8.82 -36.82 -24.53
CA VAL D 154 9.10 -37.63 -23.35
C VAL D 154 8.40 -37.08 -22.11
N ALA D 155 8.22 -35.76 -22.04
CA ALA D 155 7.51 -35.17 -20.91
C ALA D 155 6.00 -35.27 -21.06
N SER D 156 5.51 -35.57 -22.26
CA SER D 156 4.08 -35.78 -22.42
C SER D 156 3.62 -37.12 -21.86
N ALA D 157 4.49 -37.75 -21.07
CA ALA D 157 4.14 -38.94 -20.31
C ALA D 157 3.36 -38.54 -19.06
N GLY D 158 2.41 -39.37 -18.64
CA GLY D 158 1.63 -39.10 -17.46
C GLY D 158 1.49 -40.22 -16.42
N PRO D 159 1.89 -41.47 -16.73
CA PRO D 159 1.98 -42.45 -15.63
C PRO D 159 3.28 -42.31 -14.85
N THR D 160 3.52 -43.20 -13.89
CA THR D 160 4.71 -43.08 -13.05
C THR D 160 5.94 -43.71 -13.69
N SER D 161 5.77 -44.61 -14.65
CA SER D 161 6.90 -45.35 -15.20
C SER D 161 7.94 -44.45 -15.84
N ALA D 162 7.56 -43.72 -16.89
CA ALA D 162 8.50 -42.86 -17.58
C ALA D 162 8.95 -41.70 -16.69
N ARG D 163 8.03 -41.19 -15.87
CA ARG D 163 8.37 -40.08 -14.98
C ARG D 163 9.41 -40.49 -13.95
N ASP D 164 9.24 -41.67 -13.35
CA ASP D 164 10.24 -42.14 -12.39
C ASP D 164 11.53 -42.52 -13.09
N GLY D 165 11.45 -42.93 -14.36
CA GLY D 165 12.67 -43.11 -15.13
C GLY D 165 13.45 -41.82 -15.27
N ILE D 166 12.75 -40.73 -15.57
CA ILE D 166 13.40 -39.41 -15.65
C ILE D 166 13.99 -39.03 -14.30
N ARG D 167 13.27 -39.35 -13.21
CA ARG D 167 13.77 -39.04 -11.88
C ARG D 167 15.10 -39.75 -11.61
N ASP D 168 15.16 -41.05 -11.88
CA ASP D 168 16.40 -41.80 -11.67
C ASP D 168 17.51 -41.29 -12.57
N ALA D 169 17.17 -40.94 -13.82
CA ALA D 169 18.17 -40.36 -14.72
C ALA D 169 18.76 -39.08 -14.13
N MET D 170 17.94 -38.32 -13.41
CA MET D 170 18.40 -37.00 -12.90
C MET D 170 19.14 -37.17 -11.56
N VAL D 171 18.96 -38.30 -10.88
CA VAL D 171 19.72 -38.55 -9.61
C VAL D 171 21.15 -38.94 -10.02
N GLY D 172 21.28 -39.86 -10.98
CA GLY D 172 22.60 -40.26 -11.49
C GLY D 172 23.28 -39.11 -12.19
N LEU D 173 22.57 -38.35 -13.01
CA LEU D 173 23.26 -37.24 -13.63
C LEU D 173 23.93 -36.34 -12.60
N ARG D 174 23.21 -36.03 -11.52
CA ARG D 174 23.80 -35.26 -10.43
C ARG D 174 25.04 -35.94 -9.88
N GLU D 175 24.93 -37.25 -9.59
CA GLU D 175 26.06 -37.97 -9.01
C GLU D 175 27.26 -37.98 -9.97
N GLU D 176 27.00 -38.19 -11.27
CA GLU D 176 28.09 -38.27 -12.22
C GLU D 176 28.73 -36.90 -12.46
N MET D 177 27.96 -35.81 -12.34
CA MET D 177 28.57 -34.49 -12.43
C MET D 177 29.43 -34.20 -11.21
N ILE D 178 28.99 -34.66 -10.03
CA ILE D 178 29.84 -34.49 -8.84
C ILE D 178 31.14 -35.25 -9.01
N GLU D 179 31.08 -36.48 -9.51
CA GLU D 179 32.30 -37.25 -9.74
C GLU D 179 33.17 -36.57 -10.80
N LYS D 180 32.55 -36.08 -11.87
CA LYS D 180 33.28 -35.34 -12.90
C LYS D 180 34.06 -34.18 -12.30
N ILE D 181 33.37 -33.30 -11.57
CA ILE D 181 33.99 -32.11 -11.02
C ILE D 181 35.13 -32.49 -10.07
N ARG D 182 34.90 -33.49 -9.21
CA ARG D 182 35.93 -33.88 -8.26
C ARG D 182 37.16 -34.44 -8.97
N THR D 183 36.96 -35.39 -9.88
CA THR D 183 38.09 -36.01 -10.55
C THR D 183 38.79 -35.06 -11.50
N GLU D 184 38.15 -33.97 -11.91
CA GLU D 184 38.86 -33.00 -12.72
C GLU D 184 39.61 -31.96 -11.88
N ALA D 185 39.06 -31.58 -10.73
CA ALA D 185 39.77 -30.65 -9.86
C ALA D 185 40.87 -31.32 -9.06
N LEU D 186 40.84 -32.65 -8.95
CA LEU D 186 41.95 -33.41 -8.38
C LEU D 186 43.08 -33.63 -9.38
N MET D 187 43.11 -32.85 -10.46
CA MET D 187 44.15 -33.00 -11.48
C MET D 187 45.52 -32.68 -10.91
N THR D 188 45.61 -31.64 -10.09
CA THR D 188 46.88 -31.19 -9.54
C THR D 188 47.05 -31.69 -8.10
N ILE E 131 30.23 -29.08 -51.33
CA ILE E 131 28.97 -29.80 -51.13
C ILE E 131 27.83 -28.81 -50.94
N THR E 132 27.11 -28.52 -52.01
CA THR E 132 25.92 -27.68 -51.94
C THR E 132 24.65 -28.51 -52.00
N ALA E 133 24.75 -29.79 -52.38
CA ALA E 133 23.66 -30.74 -52.25
C ALA E 133 23.61 -31.38 -50.87
N ARG E 134 24.19 -30.71 -49.86
CA ARG E 134 23.96 -31.05 -48.45
C ARG E 134 22.52 -30.80 -48.04
N LEU E 135 21.79 -29.99 -48.82
CA LEU E 135 20.35 -29.80 -48.67
C LEU E 135 19.65 -31.11 -48.37
N ASP E 136 20.12 -32.19 -48.99
CA ASP E 136 19.62 -33.54 -48.77
C ASP E 136 19.35 -33.80 -47.29
N ARG E 137 20.40 -33.69 -46.46
CA ARG E 137 20.23 -33.95 -45.04
C ARG E 137 19.18 -33.02 -44.43
N ILE E 138 19.27 -31.73 -44.74
CA ILE E 138 18.24 -30.79 -44.28
C ILE E 138 16.87 -31.37 -44.55
N ASP E 139 16.62 -31.75 -45.81
CA ASP E 139 15.35 -32.32 -46.20
C ASP E 139 14.95 -33.44 -45.24
N GLU E 140 15.79 -34.46 -45.14
CA GLU E 140 15.43 -35.62 -44.34
C GLU E 140 15.15 -35.22 -42.90
N LYS E 141 15.96 -34.30 -42.36
CA LYS E 141 15.76 -33.91 -40.97
C LYS E 141 14.39 -33.27 -40.78
N LEU E 142 13.98 -32.39 -41.72
CA LEU E 142 12.66 -31.80 -41.61
C LEU E 142 11.61 -32.90 -41.49
N SER E 143 11.73 -33.94 -42.32
CA SER E 143 10.83 -35.09 -42.22
C SER E 143 10.69 -35.54 -40.78
N GLU E 144 11.81 -35.90 -40.17
CA GLU E 144 11.80 -36.36 -38.79
C GLU E 144 11.02 -35.42 -37.90
N ILE E 145 11.35 -34.12 -37.98
CA ILE E 145 10.67 -33.12 -37.17
C ILE E 145 9.17 -33.26 -37.32
N LEU E 146 8.69 -33.16 -38.56
CA LEU E 146 7.26 -33.26 -38.82
C LEU E 146 6.68 -34.50 -38.18
N GLY E 147 7.32 -35.66 -38.38
CA GLY E 147 6.86 -36.89 -37.77
C GLY E 147 6.60 -36.70 -36.29
N MET E 148 7.65 -36.32 -35.55
CA MET E 148 7.49 -36.21 -34.11
C MET E 148 6.38 -35.25 -33.76
N LEU E 149 6.26 -34.14 -34.49
CA LEU E 149 5.25 -33.16 -34.14
C LEU E 149 3.87 -33.80 -34.13
N HIS E 150 3.57 -34.60 -35.15
CA HIS E 150 2.28 -35.28 -35.19
C HIS E 150 2.09 -36.15 -33.97
N THR E 151 3.09 -36.97 -33.64
CA THR E 151 2.99 -37.83 -32.47
C THR E 151 2.61 -37.03 -31.24
N LEU E 152 3.17 -35.83 -31.10
CA LEU E 152 2.88 -35.00 -29.94
C LEU E 152 1.39 -34.78 -29.79
N VAL E 153 0.74 -34.34 -30.87
CA VAL E 153 -0.65 -33.92 -30.76
C VAL E 153 -1.56 -35.14 -30.70
N VAL E 154 -0.96 -36.33 -30.67
CA VAL E 154 -1.73 -37.55 -30.52
C VAL E 154 -1.64 -38.00 -29.08
N ALA E 155 -0.53 -37.68 -28.42
CA ALA E 155 -0.32 -38.13 -27.05
C ALA E 155 -1.22 -37.40 -26.06
N SER E 156 -1.55 -36.13 -26.35
CA SER E 156 -2.37 -35.37 -25.42
C SER E 156 -3.86 -35.66 -25.59
N ALA E 157 -4.30 -35.95 -26.82
CA ALA E 157 -5.65 -36.43 -27.08
C ALA E 157 -5.75 -37.94 -27.03
N GLY E 158 -4.85 -38.59 -26.31
CA GLY E 158 -4.78 -40.04 -26.22
C GLY E 158 -5.96 -40.73 -25.57
N PRO E 159 -6.36 -40.28 -24.35
CA PRO E 159 -7.39 -41.01 -23.59
C PRO E 159 -8.62 -41.41 -24.39
N THR E 160 -8.86 -42.73 -24.45
CA THR E 160 -10.07 -43.34 -25.02
C THR E 160 -10.10 -43.22 -26.53
N SER E 161 -9.14 -42.50 -27.11
CA SER E 161 -9.10 -42.27 -28.55
C SER E 161 -7.94 -42.99 -29.22
N ALA E 162 -6.70 -42.73 -28.77
CA ALA E 162 -5.51 -43.29 -29.39
C ALA E 162 -4.63 -43.95 -28.34
N ARG E 163 -5.23 -44.73 -27.46
CA ARG E 163 -4.51 -45.47 -26.42
C ARG E 163 -5.21 -46.81 -26.21
N ASP E 164 -4.67 -47.86 -26.83
CA ASP E 164 -5.12 -49.20 -26.49
C ASP E 164 -4.42 -49.70 -25.22
N GLY E 165 -3.17 -49.30 -25.03
CA GLY E 165 -2.48 -49.52 -23.78
C GLY E 165 -2.14 -48.20 -23.11
N ILE E 166 -1.84 -48.23 -21.82
CA ILE E 166 -1.53 -47.00 -21.08
C ILE E 166 -0.25 -46.40 -21.63
N ARG E 167 -0.23 -45.06 -21.75
CA ARG E 167 0.96 -44.36 -22.22
C ARG E 167 1.36 -44.85 -23.61
N ASP E 168 0.58 -44.46 -24.62
CA ASP E 168 0.65 -44.96 -25.99
C ASP E 168 2.06 -45.23 -26.48
N ALA E 169 2.20 -46.28 -27.30
CA ALA E 169 3.50 -46.71 -27.83
C ALA E 169 4.32 -45.52 -28.31
N MET E 170 5.51 -45.34 -27.75
CA MET E 170 6.27 -44.12 -28.12
C MET E 170 7.35 -44.47 -29.15
N VAL E 171 8.54 -43.89 -29.00
CA VAL E 171 9.68 -44.13 -29.92
C VAL E 171 10.91 -44.53 -29.08
N GLY E 172 10.74 -44.66 -27.76
CA GLY E 172 11.85 -45.03 -26.86
C GLY E 172 13.02 -44.06 -26.93
N LEU E 173 12.83 -42.78 -26.55
CA LEU E 173 13.91 -41.77 -26.76
C LEU E 173 14.04 -40.79 -25.59
N ARG E 174 14.60 -41.23 -24.47
CA ARG E 174 14.80 -40.31 -23.36
C ARG E 174 16.28 -40.15 -23.00
N GLU E 175 17.18 -40.88 -23.67
CA GLU E 175 18.61 -40.68 -23.45
C GLU E 175 19.09 -39.37 -24.05
N GLU E 176 18.51 -38.97 -25.19
CA GLU E 176 18.95 -37.76 -25.87
C GLU E 176 18.69 -36.50 -25.07
N MET E 177 17.52 -36.38 -24.42
CA MET E 177 17.31 -35.20 -23.60
C MET E 177 18.17 -35.21 -22.35
N ILE E 178 18.54 -36.40 -21.86
CA ILE E 178 19.43 -36.45 -20.71
C ILE E 178 20.84 -36.00 -21.09
N GLU E 179 21.32 -36.38 -22.29
CA GLU E 179 22.61 -35.86 -22.72
C GLU E 179 22.54 -34.37 -23.03
N LYS E 180 21.38 -33.89 -23.49
CA LYS E 180 21.17 -32.45 -23.66
C LYS E 180 21.35 -31.72 -22.33
N ILE E 181 20.62 -32.16 -21.30
CA ILE E 181 20.75 -31.59 -19.96
C ILE E 181 22.20 -31.65 -19.50
N ARG E 182 22.84 -32.81 -19.70
CA ARG E 182 24.23 -32.99 -19.28
C ARG E 182 25.16 -31.97 -19.94
N THR E 183 25.02 -31.78 -21.25
CA THR E 183 25.92 -30.89 -21.96
C THR E 183 25.72 -29.44 -21.54
N GLU E 184 24.46 -29.01 -21.38
CA GLU E 184 24.26 -27.62 -21.00
C GLU E 184 24.67 -27.37 -19.56
N ALA E 185 24.43 -28.34 -18.66
CA ALA E 185 24.91 -28.21 -17.30
C ALA E 185 26.43 -28.17 -17.25
N LEU E 186 27.11 -28.90 -18.14
CA LEU E 186 28.56 -28.85 -18.18
C LEU E 186 29.06 -27.51 -18.71
N MET E 187 28.34 -26.90 -19.66
CA MET E 187 28.71 -25.57 -20.13
C MET E 187 28.55 -24.54 -19.01
N THR E 188 27.46 -24.63 -18.25
CA THR E 188 27.27 -23.74 -17.10
C THR E 188 28.38 -23.93 -16.07
N ASN E 189 28.69 -25.18 -15.72
CA ASN E 189 29.76 -25.45 -14.76
C ASN E 189 31.09 -24.94 -15.27
N ASP E 190 31.35 -25.06 -16.58
CA ASP E 190 32.57 -24.54 -17.15
C ASP E 190 32.68 -23.03 -16.96
N ARG E 191 31.58 -22.31 -17.21
CA ARG E 191 31.61 -20.86 -17.02
C ARG E 191 31.84 -20.50 -15.56
N LEU E 192 31.14 -21.18 -14.65
CA LEU E 192 31.30 -20.92 -13.22
C LEU E 192 32.75 -21.12 -12.78
N GLU E 193 33.35 -22.24 -13.20
CA GLU E 193 34.71 -22.54 -12.76
C GLU E 193 35.73 -21.65 -13.46
N ALA E 194 35.43 -21.16 -14.66
CA ALA E 194 36.34 -20.26 -15.34
C ALA E 194 36.33 -18.88 -14.69
N MET E 195 35.19 -18.44 -14.14
CA MET E 195 35.21 -17.19 -13.40
C MET E 195 35.68 -17.39 -11.96
N ALA E 196 35.60 -18.60 -11.42
CA ALA E 196 36.19 -18.91 -10.12
C ALA E 196 37.65 -19.30 -10.22
N ARG E 197 38.23 -19.28 -11.43
CA ARG E 197 39.67 -19.48 -11.58
C ARG E 197 40.45 -18.23 -11.23
N LEU E 198 39.96 -17.05 -11.65
CA LEU E 198 40.66 -15.80 -11.40
C LEU E 198 40.79 -15.48 -9.92
N ARG E 199 39.95 -16.07 -9.08
CA ARG E 199 40.05 -15.89 -7.64
C ARG E 199 41.23 -16.69 -7.09
#